data_6A0X
#
_entry.id   6A0X
#
_cell.length_a   81.382
_cell.length_b   108.957
_cell.length_c   108.184
_cell.angle_alpha   90.00
_cell.angle_beta   90.08
_cell.angle_gamma   90.00
#
_symmetry.space_group_name_H-M   'P 1 21 1'
#
loop_
_entity.id
_entity.type
_entity.pdbx_description
1 polymer 'Antibody 13D4, Fab Heavy Chain'
2 polymer 'Antibody 13D4, Fab Light Chain'
3 water water
#
loop_
_entity_poly.entity_id
_entity_poly.type
_entity_poly.pdbx_seq_one_letter_code
_entity_poly.pdbx_strand_id
1 'polypeptide(L)'
;(PCA)VQLQQSGAELMKPGASVKISCKATGYTFSGHWIEWVKQRPGHGLEWIGEILPGSGNIHYNEKFKGKATFAADTSS
NTAYMQLSSLTSEDSAVYYCARLGTTAVERDWYFDVWGAGTTVTVSLADPSAPSVYPLAPVCGDTTGSSVTLGCLVKGYF
PEPVTLTWNSGSLSSGVHTFPAVLQSDLYTLSSSVTVTSSTWPSQSITCNVAHPASSTKVDKKIEPRG
;
A,C,E,G
2 'polypeptide(L)'
;DIVMTQSQKFMSASVGDRVSVTCKASQNVGTHLAWYQQKPGQSPKALIYSASYRYSGVPDRFTGSGSGTDFTLTISNVQS
GDLADYFCQQYNNFPLTFGAGTKLEIKRADAAPTVSIFPPSSEQLTSGGASVVCFLNNFYPKDINVKWKIDGSERQNGVL
NSWTDQDSKDSTYSMSSTLTLTRDEYERHNSYTCEATHKTSTSPIVKSFNRNEC
;
B,D,F,H
#
# COMPACT_ATOMS: atom_id res chain seq x y z
N PCA A 1 -29.49 -26.90 -22.17
CA PCA A 1 -29.12 -25.88 -21.14
CB PCA A 1 -29.25 -24.48 -21.71
CG PCA A 1 -30.09 -24.61 -22.97
CD PCA A 1 -30.08 -26.09 -23.25
OE PCA A 1 -30.51 -26.55 -24.30
C PCA A 1 -29.97 -25.99 -19.88
O PCA A 1 -31.18 -26.22 -19.97
N VAL A 2 -29.34 -25.82 -18.73
CA VAL A 2 -30.03 -25.90 -17.45
C VAL A 2 -30.98 -24.71 -17.36
N GLN A 3 -32.22 -24.96 -16.93
CA GLN A 3 -33.24 -23.92 -16.95
C GLN A 3 -34.33 -24.24 -15.93
N LEU A 4 -34.90 -23.17 -15.36
CA LEU A 4 -36.05 -23.25 -14.46
C LEU A 4 -37.15 -22.36 -15.01
N GLN A 5 -38.30 -22.94 -15.32
CA GLN A 5 -39.44 -22.19 -15.85
C GLN A 5 -40.53 -22.15 -14.79
N GLN A 6 -40.90 -20.94 -14.37
CA GLN A 6 -41.93 -20.74 -13.37
C GLN A 6 -43.25 -20.36 -14.03
N SER A 7 -44.34 -20.60 -13.31
CA SER A 7 -45.67 -20.36 -13.83
C SER A 7 -46.00 -18.87 -13.83
N GLY A 8 -47.14 -18.53 -14.43
CA GLY A 8 -47.50 -17.16 -14.68
C GLY A 8 -48.11 -16.46 -13.48
N ALA A 9 -48.36 -15.17 -13.66
CA ALA A 9 -48.83 -14.33 -12.57
C ALA A 9 -50.16 -14.83 -12.02
N GLU A 10 -50.42 -14.49 -10.76
CA GLU A 10 -51.62 -14.90 -10.04
C GLU A 10 -52.21 -13.70 -9.34
N LEU A 11 -53.54 -13.58 -9.41
CA LEU A 11 -54.29 -12.58 -8.67
C LEU A 11 -55.29 -13.28 -7.76
N MET A 12 -55.11 -13.15 -6.46
CA MET A 12 -55.91 -13.86 -5.48
C MET A 12 -56.56 -12.88 -4.52
N LYS A 13 -57.77 -13.21 -4.09
CA LYS A 13 -58.43 -12.50 -3.01
C LYS A 13 -57.94 -13.05 -1.67
N PRO A 14 -57.80 -12.21 -0.64
CA PRO A 14 -57.30 -12.70 0.64
C PRO A 14 -58.14 -13.86 1.17
N GLY A 15 -57.47 -14.78 1.86
CA GLY A 15 -58.08 -15.99 2.34
C GLY A 15 -57.96 -17.17 1.40
N ALA A 16 -57.77 -16.93 0.12
CA ALA A 16 -57.55 -18.00 -0.84
C ALA A 16 -56.17 -18.61 -0.66
N SER A 17 -55.89 -19.66 -1.44
CA SER A 17 -54.56 -20.25 -1.52
C SER A 17 -54.14 -20.34 -2.97
N VAL A 18 -52.83 -20.43 -3.20
CA VAL A 18 -52.28 -20.49 -4.54
C VAL A 18 -51.13 -21.48 -4.56
N LYS A 19 -50.98 -22.15 -5.70
CA LYS A 19 -49.96 -23.17 -5.91
C LYS A 19 -49.23 -22.87 -7.21
N ILE A 20 -47.96 -22.47 -7.11
CA ILE A 20 -47.14 -22.16 -8.28
C ILE A 20 -46.11 -23.26 -8.46
N SER A 21 -45.62 -23.38 -9.69
CA SER A 21 -44.80 -24.50 -10.11
C SER A 21 -43.46 -24.02 -10.66
N CYS A 22 -42.50 -24.95 -10.74
CA CYS A 22 -41.14 -24.65 -11.18
C CYS A 22 -40.61 -25.89 -11.89
N LYS A 23 -40.60 -25.86 -13.23
CA LYS A 23 -40.16 -26.99 -14.02
C LYS A 23 -38.66 -26.87 -14.34
N ALA A 24 -37.91 -27.91 -14.00
CA ALA A 24 -36.45 -27.91 -14.09
C ALA A 24 -35.98 -28.75 -15.26
N THR A 25 -35.17 -28.15 -16.12
CA THR A 25 -34.47 -28.88 -17.17
C THR A 25 -33.17 -28.13 -17.47
N GLY A 26 -32.16 -28.84 -17.97
CA GLY A 26 -32.08 -30.28 -18.11
C GLY A 26 -30.92 -30.82 -17.30
N TYR A 27 -31.22 -31.49 -16.19
CA TYR A 27 -30.21 -32.08 -15.34
C TYR A 27 -30.92 -33.11 -14.46
N THR A 28 -30.14 -33.77 -13.59
CA THR A 28 -30.71 -34.78 -12.69
C THR A 28 -31.53 -34.06 -11.63
N PHE A 29 -32.86 -34.12 -11.77
CA PHE A 29 -33.75 -33.35 -10.91
C PHE A 29 -33.55 -33.69 -9.45
N SER A 30 -33.24 -34.94 -9.13
CA SER A 30 -33.12 -35.39 -7.75
C SER A 30 -31.73 -35.16 -7.16
N GLY A 31 -30.82 -34.53 -7.91
CA GLY A 31 -29.47 -34.33 -7.44
C GLY A 31 -29.18 -32.94 -6.89
N HIS A 32 -30.17 -32.06 -6.86
CA HIS A 32 -29.98 -30.71 -6.33
C HIS A 32 -31.23 -30.29 -5.56
N TRP A 33 -31.02 -29.52 -4.51
CA TRP A 33 -32.15 -28.93 -3.79
C TRP A 33 -32.78 -27.81 -4.60
N ILE A 34 -34.09 -27.70 -4.50
CA ILE A 34 -34.84 -26.58 -5.07
C ILE A 34 -35.16 -25.61 -3.94
N GLU A 35 -34.80 -24.34 -4.13
CA GLU A 35 -34.99 -23.31 -3.12
C GLU A 35 -36.11 -22.36 -3.55
N TRP A 36 -36.75 -21.72 -2.57
CA TRP A 36 -37.83 -20.78 -2.83
C TRP A 36 -37.57 -19.50 -2.06
N VAL A 37 -37.76 -18.36 -2.73
CA VAL A 37 -37.44 -17.06 -2.17
C VAL A 37 -38.53 -16.06 -2.54
N LYS A 38 -38.74 -15.08 -1.66
CA LYS A 38 -39.80 -14.09 -1.81
C LYS A 38 -39.19 -12.69 -1.88
N GLN A 39 -39.70 -11.87 -2.80
CA GLN A 39 -39.26 -10.48 -2.93
C GLN A 39 -40.48 -9.56 -3.02
N ARG A 40 -40.81 -8.92 -1.91
CA ARG A 40 -41.77 -7.83 -1.92
C ARG A 40 -41.09 -6.55 -2.43
N PRO A 41 -41.86 -5.67 -3.08
CA PRO A 41 -41.29 -4.38 -3.47
C PRO A 41 -40.89 -3.57 -2.23
N GLY A 42 -39.67 -3.05 -2.26
CA GLY A 42 -39.14 -2.31 -1.14
C GLY A 42 -38.48 -3.14 -0.06
N HIS A 43 -38.47 -4.47 -0.21
CA HIS A 43 -37.84 -5.36 0.75
C HIS A 43 -36.77 -6.19 0.04
N GLY A 44 -35.81 -6.67 0.83
CA GLY A 44 -34.84 -7.61 0.32
C GLY A 44 -35.43 -9.00 0.18
N LEU A 45 -34.64 -9.90 -0.40
CA LEU A 45 -35.07 -11.28 -0.60
C LEU A 45 -35.26 -11.98 0.75
N GLU A 46 -36.30 -12.80 0.83
CA GLU A 46 -36.55 -13.65 1.99
C GLU A 46 -36.54 -15.10 1.57
N TRP A 47 -35.78 -15.92 2.29
CA TRP A 47 -35.72 -17.35 2.02
C TRP A 47 -36.93 -18.04 2.61
N ILE A 48 -37.67 -18.77 1.76
CA ILE A 48 -38.87 -19.47 2.22
C ILE A 48 -38.55 -20.89 2.66
N GLY A 49 -37.91 -21.68 1.80
CA GLY A 49 -37.59 -23.05 2.15
C GLY A 49 -36.96 -23.77 0.97
N GLU A 50 -36.82 -25.09 1.12
CA GLU A 50 -36.16 -25.91 0.13
C GLU A 50 -36.74 -27.31 0.16
N ILE A 51 -36.64 -28.01 -0.98
CA ILE A 51 -37.07 -29.39 -1.10
C ILE A 51 -36.08 -30.14 -1.97
N LEU A 52 -35.78 -31.38 -1.60
CA LEU A 52 -34.93 -32.25 -2.40
C LEU A 52 -35.81 -33.22 -3.18
N PRO A 53 -36.01 -33.02 -4.48
CA PRO A 53 -36.88 -33.95 -5.23
C PRO A 53 -36.38 -35.38 -5.14
N GLY A 54 -37.33 -36.31 -5.11
CA GLY A 54 -36.99 -37.72 -5.01
C GLY A 54 -37.02 -38.22 -3.58
N SER A 55 -36.11 -37.70 -2.76
CA SER A 55 -36.09 -38.03 -1.34
C SER A 55 -37.22 -37.34 -0.58
N GLY A 56 -37.79 -36.27 -1.15
CA GLY A 56 -38.86 -35.54 -0.49
C GLY A 56 -38.47 -34.80 0.76
N ASN A 57 -37.17 -34.65 1.03
CA ASN A 57 -36.76 -33.88 2.20
C ASN A 57 -37.13 -32.41 2.03
N ILE A 58 -37.58 -31.79 3.12
CA ILE A 58 -38.10 -30.43 3.10
C ILE A 58 -37.55 -29.68 4.30
N HIS A 59 -37.18 -28.42 4.08
CA HIS A 59 -36.83 -27.48 5.13
C HIS A 59 -37.50 -26.14 4.83
N TYR A 60 -38.00 -25.48 5.86
CA TYR A 60 -38.69 -24.21 5.71
C TYR A 60 -38.14 -23.20 6.72
N ASN A 61 -38.23 -21.93 6.35
CA ASN A 61 -37.98 -20.85 7.30
C ASN A 61 -39.12 -20.79 8.30
N GLU A 62 -38.75 -20.66 9.59
CA GLU A 62 -39.76 -20.63 10.65
C GLU A 62 -40.78 -19.52 10.42
N LYS A 63 -40.37 -18.40 9.84
CA LYS A 63 -41.29 -17.30 9.60
C LYS A 63 -42.41 -17.68 8.64
N PHE A 64 -42.25 -18.77 7.88
CA PHE A 64 -43.25 -19.25 6.93
C PHE A 64 -43.84 -20.60 7.36
N LYS A 65 -43.83 -20.88 8.66
CA LYS A 65 -44.12 -22.24 9.15
C LYS A 65 -45.43 -22.78 8.59
N GLY A 66 -46.53 -22.07 8.80
CA GLY A 66 -47.84 -22.51 8.34
C GLY A 66 -48.30 -21.88 7.05
N LYS A 67 -47.43 -21.14 6.37
CA LYS A 67 -47.77 -20.40 5.16
C LYS A 67 -47.43 -21.16 3.88
N ALA A 68 -46.25 -21.79 3.81
CA ALA A 68 -45.74 -22.39 2.58
C ALA A 68 -45.46 -23.86 2.78
N THR A 69 -45.81 -24.66 1.78
CA THR A 69 -45.44 -26.07 1.72
C THR A 69 -44.95 -26.38 0.31
N PHE A 70 -44.09 -27.39 0.20
CA PHE A 70 -43.40 -27.69 -1.05
C PHE A 70 -43.71 -29.10 -1.51
N ALA A 71 -43.65 -29.31 -2.82
CA ALA A 71 -43.76 -30.64 -3.41
C ALA A 71 -42.92 -30.68 -4.68
N ALA A 72 -42.49 -31.89 -5.05
CA ALA A 72 -41.68 -32.10 -6.24
C ALA A 72 -42.07 -33.40 -6.90
N ASP A 73 -42.56 -33.31 -8.13
CA ASP A 73 -42.94 -34.48 -8.92
C ASP A 73 -41.75 -34.85 -9.81
N THR A 74 -41.11 -35.99 -9.51
CA THR A 74 -39.92 -36.40 -10.24
C THR A 74 -40.23 -36.91 -11.64
N SER A 75 -41.49 -37.28 -11.91
CA SER A 75 -41.85 -37.76 -13.24
C SER A 75 -42.06 -36.62 -14.22
N SER A 76 -42.34 -35.41 -13.73
CA SER A 76 -42.50 -34.23 -14.57
C SER A 76 -41.41 -33.19 -14.34
N ASN A 77 -40.44 -33.47 -13.47
CA ASN A 77 -39.34 -32.55 -13.19
C ASN A 77 -39.88 -31.18 -12.76
N THR A 78 -40.91 -31.19 -11.92
CA THR A 78 -41.59 -29.96 -11.52
C THR A 78 -41.66 -29.88 -10.00
N ALA A 79 -41.21 -28.75 -9.46
CA ALA A 79 -41.37 -28.44 -8.04
C ALA A 79 -42.52 -27.47 -7.85
N TYR A 80 -43.20 -27.59 -6.71
CA TYR A 80 -44.38 -26.79 -6.43
C TYR A 80 -44.24 -26.13 -5.06
N MET A 81 -44.74 -24.91 -4.95
CA MET A 81 -44.94 -24.25 -3.66
C MET A 81 -46.38 -23.77 -3.57
N GLN A 82 -47.03 -24.09 -2.46
CA GLN A 82 -48.38 -23.64 -2.17
C GLN A 82 -48.37 -22.65 -1.02
N LEU A 83 -49.14 -21.57 -1.15
CA LEU A 83 -49.27 -20.56 -0.12
C LEU A 83 -50.72 -20.52 0.36
N SER A 84 -50.91 -20.61 1.67
CA SER A 84 -52.24 -20.69 2.27
C SER A 84 -52.65 -19.37 2.91
N SER A 85 -53.96 -19.18 3.04
CA SER A 85 -54.56 -18.06 3.74
C SER A 85 -53.87 -16.74 3.35
N LEU A 86 -54.02 -16.40 2.07
CA LEU A 86 -53.27 -15.29 1.50
C LEU A 86 -53.71 -13.95 2.10
N THR A 87 -52.74 -13.06 2.30
CA THR A 87 -52.98 -11.71 2.79
C THR A 87 -52.20 -10.72 1.91
N SER A 88 -52.32 -9.44 2.23
CA SER A 88 -51.64 -8.41 1.44
C SER A 88 -50.13 -8.56 1.48
N GLU A 89 -49.59 -9.06 2.59
CA GLU A 89 -48.15 -9.19 2.73
C GLU A 89 -47.59 -10.35 1.91
N ASP A 90 -48.43 -11.20 1.35
CA ASP A 90 -47.97 -12.26 0.45
C ASP A 90 -47.80 -11.76 -0.99
N SER A 91 -48.33 -10.58 -1.31
CA SER A 91 -48.12 -10.01 -2.64
C SER A 91 -46.64 -9.75 -2.86
N ALA A 92 -46.05 -10.47 -3.82
CA ALA A 92 -44.60 -10.41 -4.04
C ALA A 92 -44.29 -11.19 -5.32
N VAL A 93 -43.02 -11.14 -5.71
CA VAL A 93 -42.47 -12.02 -6.73
C VAL A 93 -41.81 -13.20 -6.03
N TYR A 94 -42.05 -14.41 -6.52
CA TYR A 94 -41.51 -15.62 -5.93
C TYR A 94 -40.59 -16.30 -6.93
N TYR A 95 -39.34 -16.53 -6.53
CA TYR A 95 -38.35 -17.19 -7.36
C TYR A 95 -38.10 -18.61 -6.84
N CYS A 96 -37.99 -19.56 -7.76
CA CYS A 96 -37.35 -20.83 -7.46
C CYS A 96 -35.91 -20.78 -7.96
N ALA A 97 -35.04 -21.52 -7.29
CA ALA A 97 -33.63 -21.53 -7.64
C ALA A 97 -33.05 -22.89 -7.29
N ARG A 98 -31.99 -23.26 -8.01
CA ARG A 98 -31.27 -24.50 -7.74
C ARG A 98 -30.13 -24.25 -6.78
N LEU A 99 -30.03 -25.08 -5.75
CA LEU A 99 -28.92 -25.03 -4.81
C LEU A 99 -27.69 -25.64 -5.46
N GLY A 100 -26.61 -24.87 -5.56
CA GLY A 100 -25.41 -25.38 -6.19
C GLY A 100 -24.88 -26.63 -5.51
N THR A 101 -24.28 -27.50 -6.32
CA THR A 101 -23.65 -28.70 -5.79
C THR A 101 -22.47 -28.33 -4.89
N THR A 102 -22.42 -28.94 -3.72
CA THR A 102 -21.38 -28.62 -2.74
C THR A 102 -20.82 -29.91 -2.14
N ALA A 103 -19.63 -29.78 -1.58
CA ALA A 103 -18.94 -30.89 -0.91
C ALA A 103 -18.88 -30.59 0.58
N VAL A 104 -17.80 -30.99 1.25
CA VAL A 104 -17.71 -30.86 2.70
C VAL A 104 -17.79 -29.40 3.16
N GLU A 105 -17.46 -28.45 2.29
CA GLU A 105 -17.47 -27.05 2.69
C GLU A 105 -18.87 -26.50 2.91
N ARG A 106 -19.90 -27.15 2.35
CA ARG A 106 -21.28 -26.71 2.50
C ARG A 106 -21.47 -25.30 1.92
N ASP A 107 -21.05 -25.11 0.68
CA ASP A 107 -21.27 -23.85 -0.01
C ASP A 107 -22.69 -23.86 -0.56
N TRP A 108 -23.60 -23.28 0.22
CA TRP A 108 -25.03 -23.32 -0.10
C TRP A 108 -25.43 -22.01 -0.75
N TYR A 109 -25.12 -21.88 -2.04
CA TYR A 109 -25.52 -20.75 -2.85
C TYR A 109 -26.36 -21.24 -4.02
N PHE A 110 -27.00 -20.31 -4.71
CA PHE A 110 -27.88 -20.62 -5.83
C PHE A 110 -27.11 -20.42 -7.14
N ASP A 111 -27.04 -21.45 -7.97
CA ASP A 111 -26.31 -21.39 -9.22
C ASP A 111 -27.21 -21.23 -10.44
N VAL A 112 -28.51 -21.42 -10.30
CA VAL A 112 -29.47 -21.13 -11.37
C VAL A 112 -30.76 -20.64 -10.72
N TRP A 113 -31.36 -19.61 -11.33
CA TRP A 113 -32.58 -19.00 -10.84
C TRP A 113 -33.67 -19.06 -11.91
N GLY A 114 -34.92 -19.22 -11.44
CA GLY A 114 -36.05 -18.99 -12.31
C GLY A 114 -36.32 -17.51 -12.48
N ALA A 115 -37.24 -17.20 -13.40
CA ALA A 115 -37.54 -15.81 -13.71
C ALA A 115 -38.51 -15.18 -12.72
N GLY A 116 -39.18 -15.97 -11.90
CA GLY A 116 -40.06 -15.43 -10.89
C GLY A 116 -41.52 -15.47 -11.29
N THR A 117 -42.39 -15.59 -10.29
CA THR A 117 -43.84 -15.60 -10.47
C THR A 117 -44.44 -14.52 -9.59
N THR A 118 -45.20 -13.62 -10.18
CA THR A 118 -45.83 -12.52 -9.45
C THR A 118 -47.17 -12.97 -8.90
N VAL A 119 -47.36 -12.78 -7.59
CA VAL A 119 -48.63 -13.04 -6.92
C VAL A 119 -49.12 -11.73 -6.31
N THR A 120 -50.34 -11.33 -6.65
CA THR A 120 -50.95 -10.12 -6.12
C THR A 120 -52.18 -10.51 -5.32
N VAL A 121 -52.19 -10.14 -4.03
CA VAL A 121 -53.30 -10.43 -3.13
C VAL A 121 -53.96 -9.11 -2.75
N SER A 122 -55.24 -8.97 -3.07
CA SER A 122 -55.96 -7.73 -2.79
C SER A 122 -57.46 -7.98 -2.85
N LEU A 123 -58.21 -7.15 -2.10
CA LEU A 123 -59.68 -7.14 -2.21
C LEU A 123 -60.18 -6.10 -3.18
N ALA A 124 -59.36 -5.12 -3.55
CA ALA A 124 -59.79 -4.15 -4.55
C ALA A 124 -60.13 -4.89 -5.83
N ASP A 125 -61.05 -4.35 -6.59
CA ASP A 125 -61.48 -5.14 -7.72
C ASP A 125 -60.76 -4.70 -8.99
N PRO A 126 -60.50 -5.63 -9.91
CA PRO A 126 -59.88 -5.25 -11.18
C PRO A 126 -60.65 -4.15 -11.88
N SER A 127 -59.90 -3.15 -12.37
CA SER A 127 -60.46 -2.06 -13.14
C SER A 127 -59.61 -1.89 -14.39
N ALA A 128 -60.26 -1.84 -15.55
CA ALA A 128 -59.53 -1.68 -16.79
C ALA A 128 -59.01 -0.24 -16.91
N PRO A 129 -57.90 -0.04 -17.61
CA PRO A 129 -57.34 1.30 -17.75
C PRO A 129 -58.07 2.13 -18.80
N SER A 130 -58.07 3.44 -18.58
CA SER A 130 -58.32 4.40 -19.65
C SER A 130 -56.97 4.77 -20.25
N VAL A 131 -56.91 4.80 -21.58
CA VAL A 131 -55.67 5.10 -22.30
C VAL A 131 -55.87 6.44 -23.00
N TYR A 132 -55.03 7.41 -22.65
CA TYR A 132 -55.18 8.78 -23.10
C TYR A 132 -53.99 9.20 -23.96
N PRO A 133 -54.22 9.73 -25.17
CA PRO A 133 -53.11 10.17 -26.01
C PRO A 133 -52.54 11.50 -25.54
N LEU A 134 -51.21 11.62 -25.60
CA LEU A 134 -50.51 12.85 -25.29
C LEU A 134 -49.91 13.38 -26.58
N ALA A 135 -50.61 14.35 -27.21
CA ALA A 135 -50.12 15.03 -28.40
C ALA A 135 -49.54 16.39 -28.03
N PRO A 136 -48.52 16.85 -28.75
CA PRO A 136 -47.86 18.11 -28.36
C PRO A 136 -48.76 19.31 -28.51
N VAL A 137 -48.41 20.36 -27.75
CA VAL A 137 -49.15 21.61 -27.75
C VAL A 137 -49.46 22.06 -29.17
N CYS A 138 -50.68 22.57 -29.35
CA CYS A 138 -51.14 23.06 -30.66
C CYS A 138 -50.12 23.98 -31.31
N GLY A 139 -49.29 24.65 -30.51
CA GLY A 139 -48.33 25.59 -31.06
C GLY A 139 -47.27 24.93 -31.92
N ASP A 140 -46.01 25.30 -31.72
CA ASP A 140 -44.97 24.93 -32.68
C ASP A 140 -44.22 23.70 -32.20
N THR A 141 -43.39 23.15 -33.10
CA THR A 141 -42.46 22.06 -32.79
C THR A 141 -41.19 22.35 -33.59
N THR A 142 -40.40 23.31 -33.10
CA THR A 142 -39.22 23.76 -33.83
C THR A 142 -38.19 22.65 -33.98
N GLY A 143 -37.97 21.88 -32.93
CA GLY A 143 -36.87 20.93 -32.92
C GLY A 143 -36.97 19.88 -34.01
N SER A 144 -35.86 19.14 -34.13
CA SER A 144 -35.72 18.11 -35.15
C SER A 144 -36.51 16.87 -34.78
N SER A 145 -36.84 16.72 -33.50
CA SER A 145 -37.54 15.57 -32.97
C SER A 145 -38.80 16.04 -32.26
N VAL A 146 -39.79 15.16 -32.21
CA VAL A 146 -41.04 15.42 -31.50
C VAL A 146 -41.29 14.28 -30.54
N THR A 147 -41.79 14.60 -29.36
CA THR A 147 -42.09 13.61 -28.34
C THR A 147 -43.59 13.46 -28.22
N LEU A 148 -44.06 12.21 -28.28
CA LEU A 148 -45.45 11.87 -28.06
C LEU A 148 -45.56 11.03 -26.79
N GLY A 149 -46.79 10.87 -26.31
CA GLY A 149 -46.99 10.16 -25.05
C GLY A 149 -48.29 9.39 -25.02
N CYS A 150 -48.38 8.54 -24.00
CA CYS A 150 -49.56 7.72 -23.78
C CYS A 150 -49.74 7.59 -22.27
N LEU A 151 -50.89 8.02 -21.77
CA LEU A 151 -51.19 8.02 -20.34
C LEU A 151 -52.20 6.93 -20.05
N VAL A 152 -51.83 6.00 -19.18
CA VAL A 152 -52.65 4.84 -18.83
C VAL A 152 -53.10 5.04 -17.39
N LYS A 153 -54.37 5.35 -17.20
CA LYS A 153 -54.86 5.86 -15.93
C LYS A 153 -55.97 4.98 -15.37
N GLY A 154 -55.88 4.71 -14.07
CA GLY A 154 -56.98 4.16 -13.31
C GLY A 154 -57.22 2.67 -13.50
N TYR A 155 -56.18 1.85 -13.40
CA TYR A 155 -56.31 0.41 -13.51
C TYR A 155 -55.83 -0.27 -12.25
N PHE A 156 -56.25 -1.52 -12.09
CA PHE A 156 -55.81 -2.36 -10.98
C PHE A 156 -56.12 -3.81 -11.34
N PRO A 157 -55.25 -4.75 -10.99
CA PRO A 157 -53.92 -4.56 -10.40
C PRO A 157 -52.84 -4.32 -11.46
N GLU A 158 -51.59 -4.19 -11.04
CA GLU A 158 -50.48 -4.29 -11.97
C GLU A 158 -50.44 -5.70 -12.56
N PRO A 159 -49.84 -5.87 -13.74
CA PRO A 159 -49.17 -4.90 -14.60
C PRO A 159 -49.96 -4.55 -15.86
N VAL A 160 -49.51 -3.52 -16.57
CA VAL A 160 -49.91 -3.31 -17.95
C VAL A 160 -48.70 -3.55 -18.84
N THR A 161 -48.97 -3.86 -20.10
CA THR A 161 -47.96 -3.95 -21.14
C THR A 161 -48.21 -2.83 -22.13
N LEU A 162 -47.16 -2.06 -22.42
CA LEU A 162 -47.26 -0.93 -23.35
C LEU A 162 -46.19 -1.08 -24.41
N THR A 163 -46.60 -0.99 -25.67
CA THR A 163 -45.67 -0.93 -26.79
C THR A 163 -46.09 0.23 -27.70
N TRP A 164 -45.20 0.58 -28.62
CA TRP A 164 -45.48 1.60 -29.62
C TRP A 164 -45.37 0.97 -31.01
N ASN A 165 -46.42 1.15 -31.81
CA ASN A 165 -46.50 0.56 -33.14
C ASN A 165 -46.20 -0.94 -33.10
N SER A 166 -46.87 -1.63 -32.16
CA SER A 166 -46.79 -3.07 -32.03
C SER A 166 -45.36 -3.56 -31.76
N GLY A 167 -44.53 -2.72 -31.15
CA GLY A 167 -43.20 -3.09 -30.77
C GLY A 167 -42.13 -2.72 -31.76
N SER A 168 -42.52 -2.28 -32.96
CA SER A 168 -41.56 -1.85 -33.97
C SER A 168 -40.93 -0.50 -33.66
N LEU A 169 -41.35 0.14 -32.57
CA LEU A 169 -40.77 1.39 -32.10
C LEU A 169 -40.24 1.14 -30.69
N SER A 170 -38.93 1.04 -30.57
CA SER A 170 -38.28 0.71 -29.29
C SER A 170 -37.23 1.74 -28.89
N SER A 171 -36.48 2.27 -29.83
CA SER A 171 -35.58 3.38 -29.54
C SER A 171 -36.38 4.63 -29.19
N GLY A 172 -35.87 5.41 -28.25
CA GLY A 172 -36.53 6.64 -27.86
C GLY A 172 -37.77 6.46 -27.02
N VAL A 173 -37.97 5.30 -26.42
CA VAL A 173 -39.15 5.03 -25.58
C VAL A 173 -38.73 5.06 -24.13
N HIS A 174 -39.52 5.77 -23.32
CA HIS A 174 -39.40 5.74 -21.86
C HIS A 174 -40.77 5.41 -21.29
N THR A 175 -40.89 4.24 -20.68
CA THR A 175 -42.10 3.83 -20.00
C THR A 175 -41.85 3.96 -18.50
N PHE A 176 -42.64 4.74 -17.84
CA PHE A 176 -42.32 5.10 -16.48
C PHE A 176 -43.04 4.19 -15.49
N PRO A 177 -42.41 3.87 -14.35
CA PRO A 177 -43.09 3.04 -13.36
C PRO A 177 -44.44 3.63 -12.98
N ALA A 178 -45.40 2.73 -12.72
CA ALA A 178 -46.74 3.16 -12.33
C ALA A 178 -46.71 3.77 -10.93
N VAL A 179 -47.64 4.67 -10.69
CA VAL A 179 -47.84 5.29 -9.38
C VAL A 179 -49.20 4.86 -8.85
N LEU A 180 -49.23 4.50 -7.57
CA LEU A 180 -50.45 4.06 -6.90
C LEU A 180 -51.05 5.21 -6.11
N GLN A 181 -52.34 5.46 -6.31
CA GLN A 181 -53.09 6.40 -5.50
C GLN A 181 -54.48 5.83 -5.30
N SER A 182 -54.95 5.82 -4.06
CA SER A 182 -56.20 5.18 -3.67
C SER A 182 -56.01 3.69 -3.93
N ASP A 183 -56.75 3.07 -4.85
CA ASP A 183 -56.55 1.67 -5.20
C ASP A 183 -56.39 1.53 -6.71
N LEU A 184 -55.84 2.55 -7.37
CA LEU A 184 -55.71 2.56 -8.82
C LEU A 184 -54.34 3.05 -9.22
N TYR A 185 -53.80 2.48 -10.30
CA TYR A 185 -52.49 2.79 -10.82
C TYR A 185 -52.59 3.73 -12.01
N THR A 186 -51.54 4.53 -12.21
CA THR A 186 -51.42 5.39 -13.38
C THR A 186 -50.02 5.24 -13.95
N LEU A 187 -49.96 5.17 -15.27
CA LEU A 187 -48.74 4.81 -15.99
C LEU A 187 -48.63 5.72 -17.20
N SER A 188 -47.45 6.27 -17.43
CA SER A 188 -47.20 7.10 -18.59
C SER A 188 -46.04 6.53 -19.40
N SER A 189 -46.04 6.83 -20.70
CA SER A 189 -44.98 6.41 -21.59
C SER A 189 -44.79 7.48 -22.65
N SER A 190 -43.53 7.79 -22.94
CA SER A 190 -43.18 8.76 -23.97
C SER A 190 -42.41 8.06 -25.08
N VAL A 191 -42.56 8.58 -26.30
CA VAL A 191 -41.77 8.15 -27.44
C VAL A 191 -41.32 9.40 -28.18
N THR A 192 -40.06 9.40 -28.60
CA THR A 192 -39.47 10.53 -29.32
C THR A 192 -39.03 10.04 -30.68
N VAL A 193 -39.47 10.74 -31.73
CA VAL A 193 -39.17 10.37 -33.10
C VAL A 193 -38.71 11.60 -33.86
N THR A 194 -38.20 11.36 -35.06
CA THR A 194 -37.82 12.45 -35.96
C THR A 194 -39.05 13.26 -36.33
N SER A 195 -38.87 14.58 -36.42
CA SER A 195 -40.00 15.45 -36.71
C SER A 195 -40.65 15.08 -38.04
N SER A 196 -39.87 14.56 -38.98
CA SER A 196 -40.40 14.11 -40.25
C SER A 196 -41.18 12.81 -40.13
N THR A 197 -41.16 12.13 -38.98
CA THR A 197 -41.84 10.86 -38.84
C THR A 197 -43.29 11.02 -38.42
N TRP A 198 -43.61 12.08 -37.68
CA TRP A 198 -44.95 12.33 -37.20
C TRP A 198 -45.27 13.81 -37.45
N PRO A 199 -46.49 14.14 -37.89
CA PRO A 199 -47.69 13.32 -38.06
C PRO A 199 -47.84 12.65 -39.43
N SER A 200 -46.85 12.78 -40.31
CA SER A 200 -46.96 12.19 -41.63
C SER A 200 -47.17 10.67 -41.55
N GLN A 201 -46.55 10.03 -40.56
CA GLN A 201 -46.69 8.59 -40.31
C GLN A 201 -47.32 8.35 -38.94
N SER A 202 -48.20 7.36 -38.88
CA SER A 202 -49.01 7.15 -37.70
C SER A 202 -48.18 6.61 -36.54
N ILE A 203 -48.58 6.96 -35.32
CA ILE A 203 -47.93 6.47 -34.11
C ILE A 203 -49.01 6.05 -33.13
N THR A 204 -48.95 4.81 -32.65
CA THR A 204 -49.99 4.23 -31.82
C THR A 204 -49.36 3.53 -30.61
N CYS A 205 -49.90 3.79 -29.42
CA CYS A 205 -49.52 3.01 -28.24
C CYS A 205 -50.49 1.83 -28.10
N ASN A 206 -49.93 0.67 -27.76
CA ASN A 206 -50.71 -0.55 -27.57
C ASN A 206 -50.60 -0.95 -26.11
N VAL A 207 -51.75 -1.03 -25.42
CA VAL A 207 -51.79 -1.27 -23.99
C VAL A 207 -52.57 -2.55 -23.73
N ALA A 208 -51.97 -3.46 -22.97
CA ALA A 208 -52.62 -4.69 -22.55
C ALA A 208 -52.70 -4.72 -21.03
N HIS A 209 -53.88 -5.03 -20.51
CA HIS A 209 -54.11 -5.20 -19.07
C HIS A 209 -54.70 -6.59 -18.86
N PRO A 210 -53.85 -7.62 -18.70
CA PRO A 210 -54.38 -8.99 -18.66
C PRO A 210 -55.40 -9.23 -17.56
N ALA A 211 -55.22 -8.63 -16.39
CA ALA A 211 -56.11 -8.93 -15.27
C ALA A 211 -57.56 -8.56 -15.57
N SER A 212 -57.78 -7.55 -16.42
CA SER A 212 -59.12 -7.20 -16.86
C SER A 212 -59.41 -7.69 -18.28
N SER A 213 -58.49 -8.45 -18.87
CA SER A 213 -58.68 -9.01 -20.21
C SER A 213 -58.97 -7.90 -21.22
N THR A 214 -58.15 -6.86 -21.18
CA THR A 214 -58.37 -5.66 -21.98
C THR A 214 -57.14 -5.34 -22.80
N LYS A 215 -57.36 -4.93 -24.06
CA LYS A 215 -56.32 -4.35 -24.89
C LYS A 215 -56.86 -3.08 -25.53
N VAL A 216 -56.02 -2.05 -25.57
CA VAL A 216 -56.39 -0.75 -26.14
C VAL A 216 -55.28 -0.29 -27.06
N ASP A 217 -55.65 0.17 -28.26
CA ASP A 217 -54.74 0.87 -29.16
C ASP A 217 -55.22 2.31 -29.30
N LYS A 218 -54.31 3.26 -29.09
CA LYS A 218 -54.61 4.69 -29.22
C LYS A 218 -53.63 5.31 -30.21
N LYS A 219 -54.15 5.73 -31.35
CA LYS A 219 -53.34 6.47 -32.32
C LYS A 219 -53.26 7.93 -31.90
N ILE A 220 -52.05 8.46 -31.85
CA ILE A 220 -51.84 9.85 -31.44
C ILE A 220 -52.14 10.76 -32.63
N GLU A 221 -53.15 11.63 -32.47
CA GLU A 221 -53.54 12.52 -33.55
C GLU A 221 -53.03 13.94 -33.30
N PRO A 222 -52.70 14.69 -34.35
CA PRO A 222 -52.40 16.11 -34.17
C PRO A 222 -53.63 16.86 -33.70
N ARG A 223 -53.43 17.81 -32.80
CA ARG A 223 -54.52 18.64 -32.30
C ARG A 223 -54.56 19.95 -33.06
N GLY A 224 -55.76 20.34 -33.50
CA GLY A 224 -55.94 21.54 -34.28
C GLY A 224 -57.34 22.10 -34.18
N ASP B 1 -32.55 -14.33 13.26
CA ASP B 1 -31.94 -14.45 11.91
C ASP B 1 -30.70 -13.58 11.79
N ILE B 2 -29.76 -13.99 10.95
CA ILE B 2 -28.58 -13.20 10.65
C ILE B 2 -28.96 -12.13 9.64
N VAL B 3 -28.80 -10.87 10.03
CA VAL B 3 -29.16 -9.73 9.19
C VAL B 3 -27.98 -9.34 8.33
N MET B 4 -28.20 -9.26 7.02
CA MET B 4 -27.16 -8.84 6.07
C MET B 4 -27.47 -7.42 5.64
N THR B 5 -26.52 -6.52 5.84
CA THR B 5 -26.73 -5.09 5.65
C THR B 5 -25.80 -4.59 4.55
N GLN B 6 -26.38 -4.04 3.49
CA GLN B 6 -25.66 -3.31 2.46
C GLN B 6 -26.05 -1.84 2.60
N SER B 7 -25.21 -1.08 3.31
CA SER B 7 -25.57 0.28 3.69
C SER B 7 -25.57 1.25 2.52
N GLN B 8 -24.84 0.93 1.45
CA GLN B 8 -24.84 1.76 0.24
C GLN B 8 -25.98 1.29 -0.66
N LYS B 9 -26.91 2.21 -0.96
CA LYS B 9 -28.02 1.86 -1.85
C LYS B 9 -27.62 2.01 -3.31
N PHE B 10 -26.81 3.02 -3.62
CA PHE B 10 -26.31 3.25 -4.97
C PHE B 10 -24.81 3.49 -4.93
N MET B 11 -24.17 3.21 -6.07
CA MET B 11 -22.78 3.58 -6.29
C MET B 11 -22.62 4.00 -7.74
N SER B 12 -21.57 4.77 -7.99
CA SER B 12 -21.28 5.29 -9.32
C SER B 12 -19.82 5.05 -9.65
N ALA B 13 -19.56 4.68 -10.91
CA ALA B 13 -18.20 4.46 -11.37
C ALA B 13 -18.14 4.77 -12.85
N SER B 14 -16.99 5.30 -13.29
CA SER B 14 -16.74 5.47 -14.70
C SER B 14 -16.26 4.15 -15.30
N VAL B 15 -16.46 4.01 -16.61
CA VAL B 15 -15.93 2.85 -17.30
C VAL B 15 -14.42 2.84 -17.13
N GLY B 16 -13.88 1.69 -16.70
CA GLY B 16 -12.47 1.55 -16.42
C GLY B 16 -12.10 1.73 -14.96
N ASP B 17 -13.01 2.25 -14.14
CA ASP B 17 -12.73 2.49 -12.74
C ASP B 17 -12.77 1.18 -11.95
N ARG B 18 -12.45 1.29 -10.65
CA ARG B 18 -12.56 0.20 -9.70
C ARG B 18 -13.52 0.64 -8.60
N VAL B 19 -14.49 -0.21 -8.29
CA VAL B 19 -15.51 0.11 -7.31
C VAL B 19 -15.77 -1.10 -6.43
N SER B 20 -16.23 -0.84 -5.20
CA SER B 20 -16.40 -1.88 -4.19
C SER B 20 -17.77 -1.78 -3.55
N VAL B 21 -18.43 -2.93 -3.39
CA VAL B 21 -19.70 -3.05 -2.68
C VAL B 21 -19.42 -3.72 -1.34
N THR B 22 -20.01 -3.18 -0.27
CA THR B 22 -19.82 -3.73 1.08
C THR B 22 -21.07 -4.45 1.55
N CYS B 23 -20.86 -5.40 2.44
CA CYS B 23 -21.95 -6.20 3.00
C CYS B 23 -21.57 -6.58 4.43
N LYS B 24 -22.42 -6.24 5.39
CA LYS B 24 -22.15 -6.46 6.80
C LYS B 24 -23.12 -7.49 7.35
N ALA B 25 -22.59 -8.47 8.08
CA ALA B 25 -23.40 -9.49 8.74
C ALA B 25 -23.53 -9.16 10.22
N SER B 26 -24.74 -9.35 10.76
CA SER B 26 -24.98 -9.06 12.17
C SER B 26 -24.31 -10.07 13.09
N GLN B 27 -23.89 -11.21 12.57
CA GLN B 27 -23.15 -12.20 13.36
C GLN B 27 -22.02 -12.75 12.50
N ASN B 28 -21.09 -13.42 13.16
CA ASN B 28 -19.96 -14.06 12.48
C ASN B 28 -20.47 -15.19 11.59
N VAL B 29 -20.19 -15.09 10.30
CA VAL B 29 -20.56 -16.12 9.33
C VAL B 29 -19.32 -16.72 8.67
N GLY B 30 -18.16 -16.49 9.26
CA GLY B 30 -16.91 -17.02 8.71
C GLY B 30 -16.72 -16.60 7.26
N THR B 31 -16.60 -17.58 6.38
CA THR B 31 -16.39 -17.34 4.96
C THR B 31 -17.62 -17.75 4.13
N HIS B 32 -18.73 -18.08 4.79
CA HIS B 32 -19.91 -18.64 4.13
C HIS B 32 -20.73 -17.49 3.57
N LEU B 33 -20.28 -16.96 2.43
CA LEU B 33 -20.94 -15.81 1.83
C LEU B 33 -20.84 -15.89 0.31
N ALA B 34 -21.92 -15.51 -0.36
CA ALA B 34 -21.98 -15.46 -1.81
C ALA B 34 -22.41 -14.07 -2.27
N TRP B 35 -22.00 -13.71 -3.49
CA TRP B 35 -22.41 -12.47 -4.13
C TRP B 35 -23.16 -12.79 -5.43
N TYR B 36 -24.18 -12.00 -5.74
CA TYR B 36 -24.97 -12.18 -6.95
C TYR B 36 -25.04 -10.88 -7.72
N GLN B 37 -25.25 -11.01 -9.03
CA GLN B 37 -25.50 -9.87 -9.93
C GLN B 37 -26.86 -10.06 -10.59
N GLN B 38 -27.71 -9.05 -10.50
CA GLN B 38 -29.02 -9.06 -11.14
C GLN B 38 -29.14 -7.82 -12.01
N LYS B 39 -29.11 -8.01 -13.33
CA LYS B 39 -29.37 -6.92 -14.25
C LYS B 39 -30.86 -6.60 -14.26
N PRO B 40 -31.23 -5.39 -14.71
CA PRO B 40 -32.65 -5.00 -14.66
C PRO B 40 -33.53 -5.97 -15.42
N GLY B 41 -34.58 -6.45 -14.75
CA GLY B 41 -35.53 -7.37 -15.33
C GLY B 41 -35.00 -8.76 -15.56
N GLN B 42 -33.69 -8.94 -15.52
CA GLN B 42 -33.05 -10.21 -15.82
C GLN B 42 -32.97 -11.07 -14.56
N SER B 43 -32.56 -12.32 -14.74
CA SER B 43 -32.49 -13.25 -13.62
C SER B 43 -31.14 -13.13 -12.93
N PRO B 44 -31.10 -13.07 -11.60
CA PRO B 44 -29.81 -12.93 -10.90
C PRO B 44 -28.90 -14.14 -11.14
N LYS B 45 -27.60 -13.88 -11.14
CA LYS B 45 -26.58 -14.88 -11.38
C LYS B 45 -25.51 -14.78 -10.31
N ALA B 46 -24.91 -15.93 -9.99
CA ALA B 46 -23.90 -15.99 -8.94
C ALA B 46 -22.57 -15.48 -9.45
N LEU B 47 -21.90 -14.69 -8.59
CA LEU B 47 -20.57 -14.15 -8.89
C LEU B 47 -19.49 -14.79 -8.03
N ILE B 48 -19.70 -14.80 -6.72
CA ILE B 48 -18.70 -15.22 -5.74
C ILE B 48 -19.37 -16.18 -4.77
N TYR B 49 -18.63 -17.18 -4.32
CA TYR B 49 -19.06 -18.02 -3.22
C TYR B 49 -17.86 -18.23 -2.31
N SER B 50 -18.12 -18.69 -1.09
CA SER B 50 -17.07 -18.85 -0.09
C SER B 50 -16.29 -17.54 0.09
N ALA B 51 -17.01 -16.43 0.02
CA ALA B 51 -16.47 -15.09 0.28
C ALA B 51 -15.56 -14.58 -0.83
N SER B 52 -14.72 -15.43 -1.41
CA SER B 52 -13.71 -14.96 -2.37
C SER B 52 -13.51 -15.85 -3.59
N TYR B 53 -14.25 -16.94 -3.74
CA TYR B 53 -14.07 -17.84 -4.87
C TYR B 53 -15.00 -17.44 -6.00
N ARG B 54 -14.43 -17.21 -7.17
CA ARG B 54 -15.21 -16.85 -8.34
C ARG B 54 -15.97 -18.05 -8.89
N TYR B 55 -17.26 -17.87 -9.13
CA TYR B 55 -18.06 -18.88 -9.81
C TYR B 55 -17.61 -19.02 -11.26
N SER B 56 -17.72 -20.24 -11.78
CA SER B 56 -17.16 -20.55 -13.09
C SER B 56 -17.78 -19.64 -14.15
N GLY B 57 -16.91 -19.07 -15.00
CA GLY B 57 -17.34 -18.17 -16.04
C GLY B 57 -17.32 -16.71 -15.69
N VAL B 58 -17.06 -16.37 -14.43
CA VAL B 58 -17.10 -14.97 -14.01
C VAL B 58 -15.76 -14.31 -14.32
N PRO B 59 -15.74 -13.15 -14.98
CA PRO B 59 -14.46 -12.50 -15.27
C PRO B 59 -13.64 -12.25 -14.01
N ASP B 60 -12.32 -12.24 -14.18
CA ASP B 60 -11.42 -12.02 -13.05
C ASP B 60 -11.45 -10.57 -12.55
N ARG B 61 -12.25 -9.71 -13.19
CA ARG B 61 -12.42 -8.35 -12.69
C ARG B 61 -13.23 -8.33 -11.41
N PHE B 62 -13.93 -9.41 -11.10
CA PHE B 62 -14.72 -9.52 -9.87
C PHE B 62 -13.92 -10.25 -8.81
N THR B 63 -13.64 -9.57 -7.70
CA THR B 63 -12.95 -10.18 -6.57
C THR B 63 -13.77 -9.98 -5.31
N GLY B 64 -13.67 -10.97 -4.42
CA GLY B 64 -14.33 -10.91 -3.12
C GLY B 64 -13.31 -11.04 -2.01
N SER B 65 -13.62 -10.41 -0.87
CA SER B 65 -12.73 -10.47 0.28
C SER B 65 -13.55 -10.36 1.55
N GLY B 66 -12.92 -10.71 2.66
CA GLY B 66 -13.52 -10.59 3.97
C GLY B 66 -13.86 -11.95 4.57
N SER B 67 -14.01 -11.95 5.89
CA SER B 67 -14.47 -13.11 6.64
C SER B 67 -14.91 -12.62 8.00
N GLY B 68 -15.85 -13.35 8.60
CA GLY B 68 -16.46 -12.94 9.84
C GLY B 68 -17.74 -12.16 9.59
N THR B 69 -17.66 -10.82 9.57
CA THR B 69 -18.84 -10.01 9.42
C THR B 69 -18.75 -8.94 8.32
N ASP B 70 -17.56 -8.64 7.81
CA ASP B 70 -17.38 -7.54 6.87
C ASP B 70 -16.86 -8.10 5.55
N PHE B 71 -17.63 -7.89 4.48
CA PHE B 71 -17.33 -8.46 3.17
C PHE B 71 -17.39 -7.38 2.11
N THR B 72 -16.55 -7.55 1.08
CA THR B 72 -16.41 -6.56 0.03
C THR B 72 -16.33 -7.25 -1.31
N LEU B 73 -17.19 -6.84 -2.24
CA LEU B 73 -17.07 -7.23 -3.64
C LEU B 73 -16.43 -6.06 -4.39
N THR B 74 -15.33 -6.33 -5.09
CA THR B 74 -14.61 -5.32 -5.84
C THR B 74 -14.75 -5.62 -7.32
N ILE B 75 -15.13 -4.60 -8.09
CA ILE B 75 -15.25 -4.71 -9.54
C ILE B 75 -14.17 -3.83 -10.14
N SER B 76 -13.18 -4.45 -10.76
CA SER B 76 -12.10 -3.73 -11.44
C SER B 76 -12.44 -3.52 -12.90
N ASN B 77 -11.90 -2.45 -13.47
CA ASN B 77 -12.08 -2.15 -14.88
C ASN B 77 -13.56 -2.24 -15.26
N VAL B 78 -14.35 -1.37 -14.61
CA VAL B 78 -15.80 -1.42 -14.76
C VAL B 78 -16.17 -1.33 -16.23
N GLN B 79 -17.08 -2.21 -16.66
CA GLN B 79 -17.57 -2.27 -18.02
C GLN B 79 -19.02 -1.80 -18.06
N SER B 80 -19.49 -1.54 -19.29
CA SER B 80 -20.86 -1.06 -19.47
C SER B 80 -21.87 -2.07 -18.96
N GLY B 81 -21.67 -3.35 -19.26
CA GLY B 81 -22.61 -4.38 -18.85
C GLY B 81 -22.75 -4.54 -17.36
N ASP B 82 -21.79 -4.03 -16.58
CA ASP B 82 -21.85 -4.16 -15.13
C ASP B 82 -22.95 -3.33 -14.49
N LEU B 83 -23.69 -2.55 -15.28
CA LEU B 83 -24.85 -1.82 -14.78
C LEU B 83 -25.88 -2.80 -14.25
N ALA B 84 -26.02 -2.88 -12.92
CA ALA B 84 -26.85 -3.92 -12.31
C ALA B 84 -26.93 -3.76 -10.79
N ASP B 85 -27.73 -4.63 -10.16
CA ASP B 85 -27.79 -4.73 -8.71
C ASP B 85 -26.88 -5.85 -8.23
N TYR B 86 -26.28 -5.64 -7.07
CA TYR B 86 -25.40 -6.62 -6.45
C TYR B 86 -25.86 -6.83 -5.01
N PHE B 87 -26.00 -8.09 -4.60
CA PHE B 87 -26.43 -8.40 -3.25
C PHE B 87 -25.70 -9.63 -2.75
N CYS B 88 -25.48 -9.66 -1.44
CA CYS B 88 -24.78 -10.76 -0.77
C CYS B 88 -25.78 -11.75 -0.18
N GLN B 89 -25.28 -12.93 0.14
CA GLN B 89 -26.07 -13.97 0.78
C GLN B 89 -25.21 -14.73 1.78
N GLN B 90 -25.72 -14.85 3.00
CA GLN B 90 -25.10 -15.66 4.04
C GLN B 90 -25.69 -17.07 4.01
N TYR B 91 -24.83 -18.08 4.16
CA TYR B 91 -25.28 -19.46 4.31
C TYR B 91 -24.54 -20.16 5.44
N ASN B 92 -24.12 -19.40 6.45
CA ASN B 92 -23.53 -19.99 7.64
C ASN B 92 -24.58 -20.67 8.51
N ASN B 93 -25.80 -20.16 8.50
CA ASN B 93 -26.89 -20.72 9.29
C ASN B 93 -28.17 -20.66 8.48
N PHE B 94 -29.01 -21.67 8.67
CA PHE B 94 -30.37 -21.56 8.16
C PHE B 94 -31.23 -20.82 9.18
N PRO B 95 -32.19 -19.97 8.74
CA PRO B 95 -32.53 -19.69 7.35
C PRO B 95 -31.52 -18.82 6.64
N LEU B 96 -31.28 -19.12 5.36
CA LEU B 96 -30.43 -18.26 4.53
C LEU B 96 -31.03 -16.86 4.48
N THR B 97 -30.17 -15.85 4.54
CA THR B 97 -30.60 -14.46 4.51
C THR B 97 -29.80 -13.69 3.47
N PHE B 98 -30.42 -12.64 2.92
CA PHE B 98 -29.85 -11.85 1.85
C PHE B 98 -29.75 -10.39 2.25
N GLY B 99 -28.85 -9.68 1.57
CA GLY B 99 -28.82 -8.24 1.65
C GLY B 99 -29.80 -7.61 0.68
N ALA B 100 -30.15 -6.35 0.95
CA ALA B 100 -31.15 -5.65 0.16
C ALA B 100 -30.63 -5.21 -1.19
N GLY B 101 -29.32 -5.24 -1.43
CA GLY B 101 -28.77 -4.98 -2.73
C GLY B 101 -28.17 -3.59 -2.84
N THR B 102 -27.28 -3.43 -3.82
CA THR B 102 -26.65 -2.16 -4.13
C THR B 102 -26.62 -2.00 -5.64
N LYS B 103 -27.19 -0.91 -6.15
CA LYS B 103 -27.24 -0.67 -7.59
C LYS B 103 -26.00 0.09 -8.03
N LEU B 104 -25.35 -0.40 -9.07
CA LEU B 104 -24.17 0.24 -9.62
C LEU B 104 -24.59 1.17 -10.75
N GLU B 105 -24.32 2.47 -10.58
CA GLU B 105 -24.57 3.46 -11.61
C GLU B 105 -23.30 3.69 -12.43
N ILE B 106 -23.49 3.96 -13.72
CA ILE B 106 -22.40 4.31 -14.61
C ILE B 106 -22.34 5.83 -14.70
N LYS B 107 -21.14 6.39 -14.57
CA LYS B 107 -20.95 7.82 -14.74
C LYS B 107 -20.93 8.16 -16.22
N ARG B 108 -21.35 9.37 -16.54
CA ARG B 108 -21.33 9.85 -17.92
C ARG B 108 -21.35 11.37 -17.89
N ALA B 109 -21.31 11.97 -19.08
CA ALA B 109 -21.24 13.42 -19.19
C ALA B 109 -22.56 14.06 -18.75
N ASP B 110 -22.44 15.24 -18.15
CA ASP B 110 -23.63 15.99 -17.78
C ASP B 110 -24.52 16.23 -18.99
N ALA B 111 -25.83 16.17 -18.78
CA ALA B 111 -26.78 16.37 -19.86
C ALA B 111 -28.05 17.00 -19.31
N ALA B 112 -28.48 18.11 -19.91
CA ALA B 112 -29.69 18.77 -19.48
C ALA B 112 -30.91 17.96 -19.92
N PRO B 113 -32.01 18.03 -19.19
CA PRO B 113 -33.20 17.27 -19.57
C PRO B 113 -33.88 17.88 -20.80
N THR B 114 -34.46 16.99 -21.61
CA THR B 114 -35.34 17.39 -22.71
C THR B 114 -36.76 17.38 -22.18
N VAL B 115 -37.40 18.55 -22.13
CA VAL B 115 -38.66 18.74 -21.43
C VAL B 115 -39.77 18.87 -22.46
N SER B 116 -40.87 18.16 -22.23
CA SER B 116 -42.07 18.24 -23.06
C SER B 116 -43.30 18.26 -22.17
N ILE B 117 -44.25 19.14 -22.48
CA ILE B 117 -45.48 19.28 -21.72
C ILE B 117 -46.66 18.92 -22.62
N PHE B 118 -47.68 18.29 -22.04
CA PHE B 118 -48.81 17.81 -22.81
C PHE B 118 -50.11 18.21 -22.12
N PRO B 119 -51.05 18.85 -22.81
CA PRO B 119 -52.35 19.17 -22.19
C PRO B 119 -53.19 17.92 -21.98
N PRO B 120 -54.28 18.02 -21.22
CA PRO B 120 -55.19 16.88 -21.11
C PRO B 120 -55.85 16.58 -22.46
N SER B 121 -56.05 15.29 -22.72
CA SER B 121 -56.76 14.87 -23.92
C SER B 121 -58.24 15.21 -23.81
N SER B 122 -58.89 15.38 -24.96
CA SER B 122 -60.32 15.59 -24.96
C SER B 122 -61.06 14.36 -24.45
N GLU B 123 -60.48 13.17 -24.62
CA GLU B 123 -61.08 11.96 -24.06
C GLU B 123 -61.20 12.07 -22.55
N GLN B 124 -60.09 12.40 -21.88
CA GLN B 124 -60.13 12.48 -20.42
C GLN B 124 -61.07 13.58 -19.96
N LEU B 125 -61.09 14.70 -20.67
CA LEU B 125 -61.99 15.80 -20.30
C LEU B 125 -63.44 15.38 -20.44
N THR B 126 -63.75 14.54 -21.43
CA THR B 126 -65.11 14.02 -21.56
C THR B 126 -65.55 13.30 -20.30
N SER B 127 -64.62 12.64 -19.60
CA SER B 127 -64.93 11.93 -18.36
C SER B 127 -64.76 12.79 -17.12
N GLY B 128 -64.53 14.10 -17.30
CA GLY B 128 -64.43 15.00 -16.17
C GLY B 128 -63.07 15.11 -15.53
N GLY B 129 -62.03 14.55 -16.14
CA GLY B 129 -60.68 14.63 -15.60
C GLY B 129 -59.76 15.49 -16.46
N ALA B 130 -58.63 15.90 -15.90
CA ALA B 130 -57.71 16.78 -16.64
C ALA B 130 -56.31 16.60 -16.05
N SER B 131 -55.53 15.71 -16.66
CA SER B 131 -54.15 15.47 -16.27
C SER B 131 -53.22 16.18 -17.25
N VAL B 132 -52.27 16.95 -16.70
CA VAL B 132 -51.22 17.58 -17.49
C VAL B 132 -49.93 16.82 -17.22
N VAL B 133 -49.26 16.38 -18.29
CA VAL B 133 -48.09 15.53 -18.18
C VAL B 133 -46.86 16.30 -18.67
N CYS B 134 -45.77 16.16 -17.93
CA CYS B 134 -44.49 16.73 -18.30
C CYS B 134 -43.43 15.65 -18.26
N PHE B 135 -42.77 15.42 -19.40
CA PHE B 135 -41.64 14.49 -19.45
C PHE B 135 -40.33 15.26 -19.36
N LEU B 136 -39.42 14.74 -18.55
CA LEU B 136 -38.06 15.29 -18.40
C LEU B 136 -37.12 14.13 -18.71
N ASN B 137 -36.62 14.07 -19.93
CA ASN B 137 -36.01 12.86 -20.47
C ASN B 137 -34.52 13.03 -20.72
N ASN B 138 -33.76 11.99 -20.39
CA ASN B 138 -32.36 11.83 -20.78
C ASN B 138 -31.49 12.96 -20.23
N PHE B 139 -31.39 12.98 -18.90
CA PHE B 139 -30.52 13.92 -18.20
C PHE B 139 -29.58 13.15 -17.27
N TYR B 140 -28.50 13.83 -16.88
CA TYR B 140 -27.53 13.28 -15.95
C TYR B 140 -26.86 14.46 -15.27
N PRO B 141 -26.63 14.41 -13.94
CA PRO B 141 -26.92 13.33 -12.99
C PRO B 141 -28.41 13.19 -12.64
N LYS B 142 -28.72 12.25 -11.74
CA LYS B 142 -30.11 11.83 -11.53
C LYS B 142 -30.94 12.86 -10.81
N ASP B 143 -30.33 13.71 -9.99
CA ASP B 143 -31.09 14.68 -9.21
C ASP B 143 -31.72 15.74 -10.11
N ILE B 144 -33.01 15.99 -9.93
CA ILE B 144 -33.75 16.96 -10.73
C ILE B 144 -34.92 17.46 -9.90
N ASN B 145 -35.38 18.67 -10.22
CA ASN B 145 -36.50 19.30 -9.52
C ASN B 145 -37.53 19.76 -10.55
N VAL B 146 -38.80 19.48 -10.27
CA VAL B 146 -39.90 19.87 -11.15
C VAL B 146 -40.83 20.79 -10.36
N LYS B 147 -41.24 21.90 -10.99
CA LYS B 147 -42.19 22.83 -10.39
C LYS B 147 -43.29 23.12 -11.40
N TRP B 148 -44.54 22.96 -10.95
CA TRP B 148 -45.71 23.27 -11.75
C TRP B 148 -46.25 24.65 -11.40
N LYS B 149 -46.63 25.41 -12.42
CA LYS B 149 -47.25 26.71 -12.22
C LYS B 149 -48.55 26.78 -13.00
N ILE B 150 -49.59 27.30 -12.35
CA ILE B 150 -50.88 27.56 -12.97
C ILE B 150 -51.13 29.06 -12.89
N ASP B 151 -51.34 29.69 -14.04
CA ASP B 151 -51.49 31.14 -14.13
C ASP B 151 -50.35 31.83 -13.39
N GLY B 152 -49.14 31.28 -13.51
CA GLY B 152 -47.94 31.93 -13.03
C GLY B 152 -47.57 31.64 -11.59
N SER B 153 -48.44 30.99 -10.82
CA SER B 153 -48.18 30.75 -9.40
C SER B 153 -48.03 29.25 -9.16
N GLU B 154 -47.08 28.91 -8.28
CA GLU B 154 -46.72 27.52 -8.04
C GLU B 154 -47.94 26.71 -7.61
N ARG B 155 -47.93 25.43 -8.00
CA ARG B 155 -48.99 24.48 -7.67
C ARG B 155 -48.35 23.19 -7.21
N GLN B 156 -48.75 22.71 -6.04
CA GLN B 156 -48.08 21.62 -5.35
C GLN B 156 -48.91 20.35 -5.26
N ASN B 157 -50.22 20.46 -5.01
CA ASN B 157 -51.06 19.28 -4.83
C ASN B 157 -51.53 18.75 -6.18
N GLY B 158 -51.86 17.46 -6.19
CA GLY B 158 -52.28 16.81 -7.42
C GLY B 158 -51.14 16.35 -8.30
N VAL B 159 -49.90 16.41 -7.82
CA VAL B 159 -48.73 16.07 -8.63
C VAL B 159 -48.24 14.68 -8.21
N LEU B 160 -48.03 13.83 -9.20
CA LEU B 160 -47.46 12.50 -9.01
C LEU B 160 -46.29 12.33 -9.97
N ASN B 161 -45.16 11.85 -9.46
CA ASN B 161 -43.94 11.75 -10.22
C ASN B 161 -43.49 10.31 -10.33
N SER B 162 -42.75 10.01 -11.40
CA SER B 162 -42.21 8.69 -11.64
C SER B 162 -40.84 8.83 -12.29
N TRP B 163 -39.89 8.01 -11.85
CA TRP B 163 -38.51 8.05 -12.33
C TRP B 163 -38.15 6.70 -12.94
N THR B 164 -37.33 6.74 -13.99
CA THR B 164 -36.82 5.52 -14.60
C THR B 164 -35.49 5.12 -13.99
N ASP B 165 -35.15 3.84 -14.15
CA ASP B 165 -33.80 3.39 -13.85
C ASP B 165 -32.84 3.97 -14.89
N GLN B 166 -31.55 3.97 -14.54
CA GLN B 166 -30.55 4.46 -15.47
C GLN B 166 -30.64 3.68 -16.79
N ASP B 167 -30.75 4.42 -17.89
CA ASP B 167 -30.83 3.81 -19.20
C ASP B 167 -29.56 3.00 -19.48
N SER B 168 -29.74 1.77 -19.97
CA SER B 168 -28.62 0.88 -20.20
C SER B 168 -27.83 1.22 -21.46
N LYS B 169 -28.35 2.08 -22.34
CA LYS B 169 -27.69 2.42 -23.59
C LYS B 169 -26.96 3.76 -23.55
N ASP B 170 -27.52 4.78 -22.87
CA ASP B 170 -26.86 6.08 -22.80
C ASP B 170 -26.65 6.58 -21.38
N SER B 171 -26.99 5.79 -20.37
CA SER B 171 -26.68 6.07 -18.97
C SER B 171 -27.35 7.34 -18.45
N THR B 172 -28.44 7.77 -19.08
CA THR B 172 -29.18 8.93 -18.61
C THR B 172 -30.37 8.50 -17.76
N TYR B 173 -30.99 9.49 -17.13
CA TYR B 173 -32.20 9.28 -16.35
C TYR B 173 -33.34 10.09 -16.97
N SER B 174 -34.56 9.63 -16.71
CA SER B 174 -35.76 10.32 -17.17
C SER B 174 -36.78 10.36 -16.04
N MET B 175 -37.73 11.28 -16.16
CA MET B 175 -38.71 11.48 -15.12
C MET B 175 -40.02 11.93 -15.77
N SER B 176 -41.13 11.49 -15.18
CA SER B 176 -42.46 11.89 -15.61
C SER B 176 -43.19 12.53 -14.43
N SER B 177 -43.83 13.66 -14.69
CA SER B 177 -44.58 14.38 -13.69
C SER B 177 -45.97 14.67 -14.24
N THR B 178 -47.00 14.33 -13.47
CA THR B 178 -48.39 14.48 -13.89
C THR B 178 -49.12 15.32 -12.86
N LEU B 179 -49.69 16.43 -13.32
CA LEU B 179 -50.58 17.26 -12.51
C LEU B 179 -52.01 16.93 -12.91
N THR B 180 -52.79 16.42 -11.98
CA THR B 180 -54.17 16.01 -12.26
C THR B 180 -55.12 16.95 -11.56
N LEU B 181 -55.95 17.63 -12.36
CA LEU B 181 -57.05 18.43 -11.84
C LEU B 181 -58.36 17.82 -12.32
N THR B 182 -59.44 18.27 -11.71
CA THR B 182 -60.74 18.05 -12.32
C THR B 182 -60.90 18.97 -13.52
N ARG B 183 -61.77 18.57 -14.45
CA ARG B 183 -62.09 19.44 -15.57
C ARG B 183 -62.58 20.80 -15.08
N ASP B 184 -63.37 20.80 -14.01
CA ASP B 184 -63.90 22.05 -13.48
C ASP B 184 -62.77 23.00 -13.10
N GLU B 185 -61.81 22.52 -12.30
CA GLU B 185 -60.64 23.33 -11.96
C GLU B 185 -59.85 23.71 -13.22
N TYR B 186 -59.61 22.73 -14.11
CA TYR B 186 -58.73 22.96 -15.24
C TYR B 186 -59.28 24.07 -16.14
N GLU B 187 -60.60 24.11 -16.33
CA GLU B 187 -61.20 25.11 -17.20
C GLU B 187 -61.36 26.47 -16.52
N ARG B 188 -60.87 26.64 -15.30
CA ARG B 188 -60.91 27.93 -14.62
C ARG B 188 -59.57 28.67 -14.70
N HIS B 189 -58.58 28.12 -15.40
CA HIS B 189 -57.27 28.73 -15.55
C HIS B 189 -56.85 28.73 -17.01
N ASN B 190 -55.76 29.44 -17.29
CA ASN B 190 -55.30 29.66 -18.66
C ASN B 190 -53.92 29.06 -18.93
N SER B 191 -52.90 29.44 -18.16
CA SER B 191 -51.52 29.02 -18.42
C SER B 191 -51.14 27.86 -17.51
N TYR B 192 -50.59 26.81 -18.11
CA TYR B 192 -50.05 25.68 -17.38
C TYR B 192 -48.58 25.54 -17.74
N THR B 193 -47.71 25.45 -16.73
CA THR B 193 -46.27 25.54 -16.92
C THR B 193 -45.55 24.45 -16.14
N CYS B 194 -44.62 23.79 -16.82
CA CYS B 194 -43.72 22.82 -16.21
C CYS B 194 -42.31 23.38 -16.21
N GLU B 195 -41.65 23.38 -15.05
CA GLU B 195 -40.34 24.01 -14.87
C GLU B 195 -39.37 22.98 -14.32
N ALA B 196 -38.28 22.74 -15.04
CA ALA B 196 -37.28 21.75 -14.66
C ALA B 196 -36.01 22.47 -14.24
N THR B 197 -35.54 22.18 -13.03
CA THR B 197 -34.28 22.71 -12.51
C THR B 197 -33.29 21.56 -12.38
N HIS B 198 -32.15 21.70 -13.05
CA HIS B 198 -31.12 20.66 -13.09
C HIS B 198 -29.77 21.32 -12.91
N LYS B 199 -28.83 20.58 -12.29
CA LYS B 199 -27.55 21.17 -11.93
C LYS B 199 -26.81 21.75 -13.14
N THR B 200 -27.19 21.37 -14.35
CA THR B 200 -26.50 21.89 -15.54
C THR B 200 -26.82 23.35 -15.82
N SER B 201 -27.64 24.01 -15.01
CA SER B 201 -27.97 25.41 -15.25
C SER B 201 -28.75 25.96 -14.08
N THR B 202 -28.46 27.21 -13.72
CA THR B 202 -29.30 27.92 -12.76
C THR B 202 -30.64 28.30 -13.36
N SER B 203 -30.69 28.47 -14.68
CA SER B 203 -31.94 28.79 -15.36
C SER B 203 -32.79 27.54 -15.54
N PRO B 204 -34.01 27.49 -15.02
CA PRO B 204 -34.85 26.31 -15.23
C PRO B 204 -35.28 26.20 -16.70
N ILE B 205 -35.51 24.97 -17.13
CA ILE B 205 -36.09 24.73 -18.44
C ILE B 205 -37.60 24.81 -18.30
N VAL B 206 -38.22 25.73 -19.05
CA VAL B 206 -39.63 26.07 -18.89
C VAL B 206 -40.38 25.67 -20.15
N LYS B 207 -41.38 24.81 -20.00
CA LYS B 207 -42.33 24.50 -21.06
C LYS B 207 -43.74 24.84 -20.59
N SER B 208 -44.52 25.47 -21.46
CA SER B 208 -45.81 26.01 -21.06
C SER B 208 -46.77 25.97 -22.23
N PHE B 209 -48.07 26.03 -21.93
CA PHE B 209 -49.09 26.18 -22.95
C PHE B 209 -50.27 26.93 -22.35
N ASN B 210 -51.11 27.45 -23.24
CA ASN B 210 -52.32 28.17 -22.87
C ASN B 210 -53.54 27.46 -23.44
N ARG B 211 -54.58 27.35 -22.62
CA ARG B 211 -55.84 26.75 -23.07
C ARG B 211 -56.40 27.50 -24.28
N ASN B 212 -55.87 28.69 -24.57
CA ASN B 212 -56.27 29.48 -25.73
C ASN B 212 -55.86 28.81 -27.04
N GLU B 213 -54.61 28.37 -27.10
CA GLU B 213 -53.82 28.45 -28.33
C GLU B 213 -54.53 27.91 -29.56
N CYS B 214 -55.01 26.67 -29.51
CA CYS B 214 -55.67 26.11 -30.69
C CYS B 214 -56.32 24.76 -30.43
N PCA C 1 22.17 -3.55 28.32
CA PCA C 1 22.35 -5.01 27.98
CB PCA C 1 21.25 -5.45 27.01
CG PCA C 1 20.64 -4.19 26.45
CD PCA C 1 21.16 -3.11 27.37
OE PCA C 1 20.72 -1.96 27.31
C PCA C 1 23.70 -5.30 27.36
O PCA C 1 24.20 -4.54 26.54
N VAL C 2 24.30 -6.42 27.77
CA VAL C 2 25.60 -6.82 27.27
C VAL C 2 25.44 -7.16 25.78
N GLN C 3 26.35 -6.66 24.94
CA GLN C 3 26.21 -6.82 23.51
C GLN C 3 27.56 -6.71 22.83
N LEU C 4 27.71 -7.44 21.72
CA LEU C 4 28.88 -7.38 20.85
C LEU C 4 28.43 -7.04 19.45
N GLN C 5 28.91 -5.92 18.91
CA GLN C 5 28.57 -5.49 17.56
C GLN C 5 29.80 -5.65 16.67
N GLN C 6 29.66 -6.46 15.63
CA GLN C 6 30.74 -6.71 14.68
C GLN C 6 30.53 -5.87 13.42
N SER C 7 31.64 -5.65 12.71
CA SER C 7 31.62 -4.81 11.52
C SER C 7 31.01 -5.57 10.33
N GLY C 8 30.83 -4.84 9.23
CA GLY C 8 30.09 -5.35 8.10
C GLY C 8 30.92 -6.24 7.19
N ALA C 9 30.24 -6.80 6.19
CA ALA C 9 30.85 -7.76 5.29
C ALA C 9 32.04 -7.15 4.56
N GLU C 10 32.96 -8.03 4.13
CA GLU C 10 34.18 -7.63 3.45
C GLU C 10 34.38 -8.51 2.22
N LEU C 11 34.76 -7.88 1.13
CA LEU C 11 35.14 -8.58 -0.11
C LEU C 11 36.57 -8.21 -0.45
N MET C 12 37.47 -9.19 -0.41
CA MET C 12 38.89 -8.95 -0.61
C MET C 12 39.42 -9.83 -1.72
N LYS C 13 40.38 -9.29 -2.46
CA LYS C 13 41.12 -10.09 -3.43
C LYS C 13 42.26 -10.83 -2.70
N PRO C 14 42.59 -12.05 -3.12
CA PRO C 14 43.65 -12.79 -2.41
C PRO C 14 44.95 -12.00 -2.36
N GLY C 15 45.67 -12.20 -1.25
CA GLY C 15 46.88 -11.46 -0.97
C GLY C 15 46.67 -10.21 -0.15
N ALA C 16 45.47 -9.65 -0.14
CA ALA C 16 45.16 -8.49 0.68
C ALA C 16 45.08 -8.90 2.15
N SER C 17 44.88 -7.90 3.01
CA SER C 17 44.60 -8.13 4.42
C SER C 17 43.35 -7.36 4.81
N VAL C 18 42.72 -7.80 5.90
CA VAL C 18 41.49 -7.21 6.39
C VAL C 18 41.53 -7.13 7.91
N LYS C 19 40.89 -6.09 8.44
CA LYS C 19 40.84 -5.84 9.88
C LYS C 19 39.38 -5.62 10.26
N ILE C 20 38.81 -6.55 11.01
CA ILE C 20 37.42 -6.44 11.45
C ILE C 20 37.42 -6.14 12.95
N SER C 21 36.33 -5.55 13.42
CA SER C 21 36.25 -4.99 14.75
C SER C 21 35.07 -5.59 15.51
N CYS C 22 35.11 -5.44 16.83
CA CYS C 22 34.11 -6.02 17.72
C CYS C 22 33.94 -5.09 18.91
N LYS C 23 32.86 -4.31 18.90
CA LYS C 23 32.58 -3.35 19.97
C LYS C 23 31.74 -3.98 21.07
N ALA C 24 32.25 -3.91 22.29
CA ALA C 24 31.65 -4.58 23.44
C ALA C 24 30.98 -3.56 24.35
N THR C 25 29.69 -3.78 24.62
CA THR C 25 28.97 -3.02 25.63
C THR C 25 27.87 -3.92 26.19
N GLY C 26 27.43 -3.67 27.42
CA GLY C 26 28.01 -2.73 28.38
C GLY C 26 28.45 -3.47 29.62
N TYR C 27 29.77 -3.59 29.78
CA TYR C 27 30.36 -4.25 30.95
C TYR C 27 31.81 -3.80 31.03
N THR C 28 32.52 -4.28 32.04
CA THR C 28 33.93 -3.95 32.22
C THR C 28 34.72 -4.64 31.12
N PHE C 29 35.12 -3.88 30.11
CA PHE C 29 35.76 -4.46 28.93
C PHE C 29 37.00 -5.26 29.27
N SER C 30 37.75 -4.84 30.29
CA SER C 30 39.01 -5.48 30.64
C SER C 30 38.84 -6.67 31.57
N GLY C 31 37.61 -7.04 31.92
CA GLY C 31 37.35 -8.12 32.83
C GLY C 31 36.99 -9.45 32.20
N HIS C 32 36.94 -9.52 30.87
CA HIS C 32 36.62 -10.76 30.17
C HIS C 32 37.49 -10.88 28.94
N TRP C 33 37.84 -12.12 28.61
CA TRP C 33 38.55 -12.38 27.37
C TRP C 33 37.60 -12.25 26.18
N ILE C 34 38.13 -11.73 25.07
CA ILE C 34 37.42 -11.70 23.80
C ILE C 34 37.96 -12.83 22.93
N GLU C 35 37.06 -13.66 22.43
CA GLU C 35 37.42 -14.83 21.63
C GLU C 35 37.05 -14.61 20.17
N TRP C 36 37.74 -15.31 19.28
CA TRP C 36 37.50 -15.21 17.84
C TRP C 36 37.38 -16.62 17.26
N VAL C 37 36.37 -16.80 16.41
CA VAL C 37 36.06 -18.11 15.84
C VAL C 37 35.70 -17.95 14.36
N LYS C 38 35.98 -19.00 13.59
CA LYS C 38 35.79 -19.01 12.15
C LYS C 38 34.81 -20.10 11.76
N GLN C 39 33.89 -19.79 10.85
CA GLN C 39 32.92 -20.76 10.34
C GLN C 39 32.85 -20.67 8.82
N ARG C 40 33.53 -21.59 8.14
CA ARG C 40 33.35 -21.80 6.71
C ARG C 40 32.06 -22.57 6.45
N PRO C 41 31.40 -22.34 5.31
CA PRO C 41 30.24 -23.16 4.96
C PRO C 41 30.65 -24.61 4.77
N GLY C 42 29.91 -25.51 5.40
CA GLY C 42 30.22 -26.93 5.35
C GLY C 42 31.22 -27.41 6.37
N HIS C 43 31.77 -26.51 7.19
CA HIS C 43 32.71 -26.89 8.25
C HIS C 43 32.17 -26.46 9.60
N GLY C 44 32.66 -27.12 10.64
CA GLY C 44 32.37 -26.71 12.00
C GLY C 44 33.17 -25.48 12.40
N LEU C 45 32.85 -24.98 13.58
CA LEU C 45 33.53 -23.80 14.11
C LEU C 45 35.00 -24.11 14.40
N GLU C 46 35.87 -23.15 14.10
CA GLU C 46 37.29 -23.23 14.42
C GLU C 46 37.66 -22.07 15.33
N TRP C 47 38.34 -22.37 16.44
CA TRP C 47 38.78 -21.34 17.36
C TRP C 47 40.06 -20.69 16.85
N ILE C 48 40.05 -19.37 16.71
CA ILE C 48 41.22 -18.65 16.21
C ILE C 48 42.12 -18.21 17.35
N GLY C 49 41.58 -17.49 18.32
CA GLY C 49 42.40 -17.01 19.42
C GLY C 49 41.60 -16.14 20.37
N GLU C 50 42.32 -15.50 21.29
CA GLU C 50 41.69 -14.69 22.33
C GLU C 50 42.62 -13.57 22.75
N ILE C 51 42.03 -12.49 23.27
CA ILE C 51 42.78 -11.36 23.79
C ILE C 51 42.09 -10.85 25.04
N LEU C 52 42.88 -10.47 26.05
CA LEU C 52 42.36 -9.86 27.26
C LEU C 52 42.54 -8.35 27.18
N PRO C 53 41.49 -7.58 26.93
CA PRO C 53 41.66 -6.12 26.84
C PRO C 53 42.23 -5.54 28.12
N GLY C 54 43.07 -4.53 27.97
CA GLY C 54 43.73 -3.88 29.09
C GLY C 54 45.11 -4.44 29.33
N SER C 55 45.19 -5.71 29.73
CA SER C 55 46.48 -6.36 29.89
C SER C 55 47.11 -6.70 28.55
N GLY C 56 46.32 -6.77 27.48
CA GLY C 56 46.84 -7.09 26.16
C GLY C 56 47.35 -8.50 25.99
N ASN C 57 47.06 -9.40 26.91
CA ASN C 57 47.48 -10.79 26.75
C ASN C 57 46.75 -11.43 25.58
N ILE C 58 47.47 -12.25 24.82
CA ILE C 58 46.95 -12.84 23.59
C ILE C 58 47.33 -14.30 23.52
N HIS C 59 46.40 -15.12 23.03
CA HIS C 59 46.64 -16.52 22.70
C HIS C 59 46.01 -16.83 21.35
N TYR C 60 46.69 -17.63 20.54
CA TYR C 60 46.23 -17.99 19.22
C TYR C 60 46.28 -19.49 19.01
N ASN C 61 45.39 -19.98 18.16
CA ASN C 61 45.49 -21.35 17.68
C ASN C 61 46.69 -21.48 16.74
N GLU C 62 47.47 -22.56 16.93
CA GLU C 62 48.67 -22.76 16.14
C GLU C 62 48.36 -22.77 14.65
N LYS C 63 47.20 -23.31 14.27
CA LYS C 63 46.85 -23.38 12.85
C LYS C 63 46.70 -22.00 12.22
N PHE C 64 46.55 -20.94 13.02
CA PHE C 64 46.43 -19.57 12.54
C PHE C 64 47.64 -18.73 12.92
N LYS C 65 48.79 -19.36 13.10
CA LYS C 65 49.95 -18.69 13.70
C LYS C 65 50.27 -17.38 13.00
N GLY C 66 50.50 -17.43 11.69
CA GLY C 66 50.86 -16.25 10.91
C GLY C 66 49.72 -15.60 10.18
N LYS C 67 48.48 -16.03 10.41
CA LYS C 67 47.32 -15.53 9.68
C LYS C 67 46.58 -14.43 10.43
N ALA C 68 46.37 -14.59 11.73
CA ALA C 68 45.52 -13.71 12.52
C ALA C 68 46.31 -13.08 13.67
N THR C 69 46.04 -11.80 13.92
CA THR C 69 46.55 -11.10 15.09
C THR C 69 45.41 -10.27 15.68
N PHE C 70 45.49 -10.02 16.98
CA PHE C 70 44.40 -9.40 17.73
C PHE C 70 44.84 -8.09 18.37
N ALA C 71 43.88 -7.19 18.56
CA ALA C 71 44.10 -5.95 19.29
C ALA C 71 42.82 -5.55 19.98
N ALA C 72 42.96 -4.76 21.06
CA ALA C 72 41.82 -4.31 21.85
C ALA C 72 42.08 -2.87 22.32
N ASP C 73 41.23 -1.95 21.90
CA ASP C 73 41.32 -0.55 22.31
C ASP C 73 40.39 -0.33 23.51
N THR C 74 40.98 -0.13 24.68
CA THR C 74 40.19 0.01 25.90
C THR C 74 39.47 1.35 26.00
N SER C 75 39.88 2.35 25.22
CA SER C 75 39.20 3.64 25.24
C SER C 75 37.94 3.65 24.41
N SER C 76 37.82 2.73 23.44
CA SER C 76 36.62 2.62 22.62
C SER C 76 35.89 1.30 22.83
N ASN C 77 36.36 0.45 23.74
CA ASN C 77 35.72 -0.84 24.01
C ASN C 77 35.57 -1.66 22.74
N THR C 78 36.62 -1.67 21.92
CA THR C 78 36.60 -2.33 20.61
C THR C 78 37.78 -3.28 20.51
N ALA C 79 37.47 -4.52 20.14
CA ALA C 79 38.50 -5.52 19.83
C ALA C 79 38.62 -5.66 18.32
N TYR C 80 39.84 -5.97 17.86
CA TYR C 80 40.14 -6.06 16.44
C TYR C 80 40.83 -7.37 16.14
N MET C 81 40.52 -7.95 14.98
CA MET C 81 41.27 -9.06 14.42
C MET C 81 41.68 -8.70 13.00
N GLN C 82 42.96 -8.90 12.68
CA GLN C 82 43.48 -8.69 11.34
C GLN C 82 43.85 -10.03 10.72
N LEU C 83 43.52 -10.20 9.44
CA LEU C 83 43.85 -11.40 8.69
C LEU C 83 44.75 -10.99 7.52
N SER C 84 45.90 -11.67 7.42
CA SER C 84 46.91 -11.33 6.42
C SER C 84 46.91 -12.34 5.28
N SER C 85 47.43 -11.90 4.13
CA SER C 85 47.64 -12.75 2.96
C SER C 85 46.43 -13.64 2.70
N LEU C 86 45.31 -13.00 2.39
CA LEU C 86 44.04 -13.70 2.30
C LEU C 86 44.03 -14.67 1.10
N THR C 87 43.38 -15.82 1.31
CA THR C 87 43.18 -16.83 0.28
C THR C 87 41.72 -17.26 0.30
N SER C 88 41.37 -18.19 -0.60
CA SER C 88 39.99 -18.65 -0.67
C SER C 88 39.56 -19.33 0.62
N GLU C 89 40.48 -19.98 1.32
CA GLU C 89 40.13 -20.69 2.54
C GLU C 89 39.85 -19.76 3.72
N ASP C 90 40.16 -18.47 3.58
CA ASP C 90 39.79 -17.49 4.61
C ASP C 90 38.36 -16.99 4.44
N SER C 91 37.73 -17.25 3.30
CA SER C 91 36.33 -16.90 3.12
C SER C 91 35.47 -17.64 4.13
N ALA C 92 34.84 -16.91 5.03
CA ALA C 92 34.08 -17.52 6.13
C ALA C 92 33.32 -16.42 6.86
N VAL C 93 32.51 -16.83 7.83
CA VAL C 93 31.92 -15.94 8.81
C VAL C 93 32.80 -15.97 10.05
N TYR C 94 33.09 -14.80 10.61
CA TYR C 94 33.94 -14.69 11.80
C TYR C 94 33.13 -14.10 12.94
N TYR C 95 33.09 -14.81 14.06
CA TYR C 95 32.39 -14.36 15.25
C TYR C 95 33.40 -13.92 16.31
N CYS C 96 33.10 -12.81 16.98
CA CYS C 96 33.72 -12.53 18.26
C CYS C 96 32.76 -12.95 19.35
N ALA C 97 33.32 -13.33 20.50
CA ALA C 97 32.51 -13.80 21.62
C ALA C 97 33.22 -13.46 22.92
N ARG C 98 32.43 -13.31 23.97
CA ARG C 98 32.97 -13.03 25.29
C ARG C 98 33.17 -14.35 26.03
N LEU C 99 34.36 -14.53 26.62
CA LEU C 99 34.64 -15.70 27.44
C LEU C 99 33.97 -15.53 28.79
N GLY C 100 33.09 -16.46 29.14
CA GLY C 100 32.38 -16.36 30.41
C GLY C 100 33.33 -16.28 31.59
N THR C 101 32.90 -15.54 32.61
CA THR C 101 33.67 -15.45 33.85
C THR C 101 33.70 -16.81 34.54
N THR C 102 34.89 -17.22 34.97
CA THR C 102 35.07 -18.52 35.59
C THR C 102 35.97 -18.39 36.81
N ALA C 103 35.90 -19.40 37.68
CA ALA C 103 36.72 -19.44 38.89
C ALA C 103 37.73 -20.58 38.76
N VAL C 104 38.02 -21.28 39.85
CA VAL C 104 39.07 -22.29 39.85
C VAL C 104 38.79 -23.42 38.89
N GLU C 105 37.52 -23.65 38.53
CA GLU C 105 37.17 -24.76 37.65
C GLU C 105 37.62 -24.54 36.21
N ARG C 106 37.89 -23.29 35.82
CA ARG C 106 38.31 -22.98 34.45
C ARG C 106 37.25 -23.40 33.44
N ASP C 107 36.02 -22.95 33.68
CA ASP C 107 34.93 -23.19 32.73
C ASP C 107 35.05 -22.15 31.62
N TRP C 108 35.71 -22.53 30.53
CA TRP C 108 36.01 -21.60 29.45
C TRP C 108 34.99 -21.81 28.32
N TYR C 109 33.82 -21.23 28.51
CA TYR C 109 32.76 -21.22 27.51
C TYR C 109 32.42 -19.78 27.17
N PHE C 110 31.67 -19.61 26.08
CA PHE C 110 31.30 -18.29 25.59
C PHE C 110 29.88 -17.99 26.07
N ASP C 111 29.71 -16.87 26.78
CA ASP C 111 28.41 -16.48 27.31
C ASP C 111 27.72 -15.39 26.51
N VAL C 112 28.44 -14.72 25.60
CA VAL C 112 27.82 -13.78 24.66
C VAL C 112 28.58 -13.87 23.34
N TRP C 113 27.83 -13.82 22.24
CA TRP C 113 28.39 -13.91 20.89
C TRP C 113 27.99 -12.68 20.08
N GLY C 114 28.90 -12.27 19.21
CA GLY C 114 28.55 -11.31 18.18
C GLY C 114 27.77 -11.95 17.05
N ALA C 115 27.25 -11.11 16.18
CA ALA C 115 26.42 -11.59 15.07
C ALA C 115 27.23 -12.13 13.91
N GLY C 116 28.52 -11.86 13.85
CA GLY C 116 29.38 -12.39 12.81
C GLY C 116 29.64 -11.39 11.70
N THR C 117 30.81 -11.52 11.07
CA THR C 117 31.22 -10.69 9.95
C THR C 117 31.62 -11.61 8.81
N THR C 118 31.00 -11.42 7.65
CA THR C 118 31.28 -12.24 6.47
C THR C 118 32.46 -11.66 5.71
N VAL C 119 33.45 -12.50 5.44
CA VAL C 119 34.59 -12.15 4.60
C VAL C 119 34.60 -13.09 3.41
N THR C 120 34.61 -12.53 2.21
CA THR C 120 34.66 -13.30 0.97
C THR C 120 35.95 -12.95 0.24
N VAL C 121 36.79 -13.96 0.00
CA VAL C 121 38.06 -13.79 -0.69
C VAL C 121 37.97 -14.52 -2.03
N SER C 122 38.13 -13.78 -3.13
CA SER C 122 38.02 -14.38 -4.45
C SER C 122 38.66 -13.45 -5.49
N LEU C 123 39.13 -14.06 -6.58
CA LEU C 123 39.59 -13.30 -7.74
C LEU C 123 38.51 -13.09 -8.79
N ALA C 124 37.43 -13.87 -8.74
CA ALA C 124 36.34 -13.64 -9.68
C ALA C 124 35.82 -12.22 -9.48
N ASP C 125 35.31 -11.64 -10.55
CA ASP C 125 34.98 -10.23 -10.40
C ASP C 125 33.49 -10.07 -10.10
N PRO C 126 33.13 -9.05 -9.32
CA PRO C 126 31.71 -8.80 -9.05
C PRO C 126 30.90 -8.68 -10.34
N SER C 127 29.75 -9.34 -10.35
CA SER C 127 28.81 -9.27 -11.45
C SER C 127 27.44 -8.99 -10.87
N ALA C 128 26.75 -7.99 -11.41
CA ALA C 128 25.43 -7.67 -10.92
C ALA C 128 24.43 -8.71 -11.40
N PRO C 129 23.36 -8.94 -10.64
CA PRO C 129 22.38 -9.95 -11.04
C PRO C 129 21.43 -9.45 -12.12
N SER C 130 20.97 -10.40 -12.93
CA SER C 130 19.76 -10.22 -13.72
C SER C 130 18.58 -10.72 -12.90
N VAL C 131 17.51 -9.93 -12.85
CA VAL C 131 16.32 -10.28 -12.07
C VAL C 131 15.19 -10.56 -13.04
N TYR C 132 14.67 -11.79 -13.00
CA TYR C 132 13.70 -12.26 -13.96
C TYR C 132 12.37 -12.55 -13.27
N PRO C 133 11.24 -12.02 -13.77
CA PRO C 133 9.95 -12.33 -13.15
C PRO C 133 9.46 -13.71 -13.53
N LEU C 134 8.86 -14.39 -12.56
CA LEU C 134 8.24 -15.70 -12.77
C LEU C 134 6.74 -15.51 -12.61
N ALA C 135 6.04 -15.38 -13.75
CA ALA C 135 4.59 -15.31 -13.77
C ALA C 135 4.00 -16.66 -14.15
N PRO C 136 2.83 -17.02 -13.63
CA PRO C 136 2.29 -18.36 -13.91
C PRO C 136 1.92 -18.52 -15.37
N VAL C 137 1.88 -19.80 -15.79
CA VAL C 137 1.52 -20.15 -17.15
C VAL C 137 0.29 -19.36 -17.57
N CYS C 138 0.32 -18.82 -18.80
CA CYS C 138 -0.83 -18.07 -19.31
C CYS C 138 -2.13 -18.84 -19.10
N GLY C 139 -2.07 -20.17 -19.05
CA GLY C 139 -3.25 -20.97 -18.84
C GLY C 139 -3.81 -20.74 -17.45
N ASP C 140 -4.96 -21.38 -17.21
CA ASP C 140 -5.77 -21.05 -16.04
C ASP C 140 -4.98 -21.17 -14.74
N THR C 141 -5.55 -20.57 -13.70
CA THR C 141 -5.18 -20.77 -12.30
C THR C 141 -6.49 -20.94 -11.56
N THR C 142 -6.90 -22.19 -11.31
CA THR C 142 -8.22 -22.48 -10.75
C THR C 142 -8.44 -21.88 -9.36
N GLY C 143 -8.20 -20.58 -9.23
CA GLY C 143 -8.41 -19.84 -8.00
C GLY C 143 -7.78 -20.31 -6.71
N SER C 144 -8.32 -19.78 -5.61
CA SER C 144 -7.79 -19.95 -4.26
C SER C 144 -6.51 -19.14 -4.10
N SER C 145 -5.35 -19.73 -4.40
CA SER C 145 -4.07 -19.08 -4.24
C SER C 145 -3.30 -19.12 -5.55
N VAL C 146 -2.43 -18.13 -5.74
CA VAL C 146 -1.54 -18.05 -6.88
C VAL C 146 -0.13 -17.84 -6.37
N THR C 147 0.84 -18.51 -7.00
CA THR C 147 2.23 -18.39 -6.64
C THR C 147 2.97 -17.62 -7.73
N LEU C 148 3.72 -16.60 -7.31
CA LEU C 148 4.60 -15.85 -8.19
C LEU C 148 6.04 -16.09 -7.76
N GLY C 149 6.98 -15.68 -8.62
CA GLY C 149 8.37 -15.94 -8.35
C GLY C 149 9.27 -14.85 -8.90
N CYS C 150 10.52 -14.90 -8.44
CA CYS C 150 11.55 -13.96 -8.86
C CYS C 150 12.87 -14.72 -8.94
N LEU C 151 13.49 -14.71 -10.11
CA LEU C 151 14.73 -15.45 -10.37
C LEU C 151 15.88 -14.48 -10.50
N VAL C 152 16.88 -14.64 -9.63
CA VAL C 152 18.04 -13.76 -9.55
C VAL C 152 19.24 -14.55 -10.05
N LYS C 153 19.71 -14.24 -11.25
CA LYS C 153 20.64 -15.10 -11.97
C LYS C 153 21.93 -14.36 -12.30
N GLY C 154 23.05 -15.05 -12.07
CA GLY C 154 24.33 -14.63 -12.60
C GLY C 154 25.00 -13.49 -11.86
N TYR C 155 25.08 -13.58 -10.53
CA TYR C 155 25.75 -12.55 -9.73
C TYR C 155 26.90 -13.16 -8.95
N PHE C 156 27.80 -12.27 -8.50
CA PHE C 156 28.91 -12.67 -7.66
C PHE C 156 29.45 -11.42 -7.00
N PRO C 157 29.87 -11.48 -5.72
CA PRO C 157 29.74 -12.61 -4.80
C PRO C 157 28.39 -12.63 -4.10
N GLU C 158 28.19 -13.58 -3.20
CA GLU C 158 27.09 -13.48 -2.26
C GLU C 158 27.32 -12.27 -1.35
N PRO C 159 26.25 -11.72 -0.74
CA PRO C 159 24.84 -12.12 -0.81
C PRO C 159 23.99 -11.16 -1.65
N VAL C 160 22.76 -11.57 -1.94
CA VAL C 160 21.72 -10.65 -2.37
C VAL C 160 20.66 -10.58 -1.28
N THR C 161 19.94 -9.46 -1.28
CA THR C 161 18.77 -9.27 -0.44
C THR C 161 17.54 -9.21 -1.31
N LEU C 162 16.53 -10.01 -0.97
CA LEU C 162 15.28 -10.06 -1.73
C LEU C 162 14.12 -9.84 -0.77
N THR C 163 13.23 -8.91 -1.13
CA THR C 163 11.97 -8.71 -0.44
C THR C 163 10.85 -8.66 -1.47
N TRP C 164 9.62 -8.73 -0.98
CA TRP C 164 8.44 -8.60 -1.82
C TRP C 164 7.62 -7.41 -1.35
N ASN C 165 7.31 -6.51 -2.27
CA ASN C 165 6.57 -5.28 -1.97
C ASN C 165 7.23 -4.53 -0.81
N SER C 166 8.55 -4.37 -0.92
CA SER C 166 9.34 -3.59 0.04
C SER C 166 9.24 -4.16 1.46
N GLY C 167 8.99 -5.45 1.59
CA GLY C 167 8.99 -6.12 2.87
C GLY C 167 7.62 -6.25 3.50
N SER C 168 6.60 -5.60 2.93
CA SER C 168 5.24 -5.70 3.43
C SER C 168 4.60 -7.04 3.10
N LEU C 169 5.30 -7.89 2.35
CA LEU C 169 4.84 -9.23 2.02
C LEU C 169 5.87 -10.21 2.56
N SER C 170 5.53 -10.88 3.65
CA SER C 170 6.44 -11.79 4.33
C SER C 170 5.84 -13.18 4.52
N SER C 171 4.54 -13.27 4.79
CA SER C 171 3.89 -14.57 4.80
C SER C 171 3.83 -15.15 3.39
N GLY C 172 3.98 -16.47 3.29
CA GLY C 172 3.93 -17.13 2.01
C GLY C 172 5.15 -16.94 1.14
N VAL C 173 6.26 -16.50 1.71
CA VAL C 173 7.49 -16.27 0.95
C VAL C 173 8.47 -17.41 1.24
N HIS C 174 9.06 -17.95 0.17
CA HIS C 174 10.18 -18.89 0.28
C HIS C 174 11.31 -18.38 -0.60
N THR C 175 12.41 -17.98 0.03
CA THR C 175 13.62 -17.58 -0.67
C THR C 175 14.63 -18.70 -0.54
N PHE C 176 15.07 -19.21 -1.67
CA PHE C 176 15.84 -20.44 -1.63
C PHE C 176 17.33 -20.15 -1.65
N PRO C 177 18.14 -20.96 -0.98
CA PRO C 177 19.59 -20.75 -1.00
C PRO C 177 20.12 -20.68 -2.42
N ALA C 178 21.12 -19.84 -2.63
CA ALA C 178 21.73 -19.70 -3.94
C ALA C 178 22.53 -20.95 -4.30
N VAL C 179 22.63 -21.20 -5.60
CA VAL C 179 23.44 -22.30 -6.13
C VAL C 179 24.58 -21.70 -6.94
N LEU C 180 25.78 -22.25 -6.75
CA LEU C 180 26.97 -21.79 -7.43
C LEU C 180 27.26 -22.70 -8.62
N GLN C 181 27.46 -22.10 -9.78
CA GLN C 181 27.93 -22.81 -10.96
C GLN C 181 28.90 -21.91 -11.70
N SER C 182 30.04 -22.47 -12.09
CA SER C 182 31.13 -21.69 -12.68
C SER C 182 31.63 -20.71 -11.63
N ASP C 183 31.37 -19.41 -11.80
CA ASP C 183 31.73 -18.41 -10.80
C ASP C 183 30.56 -17.44 -10.57
N LEU C 184 29.34 -17.93 -10.75
CA LEU C 184 28.16 -17.07 -10.62
C LEU C 184 27.08 -17.82 -9.83
N TYR C 185 26.33 -17.04 -9.05
CA TYR C 185 25.26 -17.57 -8.21
C TYR C 185 23.90 -17.35 -8.87
N THR C 186 22.96 -18.23 -8.53
CA THR C 186 21.57 -18.08 -8.96
C THR C 186 20.66 -18.32 -7.76
N LEU C 187 19.64 -17.47 -7.65
CA LEU C 187 18.80 -17.40 -6.48
C LEU C 187 17.36 -17.27 -6.95
N SER C 188 16.45 -18.03 -6.36
CA SER C 188 15.04 -17.95 -6.66
C SER C 188 14.24 -17.67 -5.39
N SER C 189 13.08 -17.04 -5.56
CA SER C 189 12.18 -16.76 -4.46
C SER C 189 10.75 -16.83 -4.97
N SER C 190 9.88 -17.47 -4.18
CA SER C 190 8.47 -17.57 -4.50
C SER C 190 7.65 -16.84 -3.46
N VAL C 191 6.50 -16.33 -3.90
CA VAL C 191 5.51 -15.74 -3.00
C VAL C 191 4.14 -16.27 -3.42
N THR C 192 3.33 -16.63 -2.42
CA THR C 192 2.00 -17.17 -2.64
C THR C 192 0.99 -16.25 -1.97
N VAL C 193 0.00 -15.81 -2.74
CA VAL C 193 -1.01 -14.89 -2.25
C VAL C 193 -2.38 -15.40 -2.65
N THR C 194 -3.41 -14.77 -2.08
CA THR C 194 -4.79 -15.06 -2.45
C THR C 194 -5.02 -14.70 -3.92
N SER C 195 -5.81 -15.53 -4.61
CA SER C 195 -6.03 -15.31 -6.03
C SER C 195 -6.63 -13.94 -6.28
N SER C 196 -7.41 -13.43 -5.33
CA SER C 196 -7.97 -12.09 -5.44
C SER C 196 -6.94 -10.99 -5.25
N THR C 197 -5.72 -11.32 -4.83
CA THR C 197 -4.70 -10.30 -4.58
C THR C 197 -3.90 -9.97 -5.83
N TRP C 198 -3.74 -10.92 -6.75
CA TRP C 198 -2.97 -10.71 -7.97
C TRP C 198 -3.78 -11.31 -9.12
N PRO C 199 -3.82 -10.65 -10.29
CA PRO C 199 -3.09 -9.46 -10.73
C PRO C 199 -3.78 -8.12 -10.43
N SER C 200 -4.92 -8.14 -9.73
CA SER C 200 -5.62 -6.90 -9.44
C SER C 200 -4.75 -5.92 -8.67
N GLN C 201 -3.90 -6.44 -7.77
CA GLN C 201 -2.95 -5.64 -7.00
C GLN C 201 -1.52 -6.05 -7.33
N SER C 202 -0.64 -5.07 -7.42
CA SER C 202 0.70 -5.27 -7.93
C SER C 202 1.56 -6.07 -6.95
N ILE C 203 2.49 -6.84 -7.49
CA ILE C 203 3.45 -7.61 -6.69
C ILE C 203 4.83 -7.42 -7.32
N THR C 204 5.80 -6.99 -6.51
CA THR C 204 7.13 -6.64 -6.97
C THR C 204 8.18 -7.27 -6.05
N CYS C 205 9.19 -7.91 -6.64
CA CYS C 205 10.35 -8.35 -5.88
C CYS C 205 11.41 -7.25 -5.91
N ASN C 206 12.04 -7.03 -4.76
CA ASN C 206 13.08 -6.01 -4.62
C ASN C 206 14.38 -6.72 -4.31
N VAL C 207 15.38 -6.54 -5.17
CA VAL C 207 16.65 -7.25 -5.08
C VAL C 207 17.77 -6.24 -4.91
N ALA C 208 18.60 -6.46 -3.89
CA ALA C 208 19.77 -5.62 -3.64
C ALA C 208 21.02 -6.50 -3.70
N HIS C 209 22.02 -6.05 -4.45
CA HIS C 209 23.32 -6.72 -4.53
C HIS C 209 24.37 -5.70 -4.12
N PRO C 210 24.65 -5.58 -2.82
CA PRO C 210 25.55 -4.49 -2.38
C PRO C 210 26.93 -4.54 -3.01
N ALA C 211 27.49 -5.73 -3.23
CA ALA C 211 28.85 -5.81 -3.74
C ALA C 211 29.00 -5.14 -5.10
N SER C 212 27.94 -5.15 -5.91
CA SER C 212 27.94 -4.43 -7.18
C SER C 212 27.18 -3.12 -7.09
N SER C 213 26.73 -2.73 -5.90
CA SER C 213 26.02 -1.47 -5.70
C SER C 213 24.81 -1.38 -6.61
N THR C 214 24.00 -2.44 -6.62
CA THR C 214 22.88 -2.58 -7.52
C THR C 214 21.60 -2.87 -6.74
N LYS C 215 20.51 -2.24 -7.16
CA LYS C 215 19.17 -2.58 -6.69
C LYS C 215 18.25 -2.70 -7.88
N VAL C 216 17.38 -3.71 -7.86
CA VAL C 216 16.44 -3.97 -8.95
C VAL C 216 15.06 -4.22 -8.36
N ASP C 217 14.05 -3.59 -8.93
CA ASP C 217 12.65 -3.90 -8.66
C ASP C 217 12.03 -4.47 -9.93
N LYS C 218 11.40 -5.63 -9.82
CA LYS C 218 10.72 -6.26 -10.94
C LYS C 218 9.27 -6.52 -10.57
N LYS C 219 8.36 -5.80 -11.20
CA LYS C 219 6.93 -6.04 -11.00
C LYS C 219 6.51 -7.24 -11.86
N ILE C 220 5.83 -8.20 -11.23
CA ILE C 220 5.40 -9.40 -11.92
C ILE C 220 4.13 -9.07 -12.70
N GLU C 221 4.20 -9.20 -14.04
CA GLU C 221 3.05 -8.87 -14.87
C GLU C 221 2.35 -10.14 -15.35
N PRO C 222 1.03 -10.10 -15.53
CA PRO C 222 0.35 -11.22 -16.17
C PRO C 222 0.80 -11.36 -17.61
N ARG C 223 0.97 -12.61 -18.05
CA ARG C 223 1.35 -12.90 -19.42
C ARG C 223 0.11 -13.20 -20.26
N GLY C 224 0.04 -12.58 -21.43
CA GLY C 224 -1.09 -12.74 -22.32
C GLY C 224 -0.75 -12.44 -23.76
N ASP D 1 44.97 -31.61 17.89
CA ASP D 1 43.72 -31.02 18.44
C ASP D 1 42.75 -32.12 18.87
N ILE D 2 41.92 -31.80 19.86
CA ILE D 2 40.86 -32.71 20.29
C ILE D 2 39.68 -32.56 19.33
N VAL D 3 39.31 -33.64 18.67
CA VAL D 3 38.23 -33.64 17.68
C VAL D 3 36.92 -33.94 18.39
N MET D 4 35.93 -33.07 18.19
CA MET D 4 34.60 -33.25 18.75
C MET D 4 33.68 -33.72 17.64
N THR D 5 33.05 -34.87 17.83
CA THR D 5 32.27 -35.54 16.79
C THR D 5 30.82 -35.61 17.21
N GLN D 6 29.95 -35.01 16.42
CA GLN D 6 28.50 -35.16 16.55
C GLN D 6 28.03 -35.99 15.35
N SER D 7 27.88 -37.30 15.56
CA SER D 7 27.62 -38.23 14.47
C SER D 7 26.24 -38.08 13.87
N GLN D 8 25.29 -37.54 14.62
CA GLN D 8 23.93 -37.30 14.11
C GLN D 8 23.90 -35.91 13.47
N LYS D 9 23.55 -35.86 12.19
CA LYS D 9 23.44 -34.57 11.52
C LYS D 9 22.07 -33.93 11.77
N PHE D 10 21.02 -34.75 11.79
CA PHE D 10 19.68 -34.28 12.07
C PHE D 10 19.02 -35.18 13.12
N MET D 11 18.02 -34.60 13.78
CA MET D 11 17.15 -35.34 14.68
C MET D 11 15.73 -34.82 14.51
N SER D 12 14.76 -35.65 14.86
CA SER D 12 13.36 -35.28 14.75
C SER D 12 12.64 -35.66 16.04
N ALA D 13 11.75 -34.79 16.48
CA ALA D 13 10.96 -35.02 17.68
C ALA D 13 9.63 -34.31 17.54
N SER D 14 8.59 -34.92 18.11
CA SER D 14 7.31 -34.25 18.20
C SER D 14 7.31 -33.29 19.39
N VAL D 15 6.44 -32.29 19.32
CA VAL D 15 6.26 -31.40 20.45
C VAL D 15 5.83 -32.23 21.65
N GLY D 16 6.52 -32.05 22.78
CA GLY D 16 6.27 -32.82 23.97
C GLY D 16 7.18 -34.01 24.15
N ASP D 17 7.93 -34.39 23.11
CA ASP D 17 8.80 -35.56 23.16
C ASP D 17 10.08 -35.24 23.94
N ARG D 18 10.90 -36.27 24.11
CA ARG D 18 12.22 -36.16 24.70
C ARG D 18 13.25 -36.63 23.66
N VAL D 19 14.28 -35.82 23.42
CA VAL D 19 15.27 -36.12 22.40
C VAL D 19 16.66 -35.82 22.96
N SER D 20 17.67 -36.51 22.42
CA SER D 20 19.03 -36.44 22.94
C SER D 20 20.01 -36.23 21.79
N VAL D 21 20.95 -35.30 21.98
CA VAL D 21 22.06 -35.07 21.06
C VAL D 21 23.32 -35.61 21.69
N THR D 22 24.13 -36.31 20.89
CA THR D 22 25.36 -36.91 21.38
C THR D 22 26.57 -36.14 20.85
N CYS D 23 27.66 -36.22 21.61
CA CYS D 23 28.91 -35.54 21.26
C CYS D 23 30.06 -36.40 21.77
N LYS D 24 30.97 -36.77 20.89
CA LYS D 24 32.09 -37.64 21.22
C LYS D 24 33.39 -36.85 21.11
N ALA D 25 34.24 -36.97 22.13
CA ALA D 25 35.56 -36.35 22.12
C ALA D 25 36.60 -37.40 21.79
N SER D 26 37.57 -37.02 20.96
CA SER D 26 38.62 -37.95 20.56
C SER D 26 39.59 -38.26 21.70
N GLN D 27 39.58 -37.44 22.76
CA GLN D 27 40.40 -37.69 23.95
C GLN D 27 39.58 -37.39 25.18
N ASN D 28 40.08 -37.84 26.32
CA ASN D 28 39.44 -37.58 27.60
C ASN D 28 39.48 -36.09 27.92
N VAL D 29 38.31 -35.48 28.09
CA VAL D 29 38.19 -34.07 28.45
C VAL D 29 37.50 -33.91 29.80
N GLY D 30 37.40 -34.99 30.56
CA GLY D 30 36.77 -34.93 31.87
C GLY D 30 35.35 -34.38 31.76
N THR D 31 35.11 -33.29 32.48
CA THR D 31 33.80 -32.64 32.50
C THR D 31 33.82 -31.29 31.80
N HIS D 32 34.91 -30.94 31.12
CA HIS D 32 35.10 -29.62 30.54
C HIS D 32 34.42 -29.58 29.18
N LEU D 33 33.09 -29.42 29.21
CA LEU D 33 32.29 -29.44 28.00
C LEU D 33 31.12 -28.48 28.12
N ALA D 34 30.84 -27.79 27.01
CA ALA D 34 29.71 -26.88 26.93
C ALA D 34 28.82 -27.24 25.74
N TRP D 35 27.54 -26.89 25.85
CA TRP D 35 26.57 -27.06 24.77
C TRP D 35 26.00 -25.70 24.40
N TYR D 36 25.76 -25.48 23.10
CA TYR D 36 25.19 -24.24 22.61
C TYR D 36 23.98 -24.53 21.74
N GLN D 37 23.09 -23.54 21.66
CA GLN D 37 21.93 -23.56 20.77
C GLN D 37 22.02 -22.38 19.82
N GLN D 38 21.91 -22.67 18.52
CA GLN D 38 21.93 -21.63 17.50
C GLN D 38 20.68 -21.76 16.64
N LYS D 39 19.75 -20.82 16.78
CA LYS D 39 18.59 -20.76 15.90
C LYS D 39 19.00 -20.23 14.54
N PRO D 40 18.19 -20.48 13.50
CA PRO D 40 18.57 -20.05 12.15
C PRO D 40 18.79 -18.54 12.09
N GLY D 41 19.95 -18.15 11.57
CA GLY D 41 20.29 -16.74 11.43
C GLY D 41 20.58 -16.02 12.73
N GLN D 42 20.19 -16.61 13.86
CA GLN D 42 20.31 -15.95 15.15
C GLN D 42 21.69 -16.22 15.74
N SER D 43 21.99 -15.55 16.84
CA SER D 43 23.30 -15.69 17.48
C SER D 43 23.29 -16.90 18.41
N PRO D 44 24.32 -17.75 18.37
CA PRO D 44 24.32 -18.92 19.27
C PRO D 44 24.36 -18.49 20.73
N LYS D 45 23.74 -19.31 21.58
CA LYS D 45 23.62 -19.03 22.99
C LYS D 45 24.02 -20.26 23.80
N ALA D 46 24.57 -20.03 24.99
CA ALA D 46 25.06 -21.11 25.83
C ALA D 46 23.90 -21.79 26.55
N LEU D 47 23.97 -23.12 26.60
CA LEU D 47 22.99 -23.94 27.30
C LEU D 47 23.57 -24.62 28.53
N ILE D 48 24.67 -25.33 28.36
CA ILE D 48 25.27 -26.17 29.40
C ILE D 48 26.76 -25.87 29.45
N TYR D 49 27.33 -25.90 30.64
CA TYR D 49 28.77 -25.89 30.83
C TYR D 49 29.11 -26.90 31.91
N SER D 50 30.39 -27.26 31.98
CA SER D 50 30.83 -28.29 32.91
C SER D 50 30.01 -29.57 32.72
N ALA D 51 29.69 -29.87 31.46
CA ALA D 51 29.02 -31.09 31.05
C ALA D 51 27.54 -31.14 31.44
N SER D 52 27.17 -30.66 32.63
CA SER D 52 25.82 -30.84 33.12
C SER D 52 25.21 -29.64 33.84
N TYR D 53 25.92 -28.52 33.95
CA TYR D 53 25.40 -27.36 34.66
C TYR D 53 24.66 -26.44 33.69
N ARG D 54 23.41 -26.13 34.01
CA ARG D 54 22.62 -25.24 33.17
C ARG D 54 23.07 -23.79 33.34
N TYR D 55 23.30 -23.11 32.22
CA TYR D 55 23.56 -21.69 32.25
C TYR D 55 22.33 -20.94 32.72
N SER D 56 22.55 -19.83 33.42
CA SER D 56 21.44 -19.13 34.06
C SER D 56 20.42 -18.70 33.03
N GLY D 57 19.13 -18.96 33.34
CA GLY D 57 18.04 -18.63 32.45
C GLY D 57 17.61 -19.75 31.53
N VAL D 58 18.33 -20.84 31.49
CA VAL D 58 17.99 -21.94 30.58
C VAL D 58 16.93 -22.83 31.23
N PRO D 59 15.83 -23.13 30.55
CA PRO D 59 14.81 -23.99 31.15
C PRO D 59 15.37 -25.32 31.62
N ASP D 60 14.74 -25.88 32.64
CA ASP D 60 15.19 -27.15 33.20
C ASP D 60 14.87 -28.33 32.28
N ARG D 61 14.25 -28.08 31.12
CA ARG D 61 14.04 -29.14 30.15
C ARG D 61 15.34 -29.55 29.48
N PHE D 62 16.38 -28.73 29.59
CA PHE D 62 17.69 -29.03 29.04
C PHE D 62 18.58 -29.65 30.11
N THR D 63 19.00 -30.88 29.89
CA THR D 63 19.92 -31.55 30.80
C THR D 63 21.13 -32.05 30.04
N GLY D 64 22.27 -32.04 30.71
CA GLY D 64 23.51 -32.56 30.15
C GLY D 64 24.06 -33.67 31.02
N SER D 65 24.76 -34.61 30.39
CA SER D 65 25.35 -35.71 31.12
C SER D 65 26.60 -36.19 30.41
N GLY D 66 27.40 -36.96 31.13
CA GLY D 66 28.60 -37.57 30.58
C GLY D 66 29.86 -36.93 31.14
N SER D 67 30.96 -37.68 31.01
CA SER D 67 32.28 -37.20 31.36
C SER D 67 33.29 -38.14 30.73
N GLY D 68 34.47 -37.61 30.43
CA GLY D 68 35.46 -38.35 29.69
C GLY D 68 35.38 -38.05 28.20
N THR D 69 34.67 -38.89 27.44
CA THR D 69 34.61 -38.71 25.99
C THR D 69 33.20 -38.71 25.41
N ASP D 70 32.18 -39.15 26.14
CA ASP D 70 30.83 -39.33 25.60
C ASP D 70 29.88 -38.42 26.36
N PHE D 71 29.24 -37.51 25.64
CA PHE D 71 28.38 -36.49 26.24
C PHE D 71 27.04 -36.46 25.52
N THR D 72 26.00 -36.12 26.29
CA THR D 72 24.63 -36.14 25.79
C THR D 72 23.90 -34.92 26.29
N LEU D 73 23.30 -34.17 25.35
CA LEU D 73 22.34 -33.12 25.69
C LEU D 73 20.95 -33.69 25.48
N THR D 74 20.12 -33.61 26.51
CA THR D 74 18.76 -34.12 26.46
C THR D 74 17.78 -32.96 26.55
N ILE D 75 16.83 -32.92 25.63
CA ILE D 75 15.78 -31.91 25.62
C ILE D 75 14.48 -32.61 25.94
N SER D 76 13.92 -32.33 27.10
CA SER D 76 12.64 -32.88 27.51
C SER D 76 11.51 -31.93 27.13
N ASN D 77 10.33 -32.49 26.90
CA ASN D 77 9.14 -31.70 26.57
C ASN D 77 9.46 -30.70 25.45
N VAL D 78 9.85 -31.25 24.31
CA VAL D 78 10.32 -30.43 23.20
C VAL D 78 9.25 -29.39 22.84
N GLN D 79 9.70 -28.15 22.67
CA GLN D 79 8.82 -27.04 22.31
C GLN D 79 9.11 -26.58 20.89
N SER D 80 8.20 -25.76 20.36
CA SER D 80 8.36 -25.27 19.00
C SER D 80 9.65 -24.47 18.84
N GLY D 81 9.96 -23.62 19.82
CA GLY D 81 11.15 -22.79 19.75
C GLY D 81 12.45 -23.57 19.74
N ASP D 82 12.42 -24.83 20.15
CA ASP D 82 13.63 -25.65 20.17
C ASP D 82 14.15 -25.99 18.78
N LEU D 83 13.44 -25.61 17.72
CA LEU D 83 13.91 -25.79 16.35
C LEU D 83 15.21 -24.99 16.16
N ALA D 84 16.34 -25.69 16.09
CA ALA D 84 17.63 -25.01 16.09
C ALA D 84 18.79 -25.99 15.93
N ASP D 85 20.01 -25.46 15.83
CA ASP D 85 21.22 -26.27 15.83
C ASP D 85 21.81 -26.33 17.23
N TYR D 86 22.38 -27.48 17.56
CA TYR D 86 23.01 -27.70 18.86
C TYR D 86 24.41 -28.25 18.62
N PHE D 87 25.40 -27.66 19.28
CA PHE D 87 26.78 -28.12 19.13
C PHE D 87 27.50 -28.03 20.45
N CYS D 88 28.45 -28.94 20.64
CA CYS D 88 29.24 -29.04 21.86
C CYS D 88 30.58 -28.32 21.68
N GLN D 89 31.22 -28.05 22.81
CA GLN D 89 32.53 -27.40 22.82
C GLN D 89 33.38 -27.98 23.95
N GLN D 90 34.59 -28.39 23.61
CA GLN D 90 35.58 -28.84 24.58
C GLN D 90 36.46 -27.67 24.99
N TYR D 91 36.74 -27.58 26.29
CA TYR D 91 37.71 -26.60 26.79
C TYR D 91 38.65 -27.23 27.82
N ASN D 92 38.92 -28.53 27.67
CA ASN D 92 39.91 -29.18 28.52
C ASN D 92 41.33 -28.79 28.11
N ASN D 93 41.54 -28.50 26.83
CA ASN D 93 42.84 -28.13 26.32
C ASN D 93 42.67 -27.03 25.28
N PHE D 94 43.63 -26.12 25.23
CA PHE D 94 43.68 -25.22 24.09
C PHE D 94 44.44 -25.88 22.95
N PRO D 95 44.06 -25.67 21.68
CA PRO D 95 42.97 -24.80 21.24
C PRO D 95 41.59 -25.39 21.51
N LEU D 96 40.65 -24.52 21.90
CA LEU D 96 39.26 -24.94 22.03
C LEU D 96 38.76 -25.47 20.69
N THR D 97 37.97 -26.54 20.74
CA THR D 97 37.42 -27.15 19.54
C THR D 97 35.93 -27.37 19.71
N PHE D 98 35.22 -27.37 18.58
CA PHE D 98 33.77 -27.46 18.55
C PHE D 98 33.34 -28.67 17.73
N GLY D 99 32.12 -29.13 18.02
CA GLY D 99 31.46 -30.08 17.15
C GLY D 99 30.77 -29.40 15.99
N ALA D 100 30.51 -30.18 14.93
CA ALA D 100 29.94 -29.64 13.71
C ALA D 100 28.46 -29.30 13.83
N GLY D 101 27.79 -29.75 14.89
CA GLY D 101 26.42 -29.37 15.15
C GLY D 101 25.42 -30.45 14.76
N THR D 102 24.25 -30.37 15.38
CA THR D 102 23.14 -31.27 15.09
C THR D 102 21.87 -30.44 15.04
N LYS D 103 21.13 -30.54 13.93
CA LYS D 103 19.91 -29.77 13.73
C LYS D 103 18.72 -30.57 14.26
N LEU D 104 17.89 -29.93 15.06
CA LEU D 104 16.69 -30.54 15.60
C LEU D 104 15.51 -30.23 14.69
N GLU D 105 14.91 -31.26 14.11
CA GLU D 105 13.71 -31.13 13.31
C GLU D 105 12.48 -31.39 14.16
N ILE D 106 11.40 -30.68 13.86
CA ILE D 106 10.12 -30.88 14.50
C ILE D 106 9.26 -31.78 13.61
N LYS D 107 8.65 -32.80 14.21
CA LYS D 107 7.75 -33.66 13.46
C LYS D 107 6.39 -32.96 13.28
N ARG D 108 5.72 -33.31 12.19
CA ARG D 108 4.39 -32.76 11.92
C ARG D 108 3.68 -33.71 10.95
N ALA D 109 2.45 -33.37 10.62
CA ALA D 109 1.63 -34.22 9.76
C ALA D 109 2.17 -34.24 8.34
N ASP D 110 2.04 -35.39 7.68
CA ASP D 110 2.44 -35.50 6.29
C ASP D 110 1.69 -34.47 5.45
N ALA D 111 2.38 -33.92 4.45
CA ALA D 111 1.79 -32.90 3.60
C ALA D 111 2.39 -32.99 2.21
N ALA D 112 1.53 -33.09 1.20
CA ALA D 112 1.99 -33.14 -0.18
C ALA D 112 2.48 -31.77 -0.63
N PRO D 113 3.44 -31.71 -1.56
CA PRO D 113 3.94 -30.41 -2.01
C PRO D 113 2.94 -29.69 -2.90
N THR D 114 2.96 -28.36 -2.80
CA THR D 114 2.23 -27.49 -3.71
C THR D 114 3.19 -27.11 -4.84
N VAL D 115 2.90 -27.56 -6.06
CA VAL D 115 3.83 -27.49 -7.18
C VAL D 115 3.37 -26.39 -8.13
N SER D 116 4.32 -25.56 -8.55
CA SER D 116 4.08 -24.50 -9.53
C SER D 116 5.24 -24.47 -10.52
N ILE D 117 4.94 -24.35 -11.80
CA ILE D 117 5.95 -24.30 -12.86
C ILE D 117 5.86 -22.94 -13.55
N PHE D 118 7.01 -22.41 -13.96
CA PHE D 118 7.08 -21.09 -14.56
C PHE D 118 7.93 -21.14 -15.82
N PRO D 119 7.44 -20.64 -16.95
CA PRO D 119 8.27 -20.59 -18.17
C PRO D 119 9.35 -19.54 -18.06
N PRO D 120 10.32 -19.52 -18.97
CA PRO D 120 11.30 -18.43 -18.99
C PRO D 120 10.64 -17.10 -19.30
N SER D 121 11.13 -16.05 -18.66
CA SER D 121 10.66 -14.70 -18.94
C SER D 121 11.14 -14.24 -20.32
N SER D 122 10.38 -13.30 -20.89
CA SER D 122 10.82 -12.71 -22.16
C SER D 122 12.11 -11.94 -21.98
N GLU D 123 12.36 -11.40 -20.79
CA GLU D 123 13.63 -10.73 -20.52
C GLU D 123 14.80 -11.69 -20.70
N GLN D 124 14.74 -12.85 -20.04
CA GLN D 124 15.84 -13.80 -20.14
C GLN D 124 16.01 -14.29 -21.57
N LEU D 125 14.90 -14.51 -22.27
CA LEU D 125 14.98 -14.97 -23.66
C LEU D 125 15.65 -13.93 -24.54
N THR D 126 15.42 -12.65 -24.27
CA THR D 126 16.11 -11.59 -24.99
C THR D 126 17.63 -11.74 -24.90
N SER D 127 18.13 -12.23 -23.77
CA SER D 127 19.56 -12.42 -23.57
C SER D 127 20.03 -13.81 -24.01
N GLY D 128 19.18 -14.60 -24.64
CA GLY D 128 19.57 -15.89 -25.14
C GLY D 128 19.52 -17.02 -24.14
N GLY D 129 18.92 -16.80 -22.97
CA GLY D 129 18.79 -17.84 -21.96
C GLY D 129 17.35 -18.27 -21.76
N ALA D 130 17.14 -19.42 -21.13
CA ALA D 130 15.78 -19.94 -20.94
C ALA D 130 15.79 -20.87 -19.73
N SER D 131 15.47 -20.32 -18.56
CA SER D 131 15.37 -21.10 -17.33
C SER D 131 13.90 -21.38 -17.03
N VAL D 132 13.59 -22.66 -16.77
CA VAL D 132 12.27 -23.08 -16.33
C VAL D 132 12.36 -23.41 -14.85
N VAL D 133 11.49 -22.81 -14.05
CA VAL D 133 11.54 -22.93 -12.59
C VAL D 133 10.31 -23.70 -12.11
N CYS D 134 10.56 -24.62 -11.18
CA CYS D 134 9.49 -25.38 -10.53
C CYS D 134 9.66 -25.25 -9.02
N PHE D 135 8.63 -24.75 -8.34
CA PHE D 135 8.61 -24.69 -6.89
C PHE D 135 7.81 -25.86 -6.34
N LEU D 136 8.35 -26.51 -5.31
CA LEU D 136 7.69 -27.59 -4.58
C LEU D 136 7.67 -27.16 -3.12
N ASN D 137 6.54 -26.60 -2.68
CA ASN D 137 6.49 -25.84 -1.44
C ASN D 137 5.64 -26.52 -0.38
N ASN D 138 6.13 -26.44 0.86
CA ASN D 138 5.38 -26.79 2.06
C ASN D 138 4.94 -28.26 2.06
N PHE D 139 5.94 -29.14 2.11
CA PHE D 139 5.71 -30.57 2.20
C PHE D 139 6.44 -31.15 3.41
N TYR D 140 6.01 -32.34 3.83
CA TYR D 140 6.64 -33.06 4.92
C TYR D 140 6.36 -34.54 4.72
N PRO D 141 7.33 -35.44 4.94
CA PRO D 141 8.72 -35.21 5.37
C PRO D 141 9.61 -34.60 4.29
N LYS D 142 10.90 -34.41 4.61
CA LYS D 142 11.77 -33.60 3.76
C LYS D 142 12.14 -34.29 2.45
N ASP D 143 12.13 -35.62 2.40
CA ASP D 143 12.56 -36.32 1.20
C ASP D 143 11.58 -36.09 0.05
N ILE D 144 12.10 -35.72 -1.11
CA ILE D 144 11.28 -35.46 -2.28
C ILE D 144 12.13 -35.71 -3.51
N ASN D 145 11.47 -36.01 -4.63
CA ASN D 145 12.13 -36.28 -5.90
C ASN D 145 11.49 -35.44 -6.99
N VAL D 146 12.33 -34.82 -7.82
CA VAL D 146 11.87 -33.98 -8.92
C VAL D 146 12.39 -34.57 -10.23
N LYS D 147 11.51 -34.66 -11.23
CA LYS D 147 11.87 -35.14 -12.56
C LYS D 147 11.37 -34.15 -13.58
N TRP D 148 12.26 -33.72 -14.48
CA TRP D 148 11.94 -32.84 -15.59
C TRP D 148 11.74 -33.64 -16.87
N LYS D 149 10.71 -33.28 -17.63
CA LYS D 149 10.45 -33.90 -18.93
C LYS D 149 10.30 -32.81 -19.99
N ILE D 150 10.95 -33.01 -21.14
CA ILE D 150 10.80 -32.15 -22.30
C ILE D 150 10.21 -33.00 -23.42
N ASP D 151 9.08 -32.56 -23.97
CA ASP D 151 8.37 -33.34 -24.98
C ASP D 151 8.17 -34.78 -24.53
N GLY D 152 7.89 -34.95 -23.24
CA GLY D 152 7.51 -36.23 -22.69
C GLY D 152 8.64 -37.13 -22.24
N SER D 153 9.89 -36.78 -22.52
CA SER D 153 11.03 -37.62 -22.17
C SER D 153 11.90 -36.92 -21.12
N GLU D 154 12.38 -37.71 -20.17
CA GLU D 154 13.13 -37.18 -19.02
C GLU D 154 14.34 -36.38 -19.47
N ARG D 155 14.68 -35.38 -18.68
CA ARG D 155 15.84 -34.53 -18.91
C ARG D 155 16.60 -34.34 -17.61
N GLN D 156 17.90 -34.61 -17.65
CA GLN D 156 18.73 -34.71 -16.46
C GLN D 156 19.74 -33.57 -16.33
N ASN D 157 20.33 -33.13 -17.43
CA ASN D 157 21.35 -32.09 -17.39
C ASN D 157 20.71 -30.71 -17.41
N GLY D 158 21.45 -29.73 -16.88
CA GLY D 158 20.94 -28.39 -16.79
C GLY D 158 20.04 -28.11 -15.61
N VAL D 159 19.93 -29.06 -14.68
CA VAL D 159 19.03 -28.94 -13.53
C VAL D 159 19.84 -28.57 -12.30
N LEU D 160 19.40 -27.54 -11.59
CA LEU D 160 20.00 -27.14 -10.32
C LEU D 160 18.91 -27.00 -9.29
N ASN D 161 19.12 -27.58 -8.11
CA ASN D 161 18.11 -27.64 -7.07
C ASN D 161 18.57 -26.91 -5.82
N SER D 162 17.60 -26.43 -5.05
CA SER D 162 17.86 -25.74 -3.80
C SER D 162 16.76 -26.08 -2.80
N TRP D 163 17.15 -26.32 -1.55
CA TRP D 163 16.23 -26.72 -0.49
C TRP D 163 16.27 -25.71 0.63
N THR D 164 15.11 -25.48 1.26
CA THR D 164 15.02 -24.60 2.42
C THR D 164 15.21 -25.38 3.71
N ASP D 165 15.58 -24.66 4.77
CA ASP D 165 15.51 -25.21 6.11
C ASP D 165 14.05 -25.40 6.51
N GLN D 166 13.83 -26.23 7.52
CA GLN D 166 12.48 -26.44 8.02
C GLN D 166 11.87 -25.11 8.44
N ASP D 167 10.68 -24.82 7.92
CA ASP D 167 9.99 -23.58 8.25
C ASP D 167 9.69 -23.52 9.74
N SER D 168 9.98 -22.37 10.35
CA SER D 168 9.81 -22.21 11.79
C SER D 168 8.35 -22.04 12.20
N LYS D 169 7.44 -21.78 11.26
CA LYS D 169 6.04 -21.55 11.57
C LYS D 169 5.14 -22.76 11.32
N ASP D 170 5.39 -23.54 10.26
CA ASP D 170 4.56 -24.70 9.96
C ASP D 170 5.36 -26.00 9.82
N SER D 171 6.67 -25.97 10.02
CA SER D 171 7.49 -27.17 10.09
C SER D 171 7.54 -27.92 8.77
N THR D 172 7.24 -27.26 7.65
CA THR D 172 7.32 -27.88 6.34
C THR D 172 8.65 -27.57 5.66
N TYR D 173 8.89 -28.26 4.55
CA TYR D 173 10.06 -28.04 3.73
C TYR D 173 9.61 -27.59 2.34
N SER D 174 10.50 -26.89 1.65
CA SER D 174 10.26 -26.43 0.30
C SER D 174 11.52 -26.65 -0.54
N MET D 175 11.32 -26.69 -1.86
CA MET D 175 12.41 -26.97 -2.77
C MET D 175 12.17 -26.20 -4.05
N SER D 176 13.26 -25.76 -4.67
CA SER D 176 13.22 -25.09 -5.95
C SER D 176 14.10 -25.84 -6.94
N SER D 177 13.59 -26.07 -8.15
CA SER D 177 14.30 -26.77 -9.19
C SER D 177 14.27 -25.92 -10.45
N THR D 178 15.43 -25.69 -11.04
CA THR D 178 15.56 -24.83 -12.22
C THR D 178 16.24 -25.62 -13.34
N LEU D 179 15.55 -25.75 -14.46
CA LEU D 179 16.13 -26.30 -15.67
C LEU D 179 16.48 -25.15 -16.60
N THR D 180 17.77 -25.00 -16.91
CA THR D 180 18.26 -23.91 -17.73
C THR D 180 18.71 -24.46 -19.07
N LEU D 181 18.08 -23.99 -20.14
CA LEU D 181 18.51 -24.25 -21.50
C LEU D 181 18.91 -22.94 -22.14
N THR D 182 19.59 -23.04 -23.27
CA THR D 182 19.71 -21.90 -24.15
C THR D 182 18.38 -21.63 -24.84
N ARG D 183 18.19 -20.39 -25.28
CA ARG D 183 17.00 -20.06 -26.07
C ARG D 183 16.91 -20.97 -27.30
N ASP D 184 18.05 -21.24 -27.93
CA ASP D 184 18.06 -22.08 -29.13
C ASP D 184 17.45 -23.45 -28.83
N GLU D 185 17.95 -24.13 -27.78
CA GLU D 185 17.37 -25.40 -27.38
C GLU D 185 15.91 -25.24 -26.98
N TYR D 186 15.60 -24.21 -26.19
CA TYR D 186 14.26 -24.07 -25.63
C TYR D 186 13.22 -23.93 -26.74
N GLU D 187 13.56 -23.20 -27.81
CA GLU D 187 12.62 -22.98 -28.90
C GLU D 187 12.52 -24.17 -29.86
N ARG D 188 13.20 -25.27 -29.57
CA ARG D 188 13.11 -26.46 -30.40
C ARG D 188 12.18 -27.53 -29.81
N HIS D 189 11.53 -27.24 -28.68
CA HIS D 189 10.62 -28.16 -28.01
C HIS D 189 9.31 -27.46 -27.67
N ASN D 190 8.34 -28.26 -27.25
CA ASN D 190 6.98 -27.78 -27.00
C ASN D 190 6.56 -27.91 -25.55
N SER D 191 6.59 -29.11 -24.98
CA SER D 191 6.07 -29.36 -23.64
C SER D 191 7.20 -29.39 -22.63
N TYR D 192 7.04 -28.64 -21.54
CA TYR D 192 7.96 -28.68 -20.41
C TYR D 192 7.18 -29.09 -19.17
N THR D 193 7.68 -30.10 -18.46
CA THR D 193 6.93 -30.75 -17.40
C THR D 193 7.81 -30.92 -16.16
N CYS D 194 7.26 -30.55 -15.01
CA CYS D 194 7.87 -30.78 -13.72
C CYS D 194 7.06 -31.82 -12.95
N GLU D 195 7.73 -32.86 -12.45
CA GLU D 195 7.06 -33.99 -11.81
C GLU D 195 7.64 -34.17 -10.42
N ALA D 196 6.77 -34.10 -9.40
CA ALA D 196 7.18 -34.22 -8.01
C ALA D 196 6.67 -35.54 -7.46
N THR D 197 7.59 -36.35 -6.92
CA THR D 197 7.25 -37.61 -6.27
C THR D 197 7.53 -37.47 -4.78
N HIS D 198 6.52 -37.71 -3.97
CA HIS D 198 6.59 -37.55 -2.52
C HIS D 198 5.89 -38.74 -1.88
N LYS D 199 6.38 -39.15 -0.70
CA LYS D 199 5.89 -40.36 -0.08
C LYS D 199 4.38 -40.33 0.17
N THR D 200 3.76 -39.15 0.14
CA THR D 200 2.31 -39.08 0.37
C THR D 200 1.48 -39.63 -0.79
N SER D 201 2.11 -40.12 -1.85
CA SER D 201 1.36 -40.66 -2.98
C SER D 201 2.32 -41.33 -3.95
N THR D 202 1.89 -42.46 -4.52
CA THR D 202 2.63 -43.08 -5.61
C THR D 202 2.47 -42.29 -6.90
N SER D 203 1.37 -41.56 -7.03
CA SER D 203 1.15 -40.73 -8.22
C SER D 203 1.91 -39.42 -8.10
N PRO D 204 2.81 -39.10 -9.02
CA PRO D 204 3.53 -37.82 -8.94
C PRO D 204 2.61 -36.64 -9.20
N ILE D 205 2.95 -35.51 -8.60
CA ILE D 205 2.26 -34.25 -8.90
C ILE D 205 2.90 -33.65 -10.15
N VAL D 206 2.11 -33.45 -11.20
CA VAL D 206 2.61 -33.07 -12.51
C VAL D 206 2.11 -31.67 -12.84
N LYS D 207 3.04 -30.75 -13.09
CA LYS D 207 2.75 -29.45 -13.65
C LYS D 207 3.54 -29.25 -14.94
N SER D 208 2.87 -28.74 -15.97
CA SER D 208 3.47 -28.64 -17.30
C SER D 208 2.85 -27.47 -18.04
N PHE D 209 3.54 -27.04 -19.09
CA PHE D 209 3.00 -26.03 -20.00
C PHE D 209 3.54 -26.28 -21.41
N ASN D 210 2.86 -25.67 -22.37
CA ASN D 210 3.20 -25.76 -23.79
C ASN D 210 3.52 -24.37 -24.32
N ARG D 211 4.60 -24.28 -25.11
CA ARG D 211 5.01 -22.99 -25.64
C ARG D 211 3.93 -22.32 -26.49
N ASN D 212 2.91 -23.06 -26.96
CA ASN D 212 1.84 -22.43 -27.73
C ASN D 212 0.93 -21.61 -26.81
N GLU D 213 0.36 -22.28 -25.81
CA GLU D 213 -0.60 -21.72 -24.86
C GLU D 213 -0.62 -20.20 -24.76
N CYS D 214 -1.43 -19.56 -25.59
CA CYS D 214 -1.59 -18.11 -25.58
C CYS D 214 -0.27 -17.38 -25.84
N PCA E 1 8.99 24.28 55.54
CA PCA E 1 8.84 22.80 55.39
CB PCA E 1 7.48 22.46 54.82
CG PCA E 1 6.93 23.75 54.24
CD PCA E 1 7.83 24.80 54.82
OE PCA E 1 7.57 26.00 54.71
C PCA E 1 9.94 22.25 54.49
O PCA E 1 10.21 22.82 53.42
N VAL E 2 10.56 21.16 54.91
CA VAL E 2 11.66 20.57 54.16
C VAL E 2 11.21 20.06 52.79
N GLN E 3 11.96 20.42 51.76
CA GLN E 3 11.66 20.02 50.39
C GLN E 3 12.94 20.10 49.58
N LEU E 4 13.02 19.24 48.56
CA LEU E 4 14.18 19.17 47.68
C LEU E 4 13.71 19.43 46.27
N GLN E 5 14.26 20.46 45.63
CA GLN E 5 13.87 20.85 44.28
C GLN E 5 14.99 20.50 43.31
N GLN E 6 14.68 19.65 42.34
CA GLN E 6 15.65 19.19 41.35
C GLN E 6 15.49 19.96 40.04
N SER E 7 16.57 19.95 39.25
CA SER E 7 16.60 20.66 37.99
C SER E 7 15.79 19.90 36.93
N GLY E 8 15.62 20.55 35.78
CA GLY E 8 14.72 20.03 34.77
C GLY E 8 15.33 18.96 33.90
N ALA E 9 14.50 18.39 33.03
CA ALA E 9 14.89 17.27 32.20
C ALA E 9 16.06 17.67 31.29
N GLU E 10 16.82 16.66 30.87
CA GLU E 10 18.01 16.86 30.06
C GLU E 10 18.04 15.89 28.89
N LEU E 11 18.45 16.40 27.73
CA LEU E 11 18.73 15.58 26.56
C LEU E 11 20.18 15.77 26.19
N MET E 12 20.97 14.70 26.29
CA MET E 12 22.40 14.75 26.08
C MET E 12 22.79 13.73 25.01
N LYS E 13 23.76 14.09 24.19
CA LYS E 13 24.30 13.12 23.25
C LYS E 13 25.35 12.24 23.94
N PRO E 14 25.46 10.98 23.54
CA PRO E 14 26.45 10.10 24.17
C PRO E 14 27.84 10.70 24.13
N GLY E 15 28.62 10.42 25.18
CA GLY E 15 29.95 10.97 25.34
C GLY E 15 30.00 12.27 26.10
N ALA E 16 28.91 13.03 26.12
CA ALA E 16 28.85 14.27 26.88
C ALA E 16 28.75 13.96 28.37
N SER E 17 28.75 15.02 29.17
CA SER E 17 28.47 14.92 30.59
C SER E 17 27.36 15.90 30.95
N VAL E 18 26.67 15.63 32.06
CA VAL E 18 25.56 16.46 32.49
C VAL E 18 25.68 16.65 34.00
N LYS E 19 25.24 17.82 34.46
CA LYS E 19 25.32 18.16 35.88
C LYS E 19 23.94 18.63 36.30
N ILE E 20 23.29 17.84 37.14
CA ILE E 20 21.94 18.14 37.62
C ILE E 20 22.04 18.56 39.08
N SER E 21 21.05 19.32 39.52
CA SER E 21 21.12 20.02 40.80
C SER E 21 19.94 19.66 41.68
N CYS E 22 20.10 19.95 42.96
CA CYS E 22 19.11 19.60 43.99
C CYS E 22 19.18 20.70 45.05
N LYS E 23 18.24 21.64 45.00
CA LYS E 23 18.24 22.79 45.90
C LYS E 23 17.40 22.43 47.13
N ALA E 24 17.98 22.54 48.32
CA ALA E 24 17.38 22.05 49.55
C ALA E 24 16.88 23.20 50.41
N THR E 25 15.61 23.12 50.80
CA THR E 25 15.02 24.03 51.77
C THR E 25 13.91 23.28 52.50
N GLY E 26 13.56 23.71 53.72
CA GLY E 26 14.25 24.72 54.51
C GLY E 26 14.73 24.12 55.81
N TYR E 27 16.04 23.92 55.90
CA TYR E 27 16.67 23.35 57.09
C TYR E 27 18.16 23.66 57.01
N THR E 28 18.90 23.26 58.04
CA THR E 28 20.35 23.47 58.05
C THR E 28 20.98 22.52 57.04
N PHE E 29 21.41 23.07 55.89
CA PHE E 29 21.88 22.25 54.79
C PHE E 29 23.03 21.32 55.21
N SER E 30 23.86 21.77 56.15
CA SER E 30 25.05 21.03 56.53
C SER E 30 24.79 19.97 57.60
N GLY E 31 23.54 19.79 58.02
CA GLY E 31 23.22 18.83 59.05
C GLY E 31 22.65 17.50 58.58
N HIS E 32 22.51 17.30 57.28
CA HIS E 32 21.98 16.06 56.74
C HIS E 32 22.72 15.68 55.47
N TRP E 33 22.90 14.38 55.28
CA TRP E 33 23.45 13.88 54.03
C TRP E 33 22.42 13.98 52.92
N ILE E 34 22.90 14.32 51.72
CA ILE E 34 22.08 14.29 50.51
C ILE E 34 22.43 13.01 49.75
N GLU E 35 21.40 12.24 49.39
CA GLU E 35 21.55 10.97 48.73
C GLU E 35 21.14 11.10 47.26
N TRP E 36 21.69 10.22 46.43
CA TRP E 36 21.40 10.20 45.00
C TRP E 36 21.05 8.79 44.58
N VAL E 37 19.99 8.66 43.78
CA VAL E 37 19.46 7.37 43.39
C VAL E 37 19.10 7.41 41.90
N LYS E 38 19.21 6.25 41.25
CA LYS E 38 18.99 6.11 39.82
C LYS E 38 17.82 5.16 39.57
N GLN E 39 16.95 5.52 38.63
CA GLN E 39 15.80 4.70 38.28
C GLN E 39 15.73 4.57 36.76
N ARG E 40 16.26 3.45 36.22
CA ARG E 40 15.98 3.15 34.83
C ARG E 40 14.59 2.56 34.70
N PRO E 41 13.89 2.81 33.59
CA PRO E 41 12.61 2.14 33.37
C PRO E 41 12.81 0.63 33.25
N GLY E 42 12.01 -0.13 33.99
CA GLY E 42 12.13 -1.57 34.03
C GLY E 42 13.11 -2.10 35.04
N HIS E 43 13.83 -1.23 35.75
CA HIS E 43 14.77 -1.63 36.79
C HIS E 43 14.38 -0.98 38.11
N GLY E 44 14.82 -1.60 39.20
CA GLY E 44 14.66 -1.01 40.51
C GLY E 44 15.62 0.13 40.75
N LEU E 45 15.42 0.80 41.88
CA LEU E 45 16.28 1.92 42.24
C LEU E 45 17.69 1.46 42.54
N GLU E 46 18.66 2.24 42.10
CA GLU E 46 20.08 2.00 42.36
C GLU E 46 20.65 3.16 43.15
N TRP E 47 21.36 2.85 44.24
CA TRP E 47 21.99 3.88 45.06
C TRP E 47 23.30 4.31 44.41
N ILE E 48 23.44 5.60 44.15
CA ILE E 48 24.65 6.13 43.53
C ILE E 48 25.67 6.55 44.58
N GLY E 49 25.25 7.39 45.52
CA GLY E 49 26.18 7.85 46.54
C GLY E 49 25.51 8.88 47.43
N GLU E 50 26.33 9.52 48.26
CA GLU E 50 25.87 10.50 49.22
C GLU E 50 26.97 11.52 49.47
N ILE E 51 26.57 12.72 49.87
CA ILE E 51 27.50 13.78 50.22
C ILE E 51 26.94 14.55 51.41
N LEU E 52 27.83 14.92 52.34
CA LEU E 52 27.44 15.73 53.49
C LEU E 52 27.85 17.18 53.24
N PRO E 53 26.92 18.09 52.96
CA PRO E 53 27.31 19.48 52.71
C PRO E 53 28.07 20.06 53.89
N GLY E 54 29.05 20.91 53.59
CA GLY E 54 29.87 21.53 54.62
C GLY E 54 31.18 20.79 54.81
N SER E 55 31.11 19.54 55.28
CA SER E 55 32.31 18.73 55.42
C SER E 55 32.86 18.28 54.09
N GLY E 56 32.03 18.26 53.04
CA GLY E 56 32.46 17.79 51.75
C GLY E 56 32.83 16.32 51.70
N ASN E 57 32.57 15.57 52.76
CA ASN E 57 32.81 14.14 52.76
C ASN E 57 31.84 13.44 51.82
N ILE E 58 32.35 12.44 51.11
CA ILE E 58 31.63 11.80 50.02
C ILE E 58 31.79 10.30 50.12
N HIS E 59 30.74 9.57 49.77
CA HIS E 59 30.81 8.13 49.59
C HIS E 59 30.15 7.78 48.27
N TYR E 60 30.69 6.79 47.58
CA TYR E 60 30.22 6.40 46.27
C TYR E 60 29.88 4.92 46.26
N ASN E 61 28.90 4.55 45.44
CA ASN E 61 28.71 3.15 45.11
C ASN E 61 29.84 2.75 44.17
N GLU E 62 30.46 1.60 44.44
CA GLU E 62 31.59 1.18 43.62
C GLU E 62 31.21 1.10 42.15
N LYS E 63 29.97 0.70 41.85
CA LYS E 63 29.53 0.58 40.47
C LYS E 63 29.51 1.91 39.74
N PHE E 64 29.53 3.03 40.47
CA PHE E 64 29.52 4.36 39.85
C PHE E 64 30.85 5.08 40.08
N LYS E 65 31.93 4.34 40.28
CA LYS E 65 33.20 4.97 40.64
C LYS E 65 33.56 6.07 39.67
N GLY E 66 33.59 5.74 38.38
CA GLY E 66 33.97 6.70 37.36
C GLY E 66 32.82 7.39 36.65
N LYS E 67 31.58 7.19 37.08
CA LYS E 67 30.44 7.79 36.40
C LYS E 67 29.96 9.07 37.06
N ALA E 68 29.87 9.09 38.38
CA ALA E 68 29.21 10.17 39.10
C ALA E 68 30.19 10.85 40.06
N THR E 69 30.08 12.16 40.16
CA THR E 69 30.81 12.95 41.14
C THR E 69 29.84 13.93 41.78
N PHE E 70 30.10 14.27 43.04
CA PHE E 70 29.18 15.08 43.83
C PHE E 70 29.85 16.35 44.30
N ALA E 71 29.02 17.38 44.50
CA ALA E 71 29.45 18.63 45.10
C ALA E 71 28.27 19.22 45.85
N ALA E 72 28.57 20.07 46.83
CA ALA E 72 27.55 20.70 47.65
C ALA E 72 27.97 22.14 47.94
N ASP E 73 27.20 23.09 47.44
CA ASP E 73 27.45 24.51 47.64
C ASP E 73 26.63 24.98 48.84
N THR E 74 27.31 25.28 49.94
CA THR E 74 26.60 25.70 51.15
C THR E 74 26.07 27.12 51.06
N SER E 75 26.55 27.91 50.11
CA SER E 75 26.03 29.27 49.93
C SER E 75 24.72 29.30 49.16
N SER E 76 24.43 28.27 48.36
CA SER E 76 23.19 28.21 47.61
C SER E 76 22.27 27.09 48.06
N ASN E 77 22.64 26.33 49.09
CA ASN E 77 21.82 25.22 49.59
C ASN E 77 21.50 24.24 48.46
N THR E 78 22.49 23.99 47.61
CA THR E 78 22.29 23.17 46.42
C THR E 78 23.35 22.09 46.35
N ALA E 79 22.92 20.85 46.16
CA ALA E 79 23.79 19.72 45.90
C ALA E 79 23.77 19.39 44.40
N TYR E 80 24.91 18.91 43.91
CA TYR E 80 25.07 18.61 42.49
C TYR E 80 25.58 17.19 42.30
N MET E 81 25.11 16.55 41.25
CA MET E 81 25.69 15.31 40.75
C MET E 81 25.98 15.50 39.26
N GLN E 82 27.20 15.18 38.86
CA GLN E 82 27.60 15.21 37.46
C GLN E 82 27.85 13.79 36.98
N LEU E 83 27.38 13.49 35.77
CA LEU E 83 27.58 12.19 35.14
C LEU E 83 28.40 12.40 33.87
N SER E 84 29.52 11.69 33.78
CA SER E 84 30.46 11.84 32.68
C SER E 84 30.35 10.67 31.72
N SER E 85 30.81 10.90 30.48
CA SER E 85 30.85 9.88 29.44
C SER E 85 29.51 9.15 29.34
N LEU E 86 28.48 9.93 29.01
CA LEU E 86 27.12 9.41 29.03
C LEU E 86 26.91 8.37 27.93
N THR E 87 26.15 7.33 28.27
CA THR E 87 25.77 6.28 27.35
C THR E 87 24.28 6.03 27.49
N SER E 88 23.76 5.07 26.70
CA SER E 88 22.34 4.77 26.76
C SER E 88 21.93 4.24 28.13
N GLU E 89 22.85 3.56 28.83
CA GLU E 89 22.53 2.99 30.13
C GLU E 89 22.42 4.03 31.22
N ASP E 90 22.83 5.27 30.95
CA ASP E 90 22.62 6.37 31.89
C ASP E 90 21.27 7.03 31.74
N SER E 91 20.52 6.70 30.68
CA SER E 91 19.16 7.21 30.53
C SER E 91 18.30 6.70 31.68
N ALA E 92 17.82 7.61 32.53
CA ALA E 92 17.09 7.22 33.72
C ALA E 92 16.52 8.48 34.37
N VAL E 93 15.71 8.27 35.39
CA VAL E 93 15.30 9.34 36.30
C VAL E 93 16.21 9.29 37.52
N TYR E 94 16.69 10.46 37.94
CA TYR E 94 17.61 10.56 39.06
C TYR E 94 16.97 11.37 40.18
N TYR E 95 16.91 10.78 41.36
CA TYR E 95 16.35 11.43 42.54
C TYR E 95 17.46 11.82 43.50
N CYS E 96 17.34 13.01 44.09
CA CYS E 96 18.06 13.32 45.30
C CYS E 96 17.12 13.12 46.48
N ALA E 97 17.70 12.78 47.63
CA ALA E 97 16.91 12.55 48.82
C ALA E 97 17.74 12.93 50.04
N ARG E 98 17.05 13.33 51.11
CA ARG E 98 17.71 13.68 52.35
C ARG E 98 17.78 12.44 53.24
N LEU E 99 18.97 12.17 53.76
CA LEU E 99 19.13 11.07 54.70
C LEU E 99 18.58 11.49 56.06
N GLY E 100 17.60 10.74 56.56
CA GLY E 100 17.01 11.07 57.84
C GLY E 100 18.05 11.08 58.94
N THR E 101 17.81 11.93 59.94
CA THR E 101 18.70 11.97 61.09
C THR E 101 18.67 10.61 61.78
N THR E 102 19.85 10.13 62.15
CA THR E 102 20.00 8.79 62.70
C THR E 102 20.86 8.84 63.96
N ALA E 103 20.70 7.83 64.80
CA ALA E 103 21.43 7.71 66.05
C ALA E 103 22.37 6.50 65.97
N VAL E 104 22.64 5.86 67.11
CA VAL E 104 23.61 4.78 67.17
C VAL E 104 23.17 3.57 66.36
N GLU E 105 21.87 3.38 66.14
CA GLU E 105 21.40 2.21 65.42
C GLU E 105 21.73 2.25 63.93
N ARG E 106 22.06 3.43 63.40
CA ARG E 106 22.37 3.57 61.98
C ARG E 106 21.17 3.23 61.11
N ASP E 107 20.03 3.87 61.40
CA ASP E 107 18.83 3.76 60.58
C ASP E 107 19.00 4.70 59.40
N TRP E 108 19.50 4.15 58.29
CA TRP E 108 19.84 4.94 57.11
C TRP E 108 18.72 4.80 56.07
N TYR E 109 17.66 5.58 56.29
CA TYR E 109 16.55 5.68 55.35
C TYR E 109 16.41 7.13 54.90
N PHE E 110 15.61 7.32 53.86
CA PHE E 110 15.38 8.64 53.28
C PHE E 110 14.05 9.20 53.80
N ASP E 111 14.10 10.40 54.39
CA ASP E 111 12.91 11.01 54.95
C ASP E 111 12.32 12.10 54.07
N VAL E 112 13.04 12.56 53.06
CA VAL E 112 12.51 13.50 52.06
C VAL E 112 13.12 13.17 50.71
N TRP E 113 12.31 13.23 49.66
CA TRP E 113 12.76 12.94 48.30
C TRP E 113 12.49 14.13 47.40
N GLY E 114 13.38 14.31 46.41
CA GLY E 114 13.09 15.22 45.32
C GLY E 114 12.14 14.60 44.31
N ALA E 115 11.70 15.43 43.37
CA ALA E 115 10.73 14.97 42.37
C ALA E 115 11.38 14.19 41.23
N GLY E 116 12.69 14.23 41.11
CA GLY E 116 13.40 13.47 40.10
C GLY E 116 13.75 14.30 38.88
N THR E 117 14.85 13.94 38.23
CA THR E 117 15.32 14.60 37.03
C THR E 117 15.52 13.56 35.94
N THR E 118 14.86 13.74 34.80
CA THR E 118 14.99 12.81 33.68
C THR E 118 16.20 13.19 32.86
N VAL E 119 17.07 12.21 32.62
CA VAL E 119 18.23 12.36 31.74
C VAL E 119 18.06 11.37 30.60
N THR E 120 18.09 11.88 29.37
CA THR E 120 17.96 11.07 28.17
C THR E 120 19.25 11.17 27.37
N VAL E 121 19.87 10.02 27.12
CA VAL E 121 21.09 9.94 26.32
C VAL E 121 20.71 9.28 24.99
N SER E 122 20.91 10.02 23.90
CA SER E 122 20.47 9.56 22.60
C SER E 122 21.22 10.32 21.52
N LEU E 123 21.31 9.70 20.34
CA LEU E 123 21.88 10.32 19.16
C LEU E 123 20.83 11.04 18.33
N ALA E 124 19.55 10.71 18.52
CA ALA E 124 18.47 11.35 17.79
C ALA E 124 18.40 12.85 18.06
N ASP E 125 17.93 13.60 17.03
CA ASP E 125 17.79 15.05 17.04
C ASP E 125 16.34 15.45 17.26
N PRO E 126 16.08 16.60 17.88
CA PRO E 126 14.70 17.07 18.03
C PRO E 126 13.94 17.12 16.71
N SER E 127 12.72 16.58 16.73
CA SER E 127 11.81 16.62 15.60
C SER E 127 10.43 17.03 16.09
N ALA E 128 9.81 17.98 15.40
CA ALA E 128 8.49 18.41 15.78
C ALA E 128 7.46 17.33 15.43
N PRO E 129 6.35 17.27 16.17
CA PRO E 129 5.35 16.23 15.90
C PRO E 129 4.46 16.58 14.73
N SER E 130 3.97 15.54 14.07
CA SER E 130 2.78 15.65 13.24
C SER E 130 1.57 15.36 14.12
N VAL E 131 0.55 16.21 14.01
CA VAL E 131 -0.66 16.09 14.82
C VAL E 131 -1.80 15.73 13.89
N TYR E 132 -2.41 14.58 14.12
CA TYR E 132 -3.42 14.05 13.22
C TYR E 132 -4.77 14.00 13.92
N PRO E 133 -5.82 14.63 13.40
CA PRO E 133 -7.13 14.53 14.03
C PRO E 133 -7.77 13.20 13.66
N LEU E 134 -8.39 12.56 14.64
CA LEU E 134 -9.07 11.28 14.42
C LEU E 134 -10.57 11.49 14.62
N ALA E 135 -11.30 11.59 13.50
CA ALA E 135 -12.75 11.69 13.52
C ALA E 135 -13.38 10.32 13.32
N PRO E 136 -14.56 10.07 13.88
CA PRO E 136 -15.13 8.73 13.83
C PRO E 136 -15.48 8.30 12.42
N VAL E 137 -15.58 6.99 12.25
CA VAL E 137 -15.96 6.35 10.99
C VAL E 137 -17.14 7.10 10.39
N CYS E 138 -17.11 7.36 9.08
CA CYS E 138 -18.22 8.05 8.44
C CYS E 138 -19.55 7.43 8.81
N GLY E 139 -19.56 6.12 9.05
CA GLY E 139 -20.77 5.39 9.39
C GLY E 139 -21.33 5.68 10.78
N ASP E 140 -21.05 4.80 11.73
CA ASP E 140 -21.81 4.78 12.98
C ASP E 140 -23.27 4.80 12.51
N THR E 141 -24.18 5.70 12.92
CA THR E 141 -24.24 6.57 14.08
C THR E 141 -24.65 5.82 15.34
N THR E 142 -23.71 5.25 16.10
CA THR E 142 -24.06 4.46 17.27
C THR E 142 -24.83 5.32 18.29
N GLY E 143 -24.69 5.01 19.56
CA GLY E 143 -25.56 5.60 20.57
C GLY E 143 -25.31 6.99 21.11
N SER E 144 -25.33 7.07 22.43
CA SER E 144 -25.41 8.34 23.16
C SER E 144 -24.12 9.15 23.18
N SER E 145 -22.96 8.53 22.98
CA SER E 145 -21.70 9.25 23.06
C SER E 145 -20.89 9.03 21.79
N VAL E 146 -20.01 9.99 21.51
CA VAL E 146 -19.08 9.89 20.38
C VAL E 146 -17.67 10.12 20.92
N THR E 147 -16.72 9.34 20.40
CA THR E 147 -15.33 9.44 20.80
C THR E 147 -14.51 10.00 19.64
N LEU E 148 -13.69 10.99 19.94
CA LEU E 148 -12.74 11.55 19.00
C LEU E 148 -11.33 11.23 19.48
N GLY E 149 -10.35 11.45 18.61
CA GLY E 149 -8.99 11.11 18.92
C GLY E 149 -8.02 12.11 18.32
N CYS E 150 -6.79 12.05 18.81
CA CYS E 150 -5.72 12.91 18.33
C CYS E 150 -4.43 12.10 18.40
N LEU E 151 -3.78 11.94 17.26
CA LEU E 151 -2.57 11.12 17.14
C LEU E 151 -1.37 12.04 16.94
N VAL E 152 -0.40 11.94 17.84
CA VAL E 152 0.79 12.79 17.83
C VAL E 152 1.97 11.89 17.48
N LYS E 153 2.47 12.01 16.25
CA LYS E 153 3.36 11.02 15.68
C LYS E 153 4.70 11.64 15.29
N GLY E 154 5.78 10.95 15.63
CA GLY E 154 7.09 11.24 15.10
C GLY E 154 7.79 12.45 15.69
N TYR E 155 7.84 12.54 17.02
CA TYR E 155 8.52 13.64 17.69
C TYR E 155 9.64 13.10 18.56
N PHE E 156 10.56 14.01 18.90
CA PHE E 156 11.66 13.69 19.79
C PHE E 156 12.24 15.01 20.28
N PRO E 157 12.65 15.13 21.55
CA PRO E 157 12.49 14.14 22.63
C PRO E 157 11.14 14.25 23.31
N GLU E 158 10.91 13.45 24.34
CA GLU E 158 9.80 13.71 25.23
C GLU E 158 10.05 15.04 25.95
N PRO E 159 8.99 15.70 26.44
CA PRO E 159 7.58 15.34 26.38
C PRO E 159 6.79 16.21 25.41
N VAL E 160 5.55 15.81 25.15
CA VAL E 160 4.54 16.70 24.59
C VAL E 160 3.48 16.91 25.65
N THR E 161 2.77 18.04 25.55
CA THR E 161 1.62 18.31 26.39
C THR E 161 0.39 18.36 25.49
N LEU E 162 -0.64 17.60 25.84
CA LEU E 162 -1.85 17.51 25.03
C LEU E 162 -3.05 17.88 25.88
N THR E 163 -3.87 18.78 25.36
CA THR E 163 -5.16 19.13 25.96
C THR E 163 -6.24 19.11 24.88
N TRP E 164 -7.49 19.18 25.33
CA TRP E 164 -8.65 19.26 24.46
C TRP E 164 -9.39 20.56 24.75
N ASN E 165 -9.63 21.35 23.69
CA ASN E 165 -10.25 22.67 23.83
C ASN E 165 -9.53 23.49 24.90
N SER E 166 -8.19 23.48 24.82
CA SER E 166 -7.34 24.26 25.71
C SER E 166 -7.57 23.91 27.18
N GLY E 167 -8.01 22.69 27.44
CA GLY E 167 -8.18 22.20 28.79
C GLY E 167 -9.60 22.23 29.33
N SER E 168 -10.54 22.84 28.62
CA SER E 168 -11.92 22.86 29.10
C SER E 168 -12.60 21.50 28.94
N LEU E 169 -11.94 20.52 28.34
CA LEU E 169 -12.45 19.15 28.22
C LEU E 169 -11.42 18.24 28.88
N SER E 170 -11.73 17.75 30.08
CA SER E 170 -10.79 16.91 30.82
C SER E 170 -11.40 15.60 31.29
N SER E 171 -12.65 15.62 31.75
CA SER E 171 -13.33 14.36 32.04
C SER E 171 -13.56 13.61 30.74
N GLY E 172 -13.45 12.28 30.81
CA GLY E 172 -13.61 11.50 29.61
C GLY E 172 -12.44 11.58 28.65
N VAL E 173 -11.29 12.08 29.11
CA VAL E 173 -10.08 12.18 28.30
C VAL E 173 -9.14 11.07 28.72
N HIS E 174 -8.57 10.36 27.75
CA HIS E 174 -7.53 9.38 28.01
C HIS E 174 -6.33 9.71 27.13
N THR E 175 -5.24 10.14 27.75
CA THR E 175 -3.98 10.37 27.05
C THR E 175 -3.01 9.26 27.44
N PHE E 176 -2.50 8.57 26.44
CA PHE E 176 -1.74 7.35 26.67
C PHE E 176 -0.24 7.62 26.63
N PRO E 177 0.56 6.90 27.42
CA PRO E 177 2.01 7.09 27.36
C PRO E 177 2.55 6.92 25.95
N ALA E 178 3.56 7.71 25.62
CA ALA E 178 4.18 7.63 24.30
C ALA E 178 4.94 6.32 24.15
N VAL E 179 5.02 5.85 22.91
CA VAL E 179 5.80 4.66 22.55
C VAL E 179 6.93 5.10 21.62
N LEU E 180 8.12 4.57 21.88
CA LEU E 180 9.31 4.89 21.11
C LEU E 180 9.59 3.81 20.08
N GLN E 181 9.72 4.20 18.82
CA GLN E 181 10.21 3.29 17.79
C GLN E 181 11.00 4.08 16.75
N SER E 182 12.23 3.63 16.48
CA SER E 182 13.10 4.29 15.51
C SER E 182 13.41 5.73 15.92
N ASP E 183 13.79 5.91 17.18
CA ASP E 183 14.20 7.21 17.71
C ASP E 183 13.11 8.28 17.58
N LEU E 184 11.85 7.86 17.53
CA LEU E 184 10.74 8.79 17.45
C LEU E 184 9.61 8.30 18.35
N TYR E 185 8.90 9.25 18.96
CA TYR E 185 7.81 8.93 19.87
C TYR E 185 6.46 9.10 19.17
N THR E 186 5.48 8.32 19.62
CA THR E 186 4.11 8.46 19.14
C THR E 186 3.17 8.43 20.33
N LEU E 187 2.16 9.30 20.30
CA LEU E 187 1.28 9.58 21.42
C LEU E 187 -0.15 9.68 20.90
N SER E 188 -1.09 9.05 21.59
CA SER E 188 -2.50 9.14 21.23
C SER E 188 -3.32 9.63 22.42
N SER E 189 -4.45 10.26 22.12
CA SER E 189 -5.38 10.75 23.13
C SER E 189 -6.80 10.66 22.59
N SER E 190 -7.73 10.20 23.43
CA SER E 190 -9.14 10.14 23.07
C SER E 190 -9.96 11.03 24.00
N VAL E 191 -11.07 11.56 23.48
CA VAL E 191 -12.03 12.31 24.27
C VAL E 191 -13.42 11.84 23.88
N THR E 192 -14.28 11.66 24.89
CA THR E 192 -15.64 11.16 24.70
C THR E 192 -16.64 12.19 25.22
N VAL E 193 -17.60 12.56 24.38
CA VAL E 193 -18.62 13.55 24.71
C VAL E 193 -19.99 13.03 24.28
N THR E 194 -21.03 13.78 24.65
CA THR E 194 -22.38 13.46 24.20
C THR E 194 -22.44 13.57 22.69
N SER E 195 -23.08 12.57 22.06
CA SER E 195 -23.05 12.50 20.60
C SER E 195 -23.77 13.66 19.92
N SER E 196 -24.83 14.19 20.54
CA SER E 196 -25.55 15.30 19.94
C SER E 196 -24.78 16.62 20.00
N THR E 197 -23.68 16.66 20.75
CA THR E 197 -22.94 17.90 20.95
C THR E 197 -21.85 18.13 19.91
N TRP E 198 -21.44 17.10 19.18
CA TRP E 198 -20.37 17.25 18.19
C TRP E 198 -20.85 16.74 16.84
N PRO E 199 -20.58 17.46 15.74
CA PRO E 199 -19.70 18.64 15.61
C PRO E 199 -20.37 19.98 15.91
N SER E 200 -21.62 19.97 16.40
CA SER E 200 -22.33 21.22 16.65
C SER E 200 -21.54 22.12 17.59
N GLN E 201 -20.85 21.53 18.57
CA GLN E 201 -19.97 22.28 19.47
C GLN E 201 -18.56 21.75 19.24
N SER E 202 -17.63 22.64 18.93
CA SER E 202 -16.34 22.26 18.37
C SER E 202 -15.41 21.64 19.41
N ILE E 203 -14.54 20.76 18.93
CA ILE E 203 -13.54 20.09 19.76
C ILE E 203 -12.19 20.14 19.04
N THR E 204 -11.16 20.60 19.75
CA THR E 204 -9.83 20.81 19.21
C THR E 204 -8.80 20.21 20.16
N CYS E 205 -7.85 19.42 19.64
CA CYS E 205 -6.71 18.99 20.45
C CYS E 205 -5.57 19.98 20.29
N ASN E 206 -4.92 20.31 21.40
CA ASN E 206 -3.82 21.25 21.44
C ASN E 206 -2.56 20.50 21.86
N VAL E 207 -1.53 20.56 21.03
CA VAL E 207 -0.28 19.82 21.26
C VAL E 207 0.84 20.84 21.38
N ALA E 208 1.60 20.74 22.46
CA ALA E 208 2.77 21.58 22.68
C ALA E 208 4.00 20.69 22.77
N HIS E 209 5.03 21.03 22.00
CA HIS E 209 6.31 20.32 22.02
C HIS E 209 7.39 21.34 22.31
N PRO E 210 7.68 21.61 23.59
CA PRO E 210 8.63 22.70 23.90
C PRO E 210 10.01 22.51 23.30
N ALA E 211 10.51 21.28 23.24
CA ALA E 211 11.88 21.06 22.76
C ALA E 211 12.06 21.57 21.34
N SER E 212 11.00 21.55 20.54
CA SER E 212 11.02 22.11 19.20
C SER E 212 10.33 23.47 19.12
N SER E 213 9.92 24.02 20.26
CA SER E 213 9.27 25.33 20.30
C SER E 213 8.04 25.36 19.39
N THR E 214 7.20 24.34 19.52
CA THR E 214 6.06 24.14 18.63
C THR E 214 4.78 24.01 19.43
N LYS E 215 3.72 24.63 18.93
CA LYS E 215 2.36 24.40 19.39
C LYS E 215 1.48 24.20 18.17
N VAL E 216 0.60 23.20 18.24
CA VAL E 216 -0.29 22.87 17.14
C VAL E 216 -1.69 22.69 17.70
N ASP E 217 -2.67 23.31 17.05
CA ASP E 217 -4.08 23.06 17.35
C ASP E 217 -4.72 22.41 16.13
N LYS E 218 -5.39 21.30 16.34
CA LYS E 218 -6.07 20.58 15.27
C LYS E 218 -7.54 20.44 15.67
N LYS E 219 -8.42 21.13 14.97
CA LYS E 219 -9.85 20.99 15.19
C LYS E 219 -10.34 19.72 14.50
N ILE E 220 -11.08 18.90 15.24
CA ILE E 220 -11.56 17.63 14.71
C ILE E 220 -12.77 17.89 13.83
N GLU E 221 -12.66 17.56 12.54
CA GLU E 221 -13.75 17.81 11.61
C GLU E 221 -14.47 16.51 11.26
N PRO E 222 -15.77 16.57 10.99
CA PRO E 222 -16.46 15.38 10.47
C PRO E 222 -15.95 15.02 9.08
N ARG E 223 -15.81 13.73 8.83
CA ARG E 223 -15.37 13.25 7.52
C ARG E 223 -16.59 12.88 6.70
N GLY E 224 -16.63 13.37 5.45
CA GLY E 224 -17.76 13.13 4.59
C GLY E 224 -17.41 13.25 3.12
N ASP F 1 26.76 -6.95 46.49
CA ASP F 1 25.57 -6.19 46.95
C ASP F 1 24.49 -7.12 47.49
N ILE F 2 23.73 -6.64 48.47
CA ILE F 2 22.57 -7.37 48.96
C ILE F 2 21.41 -7.11 48.01
N VAL F 3 20.89 -8.17 47.41
CA VAL F 3 19.82 -8.07 46.42
C VAL F 3 18.48 -8.14 47.15
N MET F 4 17.62 -7.16 46.89
CA MET F 4 16.29 -7.10 47.48
C MET F 4 15.27 -7.50 46.42
N THR F 5 14.47 -8.53 46.72
CA THR F 5 13.54 -9.12 45.76
C THR F 5 12.12 -8.97 46.25
N GLN F 6 11.30 -8.28 45.45
CA GLN F 6 9.85 -8.25 45.62
C GLN F 6 9.27 -9.02 44.45
N SER F 7 8.99 -10.31 44.67
CA SER F 7 8.61 -11.19 43.57
C SER F 7 7.23 -10.90 43.02
N GLN F 8 6.36 -10.26 43.80
CA GLN F 8 5.05 -9.85 43.32
C GLN F 8 5.16 -8.48 42.69
N LYS F 9 4.82 -8.37 41.40
CA LYS F 9 4.85 -7.08 40.72
C LYS F 9 3.54 -6.32 40.91
N PHE F 10 2.42 -7.02 40.97
CA PHE F 10 1.12 -6.41 41.22
C PHE F 10 0.40 -7.15 42.33
N MET F 11 -0.49 -6.45 43.02
CA MET F 11 -1.44 -7.05 43.93
C MET F 11 -2.73 -6.25 43.86
N SER F 12 -3.82 -6.90 44.25
CA SER F 12 -5.15 -6.29 44.18
C SER F 12 -5.89 -6.50 45.49
N ALA F 13 -6.62 -5.47 45.91
CA ALA F 13 -7.41 -5.53 47.13
C ALA F 13 -8.61 -4.61 46.99
N SER F 14 -9.73 -5.03 47.59
CA SER F 14 -10.90 -4.18 47.71
C SER F 14 -10.74 -3.23 48.89
N VAL F 15 -11.47 -2.12 48.84
CA VAL F 15 -11.48 -1.19 49.96
C VAL F 15 -11.94 -1.91 51.20
N GLY F 16 -11.17 -1.80 52.28
CA GLY F 16 -11.45 -2.47 53.54
C GLY F 16 -10.73 -3.79 53.74
N ASP F 17 -10.13 -4.34 52.69
CA ASP F 17 -9.46 -5.62 52.78
C ASP F 17 -8.11 -5.48 53.48
N ARG F 18 -7.44 -6.62 53.67
CA ARG F 18 -6.08 -6.68 54.19
C ARG F 18 -5.19 -7.33 53.14
N VAL F 19 -4.06 -6.69 52.83
CA VAL F 19 -3.15 -7.18 51.80
C VAL F 19 -1.73 -7.02 52.33
N SER F 20 -0.82 -7.86 51.82
CA SER F 20 0.55 -7.91 52.31
C SER F 20 1.53 -7.91 51.14
N VAL F 21 2.59 -7.11 51.28
CA VAL F 21 3.70 -7.09 50.33
C VAL F 21 4.89 -7.77 50.99
N THR F 22 5.55 -8.66 50.26
CA THR F 22 6.71 -9.38 50.76
C THR F 22 7.97 -8.83 50.13
N CYS F 23 9.09 -8.98 50.86
CA CYS F 23 10.38 -8.48 50.42
C CYS F 23 11.43 -9.44 50.95
N LYS F 24 12.24 -9.99 50.06
CA LYS F 24 13.25 -10.98 50.42
C LYS F 24 14.64 -10.40 50.19
N ALA F 25 15.50 -10.56 51.18
CA ALA F 25 16.89 -10.13 51.09
C ALA F 25 17.79 -11.32 50.80
N SER F 26 18.77 -11.12 49.91
CA SER F 26 19.67 -12.21 49.53
C SER F 26 20.64 -12.58 50.65
N GLN F 27 20.79 -11.72 51.66
CA GLN F 27 21.62 -12.01 52.82
C GLN F 27 20.93 -11.53 54.08
N ASN F 28 21.42 -11.99 55.22
CA ASN F 28 20.88 -11.59 56.51
C ASN F 28 21.13 -10.10 56.73
N VAL F 29 20.04 -9.34 56.89
CA VAL F 29 20.13 -7.91 57.19
C VAL F 29 19.48 -7.59 58.53
N GLY F 30 19.24 -8.61 59.35
CA GLY F 30 18.65 -8.40 60.66
C GLY F 30 17.34 -7.64 60.59
N THR F 31 17.32 -6.46 61.23
CA THR F 31 16.12 -5.64 61.29
C THR F 31 16.26 -4.36 60.46
N HIS F 32 17.34 -4.21 59.70
CA HIS F 32 17.65 -2.96 59.00
C HIS F 32 16.91 -2.93 57.65
N LEU F 33 15.63 -2.59 57.72
CA LEU F 33 14.80 -2.56 56.52
C LEU F 33 13.78 -1.44 56.64
N ALA F 34 13.54 -0.75 55.52
CA ALA F 34 12.55 0.31 55.44
C ALA F 34 11.57 0.02 54.31
N TRP F 35 10.37 0.57 54.43
CA TRP F 35 9.34 0.49 53.40
C TRP F 35 8.97 1.90 52.94
N TYR F 36 8.72 2.04 51.64
CA TYR F 36 8.32 3.32 51.06
C TYR F 36 7.05 3.16 50.26
N GLN F 37 6.32 4.26 50.13
CA GLN F 37 5.13 4.34 49.29
C GLN F 37 5.35 5.43 48.25
N GLN F 38 5.17 5.08 46.98
CA GLN F 38 5.29 6.05 45.88
C GLN F 38 4.01 6.02 45.06
N LYS F 39 3.22 7.08 45.15
CA LYS F 39 2.09 7.25 44.26
C LYS F 39 2.58 7.64 42.87
N PRO F 40 1.76 7.42 41.83
CA PRO F 40 2.21 7.71 40.46
C PRO F 40 2.65 9.15 40.29
N GLY F 41 3.86 9.33 39.75
CA GLY F 41 4.40 10.65 39.49
C GLY F 41 4.79 11.42 40.74
N GLN F 42 4.32 10.96 41.90
CA GLN F 42 4.50 11.66 43.16
C GLN F 42 5.83 11.27 43.79
N SER F 43 6.18 11.96 44.87
CA SER F 43 7.46 11.70 45.53
C SER F 43 7.30 10.54 46.52
N PRO F 44 8.19 9.56 46.51
CA PRO F 44 8.07 8.46 47.47
C PRO F 44 8.23 8.97 48.90
N LYS F 45 7.55 8.29 49.83
CA LYS F 45 7.52 8.70 51.22
C LYS F 45 7.78 7.51 52.12
N ALA F 46 8.40 7.77 53.27
CA ALA F 46 8.78 6.71 54.19
C ALA F 46 7.58 6.23 54.98
N LEU F 47 7.46 4.91 55.10
CA LEU F 47 6.39 4.27 55.86
C LEU F 47 6.90 3.57 57.11
N ILE F 48 7.88 2.68 56.95
CA ILE F 48 8.34 1.81 58.01
C ILE F 48 9.86 1.85 58.03
N TYR F 49 10.45 1.77 59.22
CA TYR F 49 11.87 1.56 59.39
C TYR F 49 12.09 0.53 60.48
N SER F 50 13.31 -0.03 60.51
CA SER F 50 13.64 -1.11 61.43
C SER F 50 12.62 -2.25 61.33
N ALA F 51 12.17 -2.52 60.09
CA ALA F 51 11.30 -3.64 59.78
C ALA F 51 9.86 -3.46 60.26
N SER F 52 9.64 -2.89 61.45
CA SER F 52 8.31 -2.87 62.02
C SER F 52 7.92 -1.56 62.70
N TYR F 53 8.77 -0.54 62.70
CA TYR F 53 8.47 0.72 63.36
C TYR F 53 7.82 1.68 62.37
N ARG F 54 6.65 2.19 62.73
CA ARG F 54 5.95 3.15 61.87
C ARG F 54 6.62 4.51 61.94
N TYR F 55 6.90 5.09 60.77
CA TYR F 55 7.39 6.45 60.69
C TYR F 55 6.31 7.43 61.13
N SER F 56 6.73 8.55 61.72
CA SER F 56 5.80 9.48 62.32
C SER F 56 4.79 9.99 61.30
N GLY F 57 3.52 9.99 61.68
CA GLY F 57 2.45 10.43 60.81
C GLY F 57 1.78 9.34 60.00
N VAL F 58 2.31 8.13 60.04
CA VAL F 58 1.76 7.04 59.21
C VAL F 58 0.60 6.40 59.96
N PRO F 59 -0.56 6.21 59.33
CA PRO F 59 -1.67 5.53 60.01
C PRO F 59 -1.25 4.17 60.54
N ASP F 60 -1.87 3.75 61.64
CA ASP F 60 -1.52 2.50 62.30
C ASP F 60 -2.00 1.27 61.54
N ARG F 61 -2.71 1.42 60.42
CA ARG F 61 -3.06 0.28 59.60
C ARG F 61 -1.87 -0.25 58.80
N PHE F 62 -0.77 0.49 58.73
CA PHE F 62 0.44 0.01 58.07
C PHE F 62 1.32 -0.65 59.13
N THR F 63 1.56 -1.95 58.98
CA THR F 63 2.39 -2.70 59.90
C THR F 63 3.49 -3.42 59.14
N GLY F 64 4.63 -3.58 59.82
CA GLY F 64 5.76 -4.30 59.25
C GLY F 64 6.15 -5.47 60.13
N SER F 65 6.69 -6.50 59.50
CA SER F 65 7.14 -7.69 60.22
C SER F 65 8.28 -8.32 59.44
N GLY F 66 8.98 -9.24 60.09
CA GLY F 66 10.06 -9.98 59.48
C GLY F 66 11.41 -9.61 60.06
N SER F 67 12.37 -10.51 59.86
CA SER F 67 13.74 -10.29 60.28
C SER F 67 14.63 -11.29 59.57
N GLY F 68 15.88 -10.90 59.33
CA GLY F 68 16.79 -11.74 58.60
C GLY F 68 16.75 -11.51 57.11
N THR F 69 15.94 -12.30 56.41
CA THR F 69 15.84 -12.25 54.96
C THR F 69 14.42 -12.11 54.44
N ASP F 70 13.40 -12.32 55.27
CA ASP F 70 12.01 -12.33 54.84
C ASP F 70 11.25 -11.23 55.57
N PHE F 71 10.70 -10.29 54.80
CA PHE F 71 10.00 -9.13 55.37
C PHE F 71 8.66 -8.95 54.69
N THR F 72 7.70 -8.42 55.45
CA THR F 72 6.33 -8.30 54.97
C THR F 72 5.74 -6.97 55.44
N LEU F 73 5.20 -6.21 54.48
CA LEU F 73 4.39 -5.02 54.77
C LEU F 73 2.92 -5.37 54.66
N THR F 74 2.16 -5.08 55.72
CA THR F 74 0.73 -5.35 55.77
C THR F 74 -0.04 -4.04 55.78
N ILE F 75 -1.03 -3.92 54.90
CA ILE F 75 -1.94 -2.79 54.86
C ILE F 75 -3.31 -3.30 55.28
N SER F 76 -3.77 -2.88 56.46
CA SER F 76 -5.10 -3.23 56.93
C SER F 76 -6.08 -2.14 56.56
N ASN F 77 -7.34 -2.54 56.37
CA ASN F 77 -8.41 -1.60 56.06
C ASN F 77 -8.00 -0.69 54.89
N VAL F 78 -7.74 -1.34 53.75
CA VAL F 78 -7.22 -0.63 52.59
C VAL F 78 -8.16 0.50 52.21
N GLN F 79 -7.61 1.68 51.95
CA GLN F 79 -8.36 2.85 51.55
C GLN F 79 -8.04 3.21 50.11
N SER F 80 -8.84 4.11 49.55
CA SER F 80 -8.64 4.54 48.17
C SER F 80 -7.26 5.14 47.98
N GLY F 81 -6.81 5.98 48.91
CA GLY F 81 -5.53 6.64 48.79
C GLY F 81 -4.35 5.68 48.78
N ASP F 82 -4.53 4.45 49.25
CA ASP F 82 -3.44 3.49 49.26
C ASP F 82 -3.03 3.02 47.86
N LEU F 83 -3.75 3.45 46.83
CA LEU F 83 -3.36 3.15 45.46
C LEU F 83 -1.98 3.75 45.17
N ALA F 84 -0.96 2.91 45.08
CA ALA F 84 0.42 3.38 45.00
C ALA F 84 1.35 2.19 44.81
N ASP F 85 2.62 2.50 44.61
CA ASP F 85 3.68 1.50 44.56
C ASP F 85 4.37 1.43 45.92
N TYR F 86 4.78 0.22 46.30
CA TYR F 86 5.45 -0.01 47.57
C TYR F 86 6.75 -0.77 47.32
N PHE F 87 7.85 -0.29 47.91
CA PHE F 87 9.14 -0.94 47.76
C PHE F 87 9.92 -0.86 49.07
N CYS F 88 10.74 -1.89 49.30
CA CYS F 88 11.55 -2.00 50.50
C CYS F 88 12.97 -1.50 50.24
N GLN F 89 13.69 -1.24 51.32
CA GLN F 89 15.09 -0.82 51.24
C GLN F 89 15.87 -1.41 52.40
N GLN F 90 17.00 -2.04 52.07
CA GLN F 90 17.93 -2.55 53.06
C GLN F 90 18.98 -1.48 53.37
N TYR F 91 19.31 -1.33 54.66
CA TYR F 91 20.40 -0.45 55.06
C TYR F 91 21.29 -1.09 56.11
N ASN F 92 21.42 -2.41 56.09
CA ASN F 92 22.38 -3.07 56.97
C ASN F 92 23.81 -2.91 56.47
N ASN F 93 23.99 -2.80 55.15
CA ASN F 93 25.30 -2.65 54.54
C ASN F 93 25.20 -1.67 53.38
N PHE F 94 26.28 -0.93 53.17
CA PHE F 94 26.41 -0.14 51.95
C PHE F 94 26.99 -1.01 50.84
N PRO F 95 26.57 -0.79 49.58
CA PRO F 95 25.62 0.23 49.13
C PRO F 95 24.17 -0.10 49.49
N LEU F 96 23.39 0.92 49.84
CA LEU F 96 21.96 0.71 50.05
C LEU F 96 21.35 0.12 48.79
N THR F 97 20.44 -0.84 48.96
CA THR F 97 19.79 -1.50 47.84
C THR F 97 18.30 -1.50 48.06
N PHE F 98 17.56 -1.52 46.95
CA PHE F 98 16.11 -1.40 46.96
C PHE F 98 15.48 -2.61 46.26
N GLY F 99 14.22 -2.86 46.61
CA GLY F 99 13.41 -3.79 45.83
C GLY F 99 12.77 -3.10 44.64
N ALA F 100 12.37 -3.91 43.66
CA ALA F 100 11.84 -3.36 42.41
C ALA F 100 10.42 -2.82 42.54
N GLY F 101 9.74 -3.13 43.63
CA GLY F 101 8.44 -2.54 43.89
C GLY F 101 7.28 -3.49 43.59
N THR F 102 6.14 -3.19 44.21
CA THR F 102 4.90 -3.91 43.98
C THR F 102 3.77 -2.90 43.88
N LYS F 103 3.01 -2.96 42.80
CA LYS F 103 1.91 -2.03 42.58
C LYS F 103 0.63 -2.56 43.18
N LEU F 104 -0.05 -1.72 43.96
CA LEU F 104 -1.30 -2.09 44.61
C LEU F 104 -2.47 -1.63 43.75
N GLU F 105 -3.27 -2.57 43.27
CA GLU F 105 -4.48 -2.29 42.51
C GLU F 105 -5.69 -2.33 43.44
N ILE F 106 -6.66 -1.46 43.14
CA ILE F 106 -7.93 -1.45 43.85
C ILE F 106 -8.94 -2.25 43.04
N LYS F 107 -9.66 -3.14 43.73
CA LYS F 107 -10.71 -3.92 43.09
C LYS F 107 -11.98 -3.09 42.91
N ARG F 108 -12.73 -3.43 41.87
CA ARG F 108 -14.00 -2.79 41.60
C ARG F 108 -14.82 -3.73 40.71
N ALA F 109 -16.05 -3.33 40.40
CA ALA F 109 -16.93 -4.17 39.62
C ALA F 109 -16.43 -4.29 38.18
N ASP F 110 -16.64 -5.46 37.58
CA ASP F 110 -16.26 -5.67 36.20
C ASP F 110 -16.93 -4.62 35.32
N ALA F 111 -16.21 -4.20 34.28
CA ALA F 111 -16.71 -3.19 33.35
C ALA F 111 -16.15 -3.49 31.97
N ALA F 112 -17.04 -3.58 30.98
CA ALA F 112 -16.62 -3.86 29.63
C ALA F 112 -15.91 -2.65 29.04
N PRO F 113 -14.95 -2.87 28.14
CA PRO F 113 -14.28 -1.73 27.51
C PRO F 113 -15.18 -1.07 26.48
N THR F 114 -15.05 0.25 26.37
CA THR F 114 -15.68 1.02 25.31
C THR F 114 -14.68 1.15 24.17
N VAL F 115 -14.98 0.53 23.03
CA VAL F 115 -14.02 0.37 21.94
C VAL F 115 -14.40 1.32 20.82
N SER F 116 -13.40 2.02 20.28
CA SER F 116 -13.58 2.92 19.15
C SER F 116 -12.41 2.73 18.19
N ILE F 117 -12.72 2.66 16.89
CA ILE F 117 -11.71 2.49 15.86
C ILE F 117 -11.71 3.72 14.98
N PHE F 118 -10.53 4.12 14.52
CA PHE F 118 -10.37 5.33 13.72
C PHE F 118 -9.49 5.05 12.51
N PRO F 119 -9.94 5.37 11.30
CA PRO F 119 -9.07 5.23 10.13
C PRO F 119 -7.97 6.27 10.15
N PRO F 120 -6.97 6.13 9.29
CA PRO F 120 -5.94 7.19 9.19
C PRO F 120 -6.54 8.50 8.72
N SER F 121 -6.01 9.60 9.25
CA SER F 121 -6.43 10.91 8.82
C SER F 121 -5.96 11.15 7.37
N SER F 122 -6.68 12.04 6.68
CA SER F 122 -6.26 12.41 5.34
C SER F 122 -4.91 13.14 5.38
N GLU F 123 -4.62 13.84 6.47
CA GLU F 123 -3.31 14.48 6.62
C GLU F 123 -2.19 13.45 6.58
N GLN F 124 -2.30 12.39 7.38
CA GLN F 124 -1.24 11.38 7.43
C GLN F 124 -1.05 10.71 6.08
N LEU F 125 -2.16 10.43 5.37
CA LEU F 125 -2.06 9.77 4.08
C LEU F 125 -1.31 10.62 3.06
N THR F 126 -1.47 11.95 3.15
CA THR F 126 -0.70 12.84 2.28
C THR F 126 0.79 12.60 2.42
N SER F 127 1.24 12.26 3.62
CA SER F 127 2.66 12.00 3.87
C SER F 127 3.04 10.54 3.66
N GLY F 128 2.14 9.72 3.12
CA GLY F 128 2.45 8.35 2.79
C GLY F 128 2.31 7.37 3.94
N GLY F 129 1.72 7.77 5.06
CA GLY F 129 1.52 6.89 6.19
C GLY F 129 0.06 6.57 6.41
N ALA F 130 -0.22 5.54 7.21
CA ALA F 130 -1.59 5.11 7.45
C ALA F 130 -1.64 4.38 8.80
N SER F 131 -1.99 5.11 9.85
CA SER F 131 -2.14 4.55 11.18
C SER F 131 -3.62 4.34 11.47
N VAL F 132 -3.97 3.14 11.93
CA VAL F 132 -5.32 2.82 12.39
C VAL F 132 -5.27 2.73 13.91
N VAL F 133 -6.14 3.47 14.59
CA VAL F 133 -6.09 3.60 16.04
C VAL F 133 -7.33 2.96 16.65
N CYS F 134 -7.12 2.19 17.72
CA CYS F 134 -8.21 1.58 18.48
C CYS F 134 -8.04 1.93 19.94
N PHE F 135 -9.04 2.59 20.52
CA PHE F 135 -9.08 2.89 21.94
C PHE F 135 -9.98 1.88 22.65
N LEU F 136 -9.51 1.38 23.79
CA LEU F 136 -10.28 0.48 24.64
C LEU F 136 -10.29 1.10 26.04
N ASN F 137 -11.39 1.78 26.38
CA ASN F 137 -11.39 2.71 27.51
C ASN F 137 -12.30 2.21 28.63
N ASN F 138 -11.81 2.39 29.87
CA ASN F 138 -12.61 2.22 31.08
C ASN F 138 -13.14 0.79 31.21
N PHE F 139 -12.21 -0.15 31.36
CA PHE F 139 -12.55 -1.55 31.60
C PHE F 139 -11.88 -2.05 32.87
N TYR F 140 -12.43 -3.14 33.41
CA TYR F 140 -11.90 -3.81 34.57
C TYR F 140 -12.33 -5.27 34.51
N PRO F 141 -11.44 -6.22 34.84
CA PRO F 141 -10.05 -6.07 35.30
C PRO F 141 -9.09 -5.67 34.19
N LYS F 142 -7.81 -5.54 34.53
CA LYS F 142 -6.83 -4.96 33.61
C LYS F 142 -6.49 -5.91 32.47
N ASP F 143 -6.64 -7.21 32.68
CA ASP F 143 -6.23 -8.18 31.66
C ASP F 143 -7.14 -8.06 30.45
N ILE F 144 -6.51 -7.90 29.27
CA ILE F 144 -7.25 -7.76 28.03
C ILE F 144 -6.34 -8.20 26.89
N ASN F 145 -6.95 -8.62 25.79
CA ASN F 145 -6.21 -9.01 24.59
C ASN F 145 -6.82 -8.28 23.40
N VAL F 146 -5.96 -7.71 22.56
CA VAL F 146 -6.37 -6.99 21.36
C VAL F 146 -5.78 -7.69 20.16
N LYS F 147 -6.60 -7.90 19.13
CA LYS F 147 -6.20 -8.54 17.89
C LYS F 147 -6.64 -7.69 16.72
N TRP F 148 -5.72 -7.42 15.80
CA TRP F 148 -6.03 -6.69 14.59
C TRP F 148 -6.29 -7.68 13.46
N LYS F 149 -7.35 -7.42 12.69
CA LYS F 149 -7.69 -8.22 11.53
C LYS F 149 -7.86 -7.32 10.31
N ILE F 150 -7.30 -7.75 9.20
CA ILE F 150 -7.43 -7.07 7.91
C ILE F 150 -8.18 -8.02 6.99
N ASP F 151 -9.34 -7.58 6.49
CA ASP F 151 -10.19 -8.44 5.67
C ASP F 151 -10.39 -9.80 6.33
N GLY F 152 -10.53 -9.79 7.65
CA GLY F 152 -10.87 -10.98 8.40
C GLY F 152 -9.70 -11.81 8.88
N SER F 153 -8.47 -11.50 8.46
CA SER F 153 -7.30 -12.30 8.83
C SER F 153 -6.40 -11.52 9.77
N GLU F 154 -5.89 -12.21 10.77
CA GLU F 154 -5.10 -11.58 11.83
C GLU F 154 -3.87 -10.89 11.26
N ARG F 155 -3.45 -9.81 11.93
CA ARG F 155 -2.27 -9.05 11.54
C ARG F 155 -1.46 -8.77 12.81
N GLN F 156 -0.16 -9.10 12.77
CA GLN F 156 0.67 -9.11 13.97
C GLN F 156 1.70 -7.99 14.04
N ASN F 157 2.44 -7.74 12.97
CA ASN F 157 3.49 -6.73 13.05
C ASN F 157 2.96 -5.36 12.65
N GLY F 158 3.67 -4.32 13.09
CA GLY F 158 3.25 -2.95 12.91
C GLY F 158 2.30 -2.45 13.97
N VAL F 159 2.08 -3.22 15.04
CA VAL F 159 1.15 -2.88 16.11
C VAL F 159 1.94 -2.36 17.29
N LEU F 160 1.53 -1.21 17.83
CA LEU F 160 2.12 -0.65 19.03
C LEU F 160 1.00 -0.33 20.01
N ASN F 161 1.17 -0.73 21.27
CA ASN F 161 0.15 -0.61 22.28
C ASN F 161 0.63 0.28 23.42
N SER F 162 -0.32 0.93 24.08
CA SER F 162 -0.02 1.78 25.23
C SER F 162 -1.16 1.64 26.24
N TRP F 163 -0.80 1.52 27.51
CA TRP F 163 -1.75 1.33 28.60
C TRP F 163 -1.64 2.46 29.61
N THR F 164 -2.77 2.86 30.17
CA THR F 164 -2.78 3.81 31.26
C THR F 164 -2.72 3.08 32.61
N ASP F 165 -2.27 3.79 33.64
CA ASP F 165 -2.39 3.29 34.99
C ASP F 165 -3.85 3.28 35.42
N GLN F 166 -4.13 2.51 36.48
CA GLN F 166 -5.48 2.47 37.01
C GLN F 166 -5.95 3.88 37.34
N ASP F 167 -7.10 4.26 36.79
CA ASP F 167 -7.66 5.58 37.05
C ASP F 167 -7.96 5.74 38.53
N SER F 168 -7.56 6.86 39.12
CA SER F 168 -7.73 7.09 40.53
C SER F 168 -9.16 7.45 40.91
N LYS F 169 -10.03 7.70 39.94
CA LYS F 169 -11.40 8.13 40.21
C LYS F 169 -12.41 7.00 40.12
N ASP F 170 -12.25 6.10 39.14
CA ASP F 170 -13.19 5.01 38.95
C ASP F 170 -12.53 3.64 38.91
N SER F 171 -11.22 3.55 39.09
CA SER F 171 -10.51 2.28 39.24
C SER F 171 -10.55 1.42 37.98
N THR F 172 -10.79 2.02 36.81
CA THR F 172 -10.79 1.30 35.55
C THR F 172 -9.44 1.47 34.85
N TYR F 173 -9.25 0.69 33.78
CA TYR F 173 -8.09 0.76 32.93
C TYR F 173 -8.48 1.15 31.51
N SER F 174 -7.54 1.71 30.77
CA SER F 174 -7.74 2.05 29.37
C SER F 174 -6.50 1.67 28.58
N MET F 175 -6.70 1.49 27.27
CA MET F 175 -5.63 1.02 26.39
C MET F 175 -5.82 1.60 25.00
N SER F 176 -4.69 1.85 24.33
CA SER F 176 -4.66 2.31 22.94
C SER F 176 -3.81 1.36 22.11
N SER F 177 -4.30 1.01 20.92
CA SER F 177 -3.58 0.15 20.00
C SER F 177 -3.55 0.80 18.62
N THR F 178 -2.37 0.88 18.03
CA THR F 178 -2.18 1.54 16.73
C THR F 178 -1.51 0.57 15.75
N LEU F 179 -2.17 0.33 14.63
CA LEU F 179 -1.59 -0.42 13.51
C LEU F 179 -1.15 0.57 12.44
N THR F 180 0.14 0.59 12.14
CA THR F 180 0.72 1.55 11.20
C THR F 180 1.18 0.82 9.94
N LEU F 181 0.58 1.19 8.81
CA LEU F 181 0.99 0.74 7.49
C LEU F 181 1.44 1.93 6.65
N THR F 182 2.07 1.62 5.53
CA THR F 182 2.22 2.60 4.46
C THR F 182 0.88 2.85 3.81
N ARG F 183 0.75 4.01 3.17
CA ARG F 183 -0.47 4.30 2.41
C ARG F 183 -0.72 3.21 1.36
N ASP F 184 0.34 2.77 0.69
CA ASP F 184 0.19 1.72 -0.32
C ASP F 184 -0.39 0.45 0.29
N GLU F 185 0.18 -0.01 1.40
CA GLU F 185 -0.35 -1.17 2.09
C GLU F 185 -1.82 -0.96 2.44
N TYR F 186 -2.13 0.20 3.01
CA TYR F 186 -3.47 0.45 3.53
C TYR F 186 -4.53 0.40 2.43
N GLU F 187 -4.22 0.94 1.26
CA GLU F 187 -5.19 1.02 0.17
C GLU F 187 -5.32 -0.29 -0.60
N ARG F 188 -4.67 -1.35 -0.15
CA ARG F 188 -4.81 -2.68 -0.74
C ARG F 188 -5.82 -3.56 -0.02
N HIS F 189 -6.45 -3.06 1.03
CA HIS F 189 -7.41 -3.84 1.79
C HIS F 189 -8.66 -3.02 2.01
N ASN F 190 -9.71 -3.67 2.51
CA ASN F 190 -11.03 -3.03 2.62
C ASN F 190 -11.46 -2.88 4.06
N SER F 191 -11.55 -3.98 4.81
CA SER F 191 -12.04 -3.96 6.19
C SER F 191 -10.87 -3.98 7.16
N TYR F 192 -10.88 -3.07 8.12
CA TYR F 192 -9.92 -3.04 9.21
C TYR F 192 -10.69 -3.21 10.51
N THR F 193 -10.21 -4.13 11.34
CA THR F 193 -10.97 -4.59 12.50
C THR F 193 -10.09 -4.61 13.73
N CYS F 194 -10.62 -4.05 14.83
CA CYS F 194 -10.00 -4.14 16.13
C CYS F 194 -10.87 -5.06 16.99
N GLU F 195 -10.24 -6.09 17.57
CA GLU F 195 -10.96 -7.15 18.27
C GLU F 195 -10.43 -7.28 19.68
N ALA F 196 -11.32 -7.10 20.66
CA ALA F 196 -10.96 -7.12 22.08
C ALA F 196 -11.57 -8.33 22.76
N THR F 197 -10.73 -9.10 23.47
CA THR F 197 -11.20 -10.22 24.28
C THR F 197 -11.02 -9.84 25.74
N HIS F 198 -12.13 -9.83 26.49
CA HIS F 198 -12.12 -9.40 27.88
C HIS F 198 -13.05 -10.30 28.68
N LYS F 199 -12.69 -10.53 29.94
CA LYS F 199 -13.41 -11.51 30.76
C LYS F 199 -14.89 -11.19 30.87
N THR F 200 -15.30 -9.96 30.55
CA THR F 200 -16.71 -9.59 30.61
C THR F 200 -17.52 -10.18 29.46
N SER F 201 -16.89 -10.97 28.59
CA SER F 201 -17.61 -11.62 27.50
C SER F 201 -16.66 -12.60 26.83
N THR F 202 -17.16 -13.80 26.54
CA THR F 202 -16.43 -14.73 25.71
C THR F 202 -16.49 -14.36 24.25
N SER F 203 -17.56 -13.69 23.84
CA SER F 203 -17.67 -13.19 22.48
C SER F 203 -16.85 -11.90 22.39
N PRO F 204 -15.86 -11.82 21.51
CA PRO F 204 -15.03 -10.62 21.47
C PRO F 204 -15.83 -9.40 21.06
N ILE F 205 -15.38 -8.24 21.55
CA ILE F 205 -15.96 -6.96 21.13
C ILE F 205 -15.27 -6.55 19.83
N VAL F 206 -16.06 -6.34 18.79
CA VAL F 206 -15.55 -6.09 17.45
C VAL F 206 -15.96 -4.68 17.04
N LYS F 207 -14.96 -3.85 16.75
CA LYS F 207 -15.18 -2.56 16.11
C LYS F 207 -14.41 -2.56 14.80
N SER F 208 -15.08 -2.16 13.72
CA SER F 208 -14.55 -2.33 12.38
C SER F 208 -15.07 -1.21 11.50
N PHE F 209 -14.38 -1.00 10.38
CA PHE F 209 -14.84 -0.08 9.36
C PHE F 209 -14.36 -0.59 8.02
N ASN F 210 -14.97 -0.08 6.95
CA ASN F 210 -14.59 -0.44 5.59
C ASN F 210 -14.06 0.81 4.91
N ARG F 211 -12.86 0.69 4.33
CA ARG F 211 -12.22 1.84 3.70
C ARG F 211 -13.00 2.37 2.50
N ASN F 212 -13.88 1.55 1.92
CA ASN F 212 -14.69 1.99 0.79
C ASN F 212 -15.82 2.90 1.22
N GLU F 213 -16.59 2.49 2.23
CA GLU F 213 -17.76 3.25 2.68
C GLU F 213 -17.41 4.71 2.93
N CYS F 214 -18.09 5.60 2.20
CA CYS F 214 -17.98 7.05 2.35
C CYS F 214 -17.07 7.62 1.27
N PCA G 1 -12.69 25.18 -16.91
CA PCA G 1 -11.77 25.59 -18.02
CB PCA G 1 -10.39 25.92 -17.48
CG PCA G 1 -10.34 25.32 -16.09
CD PCA G 1 -11.77 25.02 -15.78
OE PCA G 1 -12.13 24.68 -14.66
C PCA G 1 -11.68 24.49 -19.07
O PCA G 1 -11.60 23.31 -18.75
N VAL G 2 -11.68 24.89 -20.34
CA VAL G 2 -11.64 23.94 -21.44
C VAL G 2 -10.28 23.25 -21.55
N GLN G 3 -10.30 21.93 -21.69
CA GLN G 3 -9.09 21.13 -21.79
C GLN G 3 -9.43 19.83 -22.49
N LEU G 4 -8.44 19.28 -23.19
CA LEU G 4 -8.57 18.04 -23.93
C LEU G 4 -7.52 17.06 -23.42
N GLN G 5 -7.97 15.91 -22.93
CA GLN G 5 -7.10 14.90 -22.35
C GLN G 5 -7.01 13.71 -23.29
N GLN G 6 -5.79 13.41 -23.76
CA GLN G 6 -5.55 12.32 -24.69
C GLN G 6 -5.01 11.09 -23.97
N SER G 7 -5.18 9.94 -24.62
CA SER G 7 -4.76 8.67 -24.05
C SER G 7 -3.24 8.52 -24.14
N GLY G 8 -2.73 7.46 -23.52
CA GLY G 8 -1.31 7.29 -23.34
C GLY G 8 -0.62 6.71 -24.56
N ALA G 9 0.71 6.65 -24.46
CA ALA G 9 1.54 6.20 -25.58
C ALA G 9 1.18 4.78 -25.98
N GLU G 10 1.49 4.44 -27.23
CA GLU G 10 1.15 3.15 -27.80
C GLU G 10 2.34 2.57 -28.55
N LEU G 11 2.54 1.26 -28.38
CA LEU G 11 3.52 0.49 -29.15
C LEU G 11 2.75 -0.59 -29.91
N MET G 12 2.78 -0.51 -31.24
CA MET G 12 1.98 -1.37 -32.10
C MET G 12 2.87 -2.11 -33.09
N LYS G 13 2.45 -3.33 -33.43
CA LYS G 13 3.08 -4.11 -34.47
C LYS G 13 2.61 -3.63 -35.84
N PRO G 14 3.49 -3.62 -36.85
CA PRO G 14 3.02 -3.23 -38.19
C PRO G 14 1.86 -4.10 -38.62
N GLY G 15 0.91 -3.49 -39.34
CA GLY G 15 -0.29 -4.18 -39.76
C GLY G 15 -1.44 -4.10 -38.77
N ALA G 16 -1.16 -3.87 -37.50
CA ALA G 16 -2.20 -3.72 -36.50
C ALA G 16 -2.91 -2.38 -36.67
N SER G 17 -3.92 -2.17 -35.85
CA SER G 17 -4.59 -0.88 -35.77
C SER G 17 -4.62 -0.45 -34.30
N VAL G 18 -4.78 0.86 -34.10
CA VAL G 18 -4.77 1.45 -32.77
C VAL G 18 -5.89 2.47 -32.69
N LYS G 19 -6.46 2.61 -31.49
CA LYS G 19 -7.56 3.52 -31.23
C LYS G 19 -7.15 4.41 -30.05
N ILE G 20 -6.93 5.68 -30.34
CA ILE G 20 -6.56 6.65 -29.32
C ILE G 20 -7.74 7.58 -29.08
N SER G 21 -7.79 8.17 -27.88
CA SER G 21 -8.95 8.87 -27.41
C SER G 21 -8.60 10.30 -27.01
N CYS G 22 -9.65 11.13 -26.91
CA CYS G 22 -9.49 12.55 -26.61
C CYS G 22 -10.74 12.96 -25.81
N LYS G 23 -10.57 13.09 -24.50
CA LYS G 23 -11.68 13.40 -23.61
C LYS G 23 -11.76 14.92 -23.45
N ALA G 24 -12.93 15.48 -23.73
CA ALA G 24 -13.11 16.93 -23.79
C ALA G 24 -13.88 17.42 -22.57
N THR G 25 -13.30 18.40 -21.88
CA THR G 25 -13.99 19.12 -20.80
C THR G 25 -13.41 20.51 -20.73
N GLY G 26 -14.17 21.47 -20.18
CA GLY G 26 -15.57 21.35 -19.80
C GLY G 26 -16.38 22.36 -20.60
N TYR G 27 -17.13 21.85 -21.57
CA TYR G 27 -17.97 22.68 -22.42
C TYR G 27 -18.98 21.77 -23.10
N THR G 28 -19.86 22.36 -23.91
CA THR G 28 -20.85 21.59 -24.65
C THR G 28 -20.14 20.82 -25.75
N PHE G 29 -19.98 19.51 -25.54
CA PHE G 29 -19.17 18.69 -26.45
C PHE G 29 -19.67 18.78 -27.89
N SER G 30 -20.98 18.93 -28.09
CA SER G 30 -21.57 18.91 -29.42
C SER G 30 -21.54 20.27 -30.12
N GLY G 31 -20.95 21.29 -29.50
CA GLY G 31 -20.93 22.63 -30.08
C GLY G 31 -19.64 23.02 -30.77
N HIS G 32 -18.65 22.14 -30.81
CA HIS G 32 -17.37 22.45 -31.45
C HIS G 32 -16.86 21.23 -32.19
N TRP G 33 -16.20 21.47 -33.32
CA TRP G 33 -15.52 20.41 -34.03
C TRP G 33 -14.25 20.01 -33.28
N ILE G 34 -13.96 18.72 -33.27
CA ILE G 34 -12.70 18.20 -32.76
C ILE G 34 -11.80 17.89 -33.94
N GLU G 35 -10.58 18.41 -33.92
CA GLU G 35 -9.63 18.26 -35.00
C GLU G 35 -8.54 17.28 -34.60
N TRP G 36 -7.92 16.66 -35.61
CA TRP G 36 -6.86 15.70 -35.40
C TRP G 36 -5.68 16.05 -36.29
N VAL G 37 -4.48 16.01 -35.72
CA VAL G 37 -3.27 16.44 -36.41
C VAL G 37 -2.15 15.46 -36.11
N LYS G 38 -1.23 15.32 -37.06
CA LYS G 38 -0.13 14.37 -36.99
C LYS G 38 1.20 15.10 -37.00
N GLN G 39 2.13 14.65 -36.16
CA GLN G 39 3.46 15.26 -36.07
C GLN G 39 4.50 14.15 -36.13
N ARG G 40 5.06 13.89 -37.31
CA ARG G 40 6.23 13.04 -37.36
C ARG G 40 7.47 13.84 -36.95
N PRO G 41 8.45 13.20 -36.32
CA PRO G 41 9.72 13.90 -36.06
C PRO G 41 10.41 14.25 -37.36
N GLY G 42 10.82 15.51 -37.48
CA GLY G 42 11.44 16.01 -38.69
C GLY G 42 10.48 16.51 -39.74
N HIS G 43 9.17 16.39 -39.51
CA HIS G 43 8.16 16.90 -40.43
C HIS G 43 7.27 17.90 -39.70
N GLY G 44 6.63 18.76 -40.48
CA GLY G 44 5.63 19.65 -39.93
C GLY G 44 4.33 18.93 -39.64
N LEU G 45 3.40 19.66 -39.02
CA LEU G 45 2.11 19.08 -38.69
C LEU G 45 1.30 18.78 -39.96
N GLU G 46 0.59 17.66 -39.93
CA GLU G 46 -0.31 17.27 -41.00
C GLU G 46 -1.73 17.19 -40.46
N TRP G 47 -2.68 17.81 -41.15
CA TRP G 47 -4.07 17.78 -40.75
C TRP G 47 -4.70 16.46 -41.19
N ILE G 48 -5.27 15.72 -40.24
CA ILE G 48 -5.88 14.43 -40.53
C ILE G 48 -7.35 14.58 -40.88
N GLY G 49 -8.12 15.21 -40.00
CA GLY G 49 -9.53 15.38 -40.24
C GLY G 49 -10.21 16.03 -39.06
N GLU G 50 -11.55 16.03 -39.09
CA GLU G 50 -12.34 16.67 -38.05
C GLU G 50 -13.67 15.94 -37.94
N ILE G 51 -14.27 16.02 -36.76
CA ILE G 51 -15.58 15.43 -36.50
C ILE G 51 -16.36 16.37 -35.58
N LEU G 52 -17.65 16.52 -35.85
CA LEU G 52 -18.53 17.32 -35.01
C LEU G 52 -19.33 16.39 -34.12
N PRO G 53 -19.03 16.30 -32.81
CA PRO G 53 -19.80 15.39 -31.95
C PRO G 53 -21.28 15.71 -31.98
N GLY G 54 -22.10 14.66 -31.90
CA GLY G 54 -23.55 14.82 -31.95
C GLY G 54 -24.11 14.61 -33.33
N SER G 55 -23.75 15.47 -34.28
CA SER G 55 -24.18 15.30 -35.65
C SER G 55 -23.46 14.16 -36.35
N GLY G 56 -22.29 13.77 -35.86
CA GLY G 56 -21.52 12.70 -36.46
C GLY G 56 -21.00 13.02 -37.85
N ASN G 57 -21.13 14.28 -38.27
CA ASN G 57 -20.58 14.70 -39.54
C ASN G 57 -19.05 14.69 -39.49
N ILE G 58 -18.43 14.25 -40.57
CA ILE G 58 -17.00 13.98 -40.60
C ILE G 58 -16.40 14.54 -41.89
N HIS G 59 -15.18 15.05 -41.79
CA HIS G 59 -14.39 15.44 -42.95
C HIS G 59 -13.00 14.84 -42.80
N TYR G 60 -12.42 14.43 -43.93
CA TYR G 60 -11.14 13.76 -43.93
C TYR G 60 -10.17 14.49 -44.87
N ASN G 61 -8.89 14.43 -44.51
CA ASN G 61 -7.86 14.76 -45.48
C ASN G 61 -7.78 13.60 -46.46
N GLU G 62 -7.77 13.91 -47.76
CA GLU G 62 -7.79 12.83 -48.75
C GLU G 62 -6.60 11.90 -48.55
N LYS G 63 -5.45 12.45 -48.12
CA LYS G 63 -4.24 11.64 -47.93
C LYS G 63 -4.42 10.59 -46.85
N PHE G 64 -5.43 10.73 -45.99
CA PHE G 64 -5.70 9.77 -44.91
C PHE G 64 -7.00 9.02 -45.16
N LYS G 65 -7.41 8.91 -46.43
CA LYS G 65 -8.72 8.35 -46.73
C LYS G 65 -8.90 7.00 -46.08
N GLY G 66 -7.97 6.08 -46.31
CA GLY G 66 -8.06 4.75 -45.76
C GLY G 66 -7.27 4.49 -44.50
N LYS G 67 -6.66 5.52 -43.90
CA LYS G 67 -5.84 5.32 -42.71
C LYS G 67 -6.60 5.62 -41.43
N ALA G 68 -7.37 6.70 -41.39
CA ALA G 68 -7.96 7.22 -40.16
C ALA G 68 -9.47 7.21 -40.24
N THR G 69 -10.10 6.88 -39.13
CA THR G 69 -11.54 6.97 -38.97
C THR G 69 -11.84 7.61 -37.62
N PHE G 70 -12.95 8.32 -37.54
CA PHE G 70 -13.27 9.12 -36.37
C PHE G 70 -14.60 8.67 -35.77
N ALA G 71 -14.72 8.86 -34.46
CA ALA G 71 -15.96 8.65 -33.73
C ALA G 71 -16.00 9.62 -32.56
N ALA G 72 -17.21 9.90 -32.09
CA ALA G 72 -17.41 10.81 -30.98
C ALA G 72 -18.56 10.29 -30.13
N ASP G 73 -18.25 9.93 -28.87
CA ASP G 73 -19.25 9.43 -27.93
C ASP G 73 -19.72 10.60 -27.08
N THR G 74 -20.96 11.03 -27.29
CA THR G 74 -21.49 12.19 -26.57
C THR G 74 -21.82 11.87 -25.12
N SER G 75 -21.92 10.59 -24.76
CA SER G 75 -22.18 10.22 -23.38
C SER G 75 -20.94 10.27 -22.51
N SER G 76 -19.75 10.18 -23.12
CA SER G 76 -18.49 10.26 -22.40
C SER G 76 -17.67 11.49 -22.75
N ASN G 77 -18.18 12.37 -23.63
CA ASN G 77 -17.45 13.56 -24.04
C ASN G 77 -16.07 13.20 -24.56
N THR G 78 -15.99 12.11 -25.32
CA THR G 78 -14.73 11.56 -25.80
C THR G 78 -14.78 11.35 -27.30
N ALA G 79 -13.78 11.87 -28.00
CA ALA G 79 -13.60 11.61 -29.42
C ALA G 79 -12.50 10.59 -29.62
N TYR G 80 -12.62 9.81 -30.68
CA TYR G 80 -11.69 8.72 -30.99
C TYR G 80 -11.19 8.85 -32.41
N MET G 81 -9.92 8.49 -32.61
CA MET G 81 -9.36 8.27 -33.93
C MET G 81 -8.70 6.90 -33.94
N GLN G 82 -9.04 6.09 -34.93
CA GLN G 82 -8.42 4.79 -35.13
C GLN G 82 -7.57 4.83 -36.39
N LEU G 83 -6.38 4.23 -36.32
CA LEU G 83 -5.46 4.12 -37.44
C LEU G 83 -5.29 2.65 -37.77
N SER G 84 -5.56 2.30 -39.03
CA SER G 84 -5.55 0.91 -39.47
C SER G 84 -4.30 0.64 -40.31
N SER G 85 -3.94 -0.64 -40.39
CA SER G 85 -2.82 -1.12 -41.20
C SER G 85 -1.58 -0.27 -40.95
N LEU G 86 -1.13 -0.31 -39.70
CA LEU G 86 -0.05 0.56 -39.26
C LEU G 86 1.28 0.18 -39.92
N THR G 87 2.06 1.20 -40.26
CA THR G 87 3.40 1.05 -40.80
C THR G 87 4.34 2.01 -40.09
N SER G 88 5.60 2.00 -40.48
CA SER G 88 6.59 2.87 -39.84
C SER G 88 6.26 4.34 -40.05
N GLU G 89 5.61 4.69 -41.17
CA GLU G 89 5.29 6.07 -41.45
C GLU G 89 4.16 6.60 -40.58
N ASP G 90 3.45 5.73 -39.86
CA ASP G 90 2.45 6.16 -38.90
C ASP G 90 3.05 6.48 -37.53
N SER G 91 4.30 6.13 -37.28
CA SER G 91 4.95 6.51 -36.04
C SER G 91 5.03 8.02 -35.94
N ALA G 92 4.34 8.59 -34.96
CA ALA G 92 4.24 10.03 -34.83
C ALA G 92 3.56 10.36 -33.52
N VAL G 93 3.51 11.65 -33.21
CA VAL G 93 2.68 12.18 -32.13
C VAL G 93 1.39 12.70 -32.76
N TYR G 94 0.26 12.37 -32.15
CA TYR G 94 -1.05 12.76 -32.67
C TYR G 94 -1.74 13.65 -31.65
N TYR G 95 -2.13 14.85 -32.08
CA TYR G 95 -2.83 15.80 -31.25
C TYR G 95 -4.29 15.88 -31.67
N CYS G 96 -5.17 15.95 -30.69
CA CYS G 96 -6.52 16.44 -30.92
C CYS G 96 -6.59 17.91 -30.50
N ALA G 97 -7.48 18.64 -31.15
CA ALA G 97 -7.64 20.07 -30.88
C ALA G 97 -9.08 20.45 -31.13
N ARG G 98 -9.54 21.48 -30.42
CA ARG G 98 -10.89 21.99 -30.60
C ARG G 98 -10.88 23.11 -31.63
N LEU G 99 -11.80 23.03 -32.58
CA LEU G 99 -11.95 24.09 -33.57
C LEU G 99 -12.62 25.28 -32.91
N GLY G 100 -11.94 26.42 -32.93
CA GLY G 100 -12.52 27.62 -32.34
C GLY G 100 -13.84 27.97 -33.00
N THR G 101 -14.72 28.58 -32.21
CA THR G 101 -15.99 29.05 -32.75
C THR G 101 -15.71 30.08 -33.83
N THR G 102 -16.41 29.97 -34.95
CA THR G 102 -16.16 30.81 -36.12
C THR G 102 -17.48 31.40 -36.61
N ALA G 103 -17.36 32.50 -37.34
CA ALA G 103 -18.50 33.22 -37.87
C ALA G 103 -18.51 33.10 -39.40
N VAL G 104 -19.06 34.10 -40.09
CA VAL G 104 -19.20 34.04 -41.53
C VAL G 104 -17.84 34.05 -42.22
N GLU G 105 -16.81 34.59 -41.55
CA GLU G 105 -15.49 34.70 -42.16
C GLU G 105 -14.81 33.35 -42.31
N ARG G 106 -15.25 32.33 -41.58
CA ARG G 106 -14.64 31.00 -41.62
C ARG G 106 -13.19 31.05 -41.13
N ASP G 107 -13.01 31.61 -39.93
CA ASP G 107 -11.71 31.60 -39.27
C ASP G 107 -11.55 30.24 -38.59
N TRP G 108 -10.90 29.31 -39.29
CA TRP G 108 -10.76 27.93 -38.84
C TRP G 108 -9.38 27.72 -38.24
N TYR G 109 -9.23 28.14 -36.98
CA TYR G 109 -8.03 27.91 -36.20
C TYR G 109 -8.40 27.10 -34.95
N PHE G 110 -7.37 26.60 -34.28
CA PHE G 110 -7.55 25.77 -33.09
C PHE G 110 -7.34 26.64 -31.85
N ASP G 111 -8.33 26.64 -30.96
CA ASP G 111 -8.26 27.45 -29.75
C ASP G 111 -7.91 26.64 -28.51
N VAL G 112 -7.94 25.31 -28.59
CA VAL G 112 -7.48 24.45 -27.51
C VAL G 112 -6.84 23.21 -28.12
N TRP G 113 -5.73 22.77 -27.53
CA TRP G 113 -5.01 21.60 -28.01
C TRP G 113 -4.87 20.57 -26.89
N GLY G 114 -4.89 19.30 -27.27
CA GLY G 114 -4.49 18.24 -26.36
C GLY G 114 -2.98 18.15 -26.24
N ALA G 115 -2.54 17.32 -25.30
CA ALA G 115 -1.11 17.17 -25.04
C ALA G 115 -0.42 16.25 -26.04
N GLY G 116 -1.17 15.48 -26.80
CA GLY G 116 -0.60 14.61 -27.82
C GLY G 116 -0.45 13.18 -27.35
N THR G 117 -0.54 12.26 -28.30
CA THR G 117 -0.40 10.83 -28.04
C THR G 117 0.68 10.27 -28.95
N THR G 118 1.68 9.64 -28.36
CA THR G 118 2.77 9.05 -29.12
C THR G 118 2.36 7.65 -29.58
N VAL G 119 2.48 7.40 -30.87
CA VAL G 119 2.24 6.09 -31.45
C VAL G 119 3.53 5.64 -32.09
N THR G 120 4.03 4.47 -31.69
CA THR G 120 5.24 3.89 -32.23
C THR G 120 4.90 2.57 -32.90
N VAL G 121 5.24 2.46 -34.18
CA VAL G 121 5.01 1.26 -34.96
C VAL G 121 6.39 0.63 -35.21
N SER G 122 6.56 -0.59 -34.72
CA SER G 122 7.87 -1.23 -34.78
C SER G 122 7.70 -2.73 -34.62
N LEU G 123 8.67 -3.47 -35.15
CA LEU G 123 8.73 -4.91 -34.98
C LEU G 123 9.56 -5.32 -33.78
N ALA G 124 10.41 -4.42 -33.27
CA ALA G 124 11.21 -4.70 -32.10
C ALA G 124 10.34 -4.98 -30.88
N ASP G 125 10.86 -5.82 -29.99
CA ASP G 125 10.19 -6.28 -28.78
C ASP G 125 10.71 -5.52 -27.56
N PRO G 126 9.89 -5.33 -26.53
CA PRO G 126 10.39 -4.67 -25.32
C PRO G 126 11.64 -5.33 -24.78
N SER G 127 12.64 -4.50 -24.46
CA SER G 127 13.90 -4.95 -23.90
C SER G 127 14.26 -4.05 -22.72
N ALA G 128 14.62 -4.64 -21.59
CA ALA G 128 14.99 -3.86 -20.43
C ALA G 128 16.36 -3.23 -20.62
N PRO G 129 16.61 -2.08 -20.00
CA PRO G 129 17.91 -1.42 -20.17
C PRO G 129 19.00 -2.02 -19.31
N SER G 130 20.23 -1.92 -19.81
CA SER G 130 21.41 -2.03 -18.98
C SER G 130 21.77 -0.64 -18.48
N VAL G 131 22.04 -0.53 -17.19
CA VAL G 131 22.35 0.74 -16.54
C VAL G 131 23.80 0.70 -16.09
N TYR G 132 24.61 1.61 -16.61
CA TYR G 132 26.05 1.59 -16.39
C TYR G 132 26.46 2.83 -15.61
N PRO G 133 27.10 2.70 -14.46
CA PRO G 133 27.58 3.88 -13.74
C PRO G 133 28.86 4.40 -14.37
N LEU G 134 28.94 5.72 -14.50
CA LEU G 134 30.11 6.38 -15.07
C LEU G 134 30.79 7.20 -13.98
N ALA G 135 31.88 6.65 -13.43
CA ALA G 135 32.68 7.36 -12.46
C ALA G 135 33.85 8.04 -13.15
N PRO G 136 34.33 9.17 -12.61
CA PRO G 136 35.34 9.96 -13.31
C PRO G 136 36.66 9.19 -13.44
N VAL G 137 37.45 9.64 -14.41
CA VAL G 137 38.76 9.04 -14.67
C VAL G 137 39.47 8.84 -13.34
N CYS G 138 40.00 7.62 -13.14
CA CYS G 138 40.68 7.30 -11.89
C CYS G 138 41.76 8.31 -11.56
N GLY G 139 42.33 8.94 -12.57
CA GLY G 139 43.40 9.87 -12.29
C GLY G 139 42.90 11.02 -11.50
N ASP G 140 42.31 11.96 -12.21
CA ASP G 140 42.14 13.28 -11.65
C ASP G 140 40.71 13.77 -11.51
N THR G 141 40.36 14.23 -10.31
CA THR G 141 39.13 14.99 -10.03
C THR G 141 39.49 16.45 -9.71
N THR G 142 40.41 17.02 -10.50
CA THR G 142 40.87 18.36 -10.21
C THR G 142 39.78 19.41 -10.40
N GLY G 143 39.85 20.41 -9.56
CA GLY G 143 38.91 21.51 -9.55
C GLY G 143 37.90 21.37 -8.44
N SER G 144 36.98 22.31 -8.45
CA SER G 144 36.01 22.45 -7.38
C SER G 144 34.84 21.49 -7.51
N SER G 145 34.57 20.99 -8.71
CA SER G 145 33.41 20.15 -8.97
C SER G 145 33.82 18.84 -9.62
N VAL G 146 33.00 17.82 -9.43
CA VAL G 146 33.18 16.52 -10.06
C VAL G 146 31.89 16.16 -10.79
N THR G 147 32.03 15.58 -11.98
CA THR G 147 30.90 15.17 -12.79
C THR G 147 30.83 13.65 -12.81
N LEU G 148 29.65 13.11 -12.54
CA LEU G 148 29.37 11.68 -12.66
C LEU G 148 28.38 11.49 -13.79
N GLY G 149 28.22 10.22 -14.21
CA GLY G 149 27.37 9.93 -15.34
C GLY G 149 26.64 8.61 -15.17
N CYS G 150 25.63 8.42 -16.02
CA CYS G 150 24.79 7.23 -16.03
C CYS G 150 24.43 6.94 -17.47
N LEU G 151 24.80 5.76 -17.95
CA LEU G 151 24.54 5.36 -19.32
C LEU G 151 23.49 4.26 -19.33
N VAL G 152 22.38 4.52 -20.02
CA VAL G 152 21.24 3.61 -20.07
C VAL G 152 21.16 3.09 -21.49
N LYS G 153 21.55 1.83 -21.69
CA LYS G 153 21.84 1.30 -23.02
C LYS G 153 20.96 0.10 -23.34
N GLY G 154 20.42 0.10 -24.56
CA GLY G 154 19.80 -1.09 -25.13
C GLY G 154 18.41 -1.41 -24.62
N TYR G 155 17.51 -0.43 -24.60
CA TYR G 155 16.14 -0.66 -24.16
C TYR G 155 15.18 -0.32 -25.29
N PHE G 156 13.96 -0.84 -25.16
CA PHE G 156 12.90 -0.56 -26.11
C PHE G 156 11.59 -0.95 -25.47
N PRO G 157 10.50 -0.19 -25.67
CA PRO G 157 10.44 1.09 -26.37
C PRO G 157 10.80 2.25 -25.45
N GLU G 158 10.72 3.47 -25.95
CA GLU G 158 10.71 4.62 -25.06
C GLU G 158 9.45 4.56 -24.19
N PRO G 159 9.46 5.22 -23.03
CA PRO G 159 10.52 6.01 -22.42
C PRO G 159 11.18 5.32 -21.23
N VAL G 160 12.29 5.89 -20.78
CA VAL G 160 12.82 5.62 -19.45
C VAL G 160 12.69 6.89 -18.64
N THR G 161 12.62 6.73 -17.32
CA THR G 161 12.67 7.85 -16.40
C THR G 161 13.96 7.74 -15.59
N LEU G 162 14.74 8.81 -15.56
CA LEU G 162 16.03 8.82 -14.88
C LEU G 162 16.05 9.95 -13.86
N THR G 163 16.43 9.61 -12.62
CA THR G 163 16.69 10.59 -11.57
C THR G 163 18.02 10.28 -10.90
N TRP G 164 18.48 11.22 -10.08
CA TRP G 164 19.68 11.08 -9.28
C TRP G 164 19.31 11.18 -7.81
N ASN G 165 19.69 10.18 -7.02
CA ASN G 165 19.33 10.11 -5.61
C ASN G 165 17.83 10.31 -5.43
N SER G 166 17.06 9.60 -6.26
CA SER G 166 15.59 9.60 -6.18
C SER G 166 15.01 10.99 -6.34
N GLY G 167 15.72 11.88 -7.05
CA GLY G 167 15.24 13.20 -7.34
C GLY G 167 15.75 14.30 -6.44
N SER G 168 16.47 13.98 -5.37
CA SER G 168 17.00 15.04 -4.52
C SER G 168 18.19 15.75 -5.15
N LEU G 169 18.63 15.30 -6.33
CA LEU G 169 19.68 15.96 -7.10
C LEU G 169 19.10 16.29 -8.47
N SER G 170 18.80 17.55 -8.70
CA SER G 170 18.19 17.98 -9.95
C SER G 170 18.93 19.13 -10.62
N SER G 171 19.42 20.09 -9.84
CA SER G 171 20.29 21.12 -10.41
C SER G 171 21.63 20.50 -10.80
N GLY G 172 22.19 20.99 -11.89
CA GLY G 172 23.43 20.42 -12.40
C GLY G 172 23.25 19.06 -13.04
N VAL G 173 22.01 18.69 -13.37
CA VAL G 173 21.71 17.43 -14.03
C VAL G 173 21.40 17.72 -15.49
N HIS G 174 22.00 16.94 -16.39
CA HIS G 174 21.67 17.00 -17.81
C HIS G 174 21.34 15.59 -18.28
N THR G 175 20.07 15.36 -18.62
CA THR G 175 19.61 14.11 -19.19
C THR G 175 19.34 14.34 -20.67
N PHE G 176 20.01 13.57 -21.52
CA PHE G 176 20.01 13.83 -22.94
C PHE G 176 18.99 12.95 -23.67
N PRO G 177 18.38 13.45 -24.73
CA PRO G 177 17.42 12.63 -25.48
C PRO G 177 18.04 11.31 -25.92
N ALA G 178 17.22 10.27 -25.91
CA ALA G 178 17.70 8.95 -26.33
C ALA G 178 17.97 8.93 -27.82
N VAL G 179 18.92 8.08 -28.21
CA VAL G 179 19.25 7.85 -29.62
C VAL G 179 18.91 6.40 -29.96
N LEU G 180 18.30 6.20 -31.11
CA LEU G 180 17.90 4.88 -31.58
C LEU G 180 18.90 4.36 -32.60
N GLN G 181 19.43 3.16 -32.35
CA GLN G 181 20.21 2.45 -33.36
C GLN G 181 20.00 0.95 -33.21
N SER G 182 19.66 0.29 -34.31
CA SER G 182 19.42 -1.15 -34.32
C SER G 182 18.29 -1.54 -33.37
N ASP G 183 17.17 -0.83 -33.50
CA ASP G 183 15.95 -1.11 -32.74
C ASP G 183 16.15 -1.04 -31.23
N LEU G 184 17.15 -0.30 -30.77
CA LEU G 184 17.40 -0.14 -29.34
C LEU G 184 17.77 1.31 -29.05
N TYR G 185 17.34 1.79 -27.88
CA TYR G 185 17.61 3.16 -27.47
C TYR G 185 18.78 3.21 -26.49
N THR G 186 19.49 4.33 -26.51
CA THR G 186 20.56 4.60 -25.55
C THR G 186 20.40 6.01 -25.01
N LEU G 187 20.62 6.15 -23.70
CA LEU G 187 20.32 7.37 -22.97
C LEU G 187 21.47 7.62 -21.99
N SER G 188 21.92 8.86 -21.91
CA SER G 188 22.96 9.25 -20.97
C SER G 188 22.49 10.40 -20.09
N SER G 189 23.06 10.49 -18.89
CA SER G 189 22.75 11.56 -17.96
C SER G 189 24.00 11.87 -17.13
N SER G 190 24.28 13.16 -16.93
CA SER G 190 25.39 13.60 -16.11
C SER G 190 24.86 14.41 -14.91
N VAL G 191 25.60 14.36 -13.81
CA VAL G 191 25.32 15.18 -12.64
C VAL G 191 26.65 15.76 -12.14
N THR G 192 26.63 17.04 -11.78
CA THR G 192 27.82 17.75 -11.31
C THR G 192 27.58 18.27 -9.90
N VAL G 193 28.50 17.95 -8.99
CA VAL G 193 28.41 18.34 -7.59
C VAL G 193 29.77 18.87 -7.13
N THR G 194 29.79 19.41 -5.91
CA THR G 194 31.04 19.85 -5.31
C THR G 194 31.97 18.65 -5.15
N SER G 195 33.23 18.81 -5.56
CA SER G 195 34.13 17.66 -5.60
C SER G 195 34.43 17.09 -4.21
N SER G 196 34.45 17.92 -3.18
CA SER G 196 34.71 17.40 -1.84
C SER G 196 33.55 16.57 -1.30
N THR G 197 32.41 16.60 -1.99
CA THR G 197 31.20 15.94 -1.51
C THR G 197 31.08 14.49 -1.97
N TRP G 198 31.80 14.09 -3.01
CA TRP G 198 31.71 12.72 -3.51
C TRP G 198 33.10 12.12 -3.58
N PRO G 199 33.26 10.84 -3.15
CA PRO G 199 32.24 9.86 -2.77
C PRO G 199 31.78 9.91 -1.30
N SER G 200 32.24 10.91 -0.54
CA SER G 200 31.88 10.96 0.88
C SER G 200 30.37 10.99 1.07
N GLN G 201 29.64 11.65 0.17
CA GLN G 201 28.19 11.65 0.20
C GLN G 201 27.72 10.97 -1.08
N SER G 202 26.90 9.94 -0.94
CA SER G 202 26.65 9.01 -2.04
C SER G 202 25.75 9.61 -3.11
N ILE G 203 25.95 9.12 -4.34
CA ILE G 203 25.16 9.53 -5.49
C ILE G 203 24.75 8.26 -6.24
N THR G 204 23.46 8.15 -6.54
CA THR G 204 22.88 6.95 -7.14
C THR G 204 22.03 7.34 -8.34
N CYS G 205 22.19 6.58 -9.43
CA CYS G 205 21.36 6.72 -10.62
C CYS G 205 20.12 5.83 -10.47
N ASN G 206 18.94 6.38 -10.76
CA ASN G 206 17.69 5.64 -10.68
C ASN G 206 17.05 5.60 -12.05
N VAL G 207 16.82 4.40 -12.58
CA VAL G 207 16.28 4.22 -13.93
C VAL G 207 15.01 3.39 -13.83
N ALA G 208 13.92 3.89 -14.40
CA ALA G 208 12.66 3.17 -14.49
C ALA G 208 12.30 2.98 -15.95
N HIS G 209 11.99 1.73 -16.32
CA HIS G 209 11.54 1.39 -17.67
C HIS G 209 10.20 0.69 -17.54
N PRO G 210 9.09 1.45 -17.52
CA PRO G 210 7.78 0.83 -17.24
C PRO G 210 7.40 -0.27 -18.23
N ALA G 211 7.73 -0.10 -19.52
CA ALA G 211 7.28 -1.06 -20.51
C ALA G 211 7.81 -2.46 -20.20
N SER G 212 8.96 -2.56 -19.54
CA SER G 212 9.50 -3.84 -19.09
C SER G 212 9.30 -4.05 -17.60
N SER G 213 8.57 -3.15 -16.93
CA SER G 213 8.29 -3.27 -15.50
C SER G 213 9.58 -3.40 -14.68
N THR G 214 10.53 -2.50 -14.97
CA THR G 214 11.86 -2.57 -14.40
C THR G 214 12.21 -1.26 -13.74
N LYS G 215 12.85 -1.36 -12.57
CA LYS G 215 13.51 -0.23 -11.93
C LYS G 215 14.90 -0.66 -11.50
N VAL G 216 15.89 0.18 -11.76
CA VAL G 216 17.27 -0.12 -11.44
C VAL G 216 17.87 1.09 -10.74
N ASP G 217 18.55 0.84 -9.62
CA ASP G 217 19.35 1.87 -8.95
C ASP G 217 20.81 1.45 -9.04
N LYS G 218 21.64 2.38 -9.51
CA LYS G 218 23.07 2.13 -9.65
C LYS G 218 23.81 3.23 -8.87
N LYS G 219 24.43 2.84 -7.77
CA LYS G 219 25.25 3.77 -7.00
C LYS G 219 26.62 3.93 -7.67
N ILE G 220 27.02 5.17 -7.88
CA ILE G 220 28.28 5.48 -8.56
C ILE G 220 29.42 5.30 -7.58
N GLU G 221 30.33 4.36 -7.87
CA GLU G 221 31.46 4.06 -7.02
C GLU G 221 32.75 4.62 -7.58
N PRO G 222 33.70 5.02 -6.74
CA PRO G 222 35.03 5.39 -7.25
C PRO G 222 35.73 4.17 -7.84
N ARG G 223 36.44 4.39 -8.93
CA ARG G 223 37.18 3.31 -9.59
C ARG G 223 38.64 3.35 -9.13
N GLY G 224 39.16 2.19 -8.73
CA GLY G 224 40.51 2.10 -8.23
C GLY G 224 41.09 0.70 -8.37
N ASP H 1 -2.46 20.52 -52.27
CA ASP H 1 -2.44 21.20 -50.94
C ASP H 1 -1.64 22.50 -51.01
N ILE H 2 -2.03 23.46 -50.19
CA ILE H 2 -1.28 24.70 -50.03
C ILE H 2 -0.11 24.43 -49.10
N VAL H 3 1.10 24.63 -49.60
CA VAL H 3 2.31 24.34 -48.83
C VAL H 3 2.70 25.59 -48.05
N MET H 4 2.89 25.45 -46.75
CA MET H 4 3.31 26.55 -45.89
C MET H 4 4.79 26.38 -45.55
N THR H 5 5.59 27.39 -45.85
CA THR H 5 7.04 27.31 -45.74
C THR H 5 7.54 28.34 -44.74
N GLN H 6 8.19 27.87 -43.68
CA GLN H 6 8.97 28.71 -42.78
C GLN H 6 10.43 28.34 -43.02
N SER H 7 11.10 29.12 -43.88
CA SER H 7 12.44 28.74 -44.32
C SER H 7 13.48 28.89 -43.22
N GLN H 8 13.22 29.71 -42.21
CA GLN H 8 14.11 29.85 -41.07
C GLN H 8 13.74 28.81 -40.02
N LYS H 9 14.69 27.93 -39.69
CA LYS H 9 14.46 26.93 -38.67
C LYS H 9 14.75 27.45 -37.27
N PHE H 10 15.76 28.31 -37.13
CA PHE H 10 16.09 28.93 -35.86
C PHE H 10 16.22 30.44 -36.02
N MET H 11 15.96 31.15 -34.94
CA MET H 11 16.29 32.57 -34.85
C MET H 11 16.68 32.87 -33.42
N SER H 12 17.46 33.95 -33.24
CA SER H 12 17.97 34.33 -31.93
C SER H 12 17.75 35.80 -31.67
N ALA H 13 17.40 36.13 -30.42
CA ALA H 13 17.18 37.51 -30.02
C ALA H 13 17.53 37.67 -28.55
N SER H 14 18.04 38.85 -28.21
CA SER H 14 18.26 39.21 -26.82
C SER H 14 16.96 39.69 -26.20
N VAL H 15 16.89 39.60 -24.87
CA VAL H 15 15.75 40.12 -24.14
C VAL H 15 15.61 41.61 -24.45
N GLY H 16 14.41 42.02 -24.85
CA GLY H 16 14.13 43.39 -25.22
C GLY H 16 14.21 43.69 -26.70
N ASP H 17 14.77 42.77 -27.50
CA ASP H 17 14.93 42.99 -28.92
C ASP H 17 13.61 42.82 -29.66
N ARG H 18 13.65 43.06 -30.97
CA ARG H 18 12.53 42.83 -31.88
C ARG H 18 12.95 41.79 -32.90
N VAL H 19 12.14 40.76 -33.07
CA VAL H 19 12.45 39.66 -33.98
C VAL H 19 11.19 39.30 -34.74
N SER H 20 11.37 38.76 -35.95
CA SER H 20 10.27 38.47 -36.86
C SER H 20 10.40 37.07 -37.46
N VAL H 21 9.28 36.34 -37.49
CA VAL H 21 9.18 35.04 -38.15
C VAL H 21 8.38 35.23 -39.43
N THR H 22 8.89 34.67 -40.52
CA THR H 22 8.22 34.76 -41.81
C THR H 22 7.59 33.43 -42.17
N CYS H 23 6.54 33.49 -43.00
CA CYS H 23 5.79 32.31 -43.42
C CYS H 23 5.28 32.55 -44.82
N LYS H 24 5.62 31.66 -45.75
CA LYS H 24 5.26 31.79 -47.15
C LYS H 24 4.29 30.69 -47.56
N ALA H 25 3.21 31.08 -48.22
CA ALA H 25 2.22 30.14 -48.73
C ALA H 25 2.43 29.93 -50.23
N SER H 26 2.31 28.68 -50.67
CA SER H 26 2.52 28.35 -52.07
C SER H 26 1.41 28.88 -52.97
N GLN H 27 0.27 29.27 -52.41
CA GLN H 27 -0.81 29.88 -53.17
C GLN H 27 -1.40 31.04 -52.37
N ASN H 28 -2.18 31.86 -53.05
CA ASN H 28 -2.83 33.01 -52.43
C ASN H 28 -3.85 32.52 -51.40
N VAL H 29 -3.66 32.91 -50.14
CA VAL H 29 -4.58 32.56 -49.07
C VAL H 29 -5.21 33.81 -48.45
N GLY H 30 -5.09 34.95 -49.12
CA GLY H 30 -5.68 36.18 -48.63
C GLY H 30 -5.22 36.52 -47.23
N THR H 31 -6.17 36.59 -46.30
CA THR H 31 -5.88 36.92 -44.91
C THR H 31 -6.07 35.73 -43.97
N HIS H 32 -6.31 34.54 -44.52
CA HIS H 32 -6.69 33.37 -43.72
C HIS H 32 -5.42 32.67 -43.22
N LEU H 33 -4.84 33.23 -42.16
CA LEU H 33 -3.61 32.69 -41.60
C LEU H 33 -3.60 32.90 -40.08
N ALA H 34 -3.13 31.88 -39.37
CA ALA H 34 -2.99 31.92 -37.92
C ALA H 34 -1.56 31.62 -37.53
N TRP H 35 -1.17 32.11 -36.35
CA TRP H 35 0.14 31.84 -35.76
C TRP H 35 -0.06 31.16 -34.41
N TYR H 36 0.83 30.22 -34.10
CA TYR H 36 0.78 29.49 -32.84
C TYR H 36 2.13 29.57 -32.14
N GLN H 37 2.10 29.42 -30.82
CA GLN H 37 3.29 29.34 -30.00
C GLN H 37 3.27 28.01 -29.25
N GLN H 38 4.34 27.23 -29.37
CA GLN H 38 4.48 25.96 -28.67
C GLN H 38 5.78 25.95 -27.89
N LYS H 39 5.69 26.03 -26.56
CA LYS H 39 6.86 25.82 -25.72
C LYS H 39 7.24 24.35 -25.71
N PRO H 40 8.48 24.03 -25.36
CA PRO H 40 8.92 22.62 -25.40
C PRO H 40 8.05 21.73 -24.52
N GLY H 41 7.56 20.64 -25.11
CA GLY H 41 6.74 19.67 -24.40
C GLY H 41 5.35 20.17 -24.07
N GLN H 42 5.13 21.48 -24.18
CA GLN H 42 3.90 22.12 -23.78
C GLN H 42 2.89 22.09 -24.93
N SER H 43 1.66 22.50 -24.64
CA SER H 43 0.60 22.48 -25.65
C SER H 43 0.64 23.77 -26.46
N PRO H 44 0.59 23.69 -27.79
CA PRO H 44 0.60 24.91 -28.60
C PRO H 44 -0.64 25.76 -28.34
N LYS H 45 -0.46 27.07 -28.45
CA LYS H 45 -1.52 28.03 -28.14
C LYS H 45 -1.63 29.05 -29.26
N ALA H 46 -2.85 29.56 -29.46
CA ALA H 46 -3.11 30.48 -30.56
C ALA H 46 -2.62 31.88 -30.22
N LEU H 47 -1.95 32.51 -31.19
CA LEU H 47 -1.45 33.88 -31.07
C LEU H 47 -2.18 34.85 -31.97
N ILE H 48 -2.24 34.55 -33.27
CA ILE H 48 -2.75 35.47 -34.27
C ILE H 48 -3.72 34.71 -35.17
N TYR H 49 -4.76 35.40 -35.62
CA TYR H 49 -5.62 34.90 -36.68
C TYR H 49 -5.93 36.05 -37.63
N SER H 50 -6.41 35.69 -38.82
CA SER H 50 -6.66 36.66 -39.88
C SER H 50 -5.41 37.50 -40.14
N ALA H 51 -4.25 36.86 -40.08
CA ALA H 51 -2.96 37.46 -40.43
C ALA H 51 -2.45 38.48 -39.40
N SER H 52 -3.33 39.30 -38.83
CA SER H 52 -2.88 40.41 -38.00
C SER H 52 -3.71 40.64 -36.73
N TYR H 53 -4.73 39.82 -36.47
CA TYR H 53 -5.59 40.02 -35.30
C TYR H 53 -5.06 39.21 -34.12
N ARG H 54 -4.83 39.88 -32.99
CA ARG H 54 -4.35 39.19 -31.80
C ARG H 54 -5.48 38.42 -31.14
N TYR H 55 -5.22 37.16 -30.81
CA TYR H 55 -6.14 36.36 -30.03
C TYR H 55 -6.24 36.91 -28.60
N SER H 56 -7.42 36.79 -28.00
CA SER H 56 -7.67 37.40 -26.71
C SER H 56 -6.68 36.89 -25.66
N GLY H 57 -6.12 37.81 -24.88
CA GLY H 57 -5.16 37.46 -23.85
C GLY H 57 -3.71 37.55 -24.28
N VAL H 58 -3.45 37.77 -25.56
CA VAL H 58 -2.06 37.79 -26.06
C VAL H 58 -1.50 39.17 -25.86
N PRO H 59 -0.31 39.31 -25.26
CA PRO H 59 0.29 40.65 -25.11
C PRO H 59 0.39 41.37 -26.46
N ASP H 60 0.30 42.69 -26.40
CA ASP H 60 0.30 43.52 -27.61
C ASP H 60 1.66 43.59 -28.30
N ARG H 61 2.70 42.99 -27.73
CA ARG H 61 3.99 42.92 -28.40
C ARG H 61 4.00 41.90 -29.54
N PHE H 62 2.99 41.04 -29.64
CA PHE H 62 2.88 40.10 -30.75
C PHE H 62 2.02 40.73 -31.83
N THR H 63 2.62 40.96 -32.99
CA THR H 63 1.93 41.58 -34.12
C THR H 63 2.06 40.69 -35.35
N GLY H 64 1.03 40.74 -36.20
CA GLY H 64 1.04 40.02 -37.45
C GLY H 64 0.86 40.97 -38.63
N SER H 65 1.43 40.59 -39.76
CA SER H 65 1.32 41.39 -40.98
C SER H 65 1.42 40.45 -42.17
N GLY H 66 1.04 40.97 -43.34
CA GLY H 66 1.13 40.22 -44.57
C GLY H 66 -0.24 39.89 -45.13
N SER H 67 -0.26 39.57 -46.42
CA SER H 67 -1.48 39.15 -47.10
C SER H 67 -1.09 38.49 -48.41
N GLY H 68 -1.92 37.54 -48.84
CA GLY H 68 -1.62 36.80 -50.05
C GLY H 68 -0.80 35.55 -49.78
N THR H 69 0.52 35.69 -49.90
CA THR H 69 1.45 34.57 -49.75
C THR H 69 2.57 34.84 -48.77
N ASP H 70 2.79 36.08 -48.33
CA ASP H 70 3.91 36.45 -47.49
C ASP H 70 3.40 36.97 -46.17
N PHE H 71 3.76 36.31 -45.08
CA PHE H 71 3.26 36.65 -43.75
C PHE H 71 4.41 36.73 -42.76
N THR H 72 4.28 37.62 -41.79
CA THR H 72 5.34 37.87 -40.82
C THR H 72 4.74 38.05 -39.43
N LEU H 73 5.25 37.27 -38.47
CA LEU H 73 4.95 37.48 -37.05
C LEU H 73 6.13 38.22 -36.43
N THR H 74 5.84 39.33 -35.76
CA THR H 74 6.85 40.14 -35.11
C THR H 74 6.66 40.08 -33.60
N ILE H 75 7.75 39.80 -32.89
CA ILE H 75 7.76 39.81 -31.43
C ILE H 75 8.61 40.98 -30.99
N SER H 76 7.98 41.99 -30.43
CA SER H 76 8.69 43.15 -29.88
C SER H 76 8.93 42.95 -28.40
N ASN H 77 9.99 43.57 -27.90
CA ASN H 77 10.34 43.50 -26.48
C ASN H 77 10.36 42.05 -26.00
N VAL H 78 11.24 41.26 -26.63
CA VAL H 78 11.29 39.83 -26.37
C VAL H 78 11.53 39.59 -24.88
N GLN H 79 10.75 38.68 -24.31
CA GLN H 79 10.86 38.31 -22.91
C GLN H 79 11.37 36.88 -22.79
N SER H 80 11.76 36.50 -21.57
CA SER H 80 12.27 35.16 -21.34
C SER H 80 11.25 34.11 -21.71
N GLY H 81 9.98 34.33 -21.36
CA GLY H 81 8.94 33.35 -21.64
C GLY H 81 8.71 33.11 -23.11
N ASP H 82 9.15 34.02 -23.97
CA ASP H 82 8.95 33.85 -25.42
C ASP H 82 9.80 32.72 -26.00
N LEU H 83 10.66 32.10 -25.20
CA LEU H 83 11.41 30.92 -25.64
C LEU H 83 10.45 29.80 -26.01
N ALA H 84 10.29 29.54 -27.29
CA ALA H 84 9.28 28.59 -27.77
C ALA H 84 9.44 28.44 -29.28
N ASP H 85 8.64 27.53 -29.83
CA ASP H 85 8.53 27.36 -31.28
C ASP H 85 7.30 28.11 -31.78
N TYR H 86 7.42 28.66 -32.99
CA TYR H 86 6.34 29.41 -33.61
C TYR H 86 6.09 28.86 -35.01
N PHE H 87 4.83 28.59 -35.33
CA PHE H 87 4.47 28.08 -36.64
C PHE H 87 3.14 28.68 -37.09
N CYS H 88 3.00 28.84 -38.40
CA CYS H 88 1.82 29.42 -39.02
C CYS H 88 0.86 28.32 -39.48
N GLN H 89 -0.38 28.73 -39.74
CA GLN H 89 -1.40 27.81 -40.28
C GLN H 89 -2.29 28.56 -41.25
N GLN H 90 -2.46 27.97 -42.43
CA GLN H 90 -3.39 28.47 -43.43
C GLN H 90 -4.74 27.79 -43.27
N TYR H 91 -5.82 28.59 -43.38
CA TYR H 91 -7.17 28.02 -43.36
C TYR H 91 -8.05 28.63 -44.45
N ASN H 92 -7.45 29.06 -45.56
CA ASN H 92 -8.25 29.53 -46.69
C ASN H 92 -8.90 28.35 -47.43
N ASN H 93 -8.25 27.19 -47.43
CA ASN H 93 -8.74 26.01 -48.12
C ASN H 93 -8.48 24.78 -47.27
N PHE H 94 -9.38 23.82 -47.34
CA PHE H 94 -9.10 22.50 -46.80
C PHE H 94 -8.35 21.66 -47.82
N PRO H 95 -7.42 20.80 -47.37
CA PRO H 95 -7.05 20.55 -45.97
C PRO H 95 -6.22 21.67 -45.35
N LEU H 96 -6.47 21.96 -44.08
CA LEU H 96 -5.62 22.90 -43.36
C LEU H 96 -4.18 22.43 -43.40
N THR H 97 -3.26 23.38 -43.60
CA THR H 97 -1.84 23.07 -43.70
C THR H 97 -1.05 23.98 -42.77
N PHE H 98 0.09 23.47 -42.32
CA PHE H 98 0.92 24.14 -41.32
C PHE H 98 2.33 24.36 -41.86
N GLY H 99 3.03 25.34 -41.28
CA GLY H 99 4.45 25.46 -41.49
C GLY H 99 5.23 24.58 -40.53
N ALA H 100 6.48 24.29 -40.89
CA ALA H 100 7.29 23.37 -40.10
C ALA H 100 7.81 23.98 -38.81
N GLY H 101 7.73 25.30 -38.65
CA GLY H 101 8.07 25.94 -37.40
C GLY H 101 9.44 26.60 -37.43
N THR H 102 9.61 27.55 -36.50
CA THR H 102 10.89 28.24 -36.30
C THR H 102 11.13 28.35 -34.80
N LYS H 103 12.28 27.88 -34.35
CA LYS H 103 12.62 27.92 -32.92
C LYS H 103 13.27 29.24 -32.57
N LEU H 104 12.76 29.88 -31.52
CA LEU H 104 13.29 31.15 -31.06
C LEU H 104 14.31 30.89 -29.94
N GLU H 105 15.56 31.26 -30.18
CA GLU H 105 16.62 31.18 -29.18
C GLU H 105 16.80 32.53 -28.50
N ILE H 106 17.15 32.48 -27.22
CA ILE H 106 17.48 33.67 -26.45
C ILE H 106 18.99 33.82 -26.42
N LYS H 107 19.47 35.03 -26.70
CA LYS H 107 20.88 35.33 -26.65
C LYS H 107 21.35 35.52 -25.21
N ARG H 108 22.63 35.20 -24.99
CA ARG H 108 23.27 35.40 -23.69
C ARG H 108 24.77 35.44 -23.92
N ALA H 109 25.52 35.69 -22.85
CA ALA H 109 26.97 35.82 -22.95
C ALA H 109 27.60 34.47 -23.31
N ASP H 110 28.67 34.54 -24.09
CA ASP H 110 29.40 33.32 -24.45
C ASP H 110 29.83 32.58 -23.19
N ALA H 111 29.82 31.25 -23.28
CA ALA H 111 30.19 30.40 -22.16
C ALA H 111 30.86 29.15 -22.71
N ALA H 112 32.06 28.85 -22.20
CA ALA H 112 32.78 27.69 -22.66
C ALA H 112 32.13 26.40 -22.13
N PRO H 113 32.21 25.31 -22.88
CA PRO H 113 31.64 24.05 -22.39
C PRO H 113 32.51 23.44 -21.30
N THR H 114 31.84 22.81 -20.34
CA THR H 114 32.51 22.01 -19.32
C THR H 114 32.52 20.56 -19.80
N VAL H 115 33.71 20.04 -20.07
CA VAL H 115 33.87 18.75 -20.75
C VAL H 115 34.32 17.72 -19.74
N SER H 116 33.69 16.55 -19.79
CA SER H 116 34.06 15.41 -18.94
C SER H 116 34.02 14.16 -19.79
N ILE H 117 35.05 13.32 -19.65
CA ILE H 117 35.17 12.08 -20.40
C ILE H 117 35.11 10.92 -19.42
N PHE H 118 34.48 9.82 -19.84
CA PHE H 118 34.28 8.67 -18.97
C PHE H 118 34.63 7.38 -19.71
N PRO H 119 35.49 6.53 -19.14
CA PRO H 119 35.75 5.23 -19.76
C PRO H 119 34.55 4.32 -19.64
N PRO H 120 34.52 3.20 -20.35
CA PRO H 120 33.43 2.24 -20.16
C PRO H 120 33.45 1.67 -18.74
N SER H 121 32.26 1.41 -18.21
CA SER H 121 32.15 0.79 -16.90
C SER H 121 32.61 -0.66 -16.99
N SER H 122 33.05 -1.19 -15.85
CA SER H 122 33.42 -2.60 -15.79
C SER H 122 32.23 -3.50 -16.06
N GLU H 123 31.02 -3.06 -15.71
CA GLU H 123 29.82 -3.81 -16.01
C GLU H 123 29.67 -4.02 -17.52
N GLN H 124 29.78 -2.93 -18.30
CA GLN H 124 29.61 -3.05 -19.74
C GLN H 124 30.68 -3.93 -20.36
N LEU H 125 31.92 -3.83 -19.89
CA LEU H 125 33.00 -4.64 -20.44
C LEU H 125 32.74 -6.13 -20.21
N THR H 126 32.12 -6.48 -19.08
CA THR H 126 31.75 -7.87 -18.84
C THR H 126 30.85 -8.39 -19.96
N SER H 127 30.00 -7.53 -20.53
CA SER H 127 29.09 -7.93 -21.59
C SER H 127 29.72 -7.77 -22.98
N GLY H 128 31.02 -7.46 -23.05
CA GLY H 128 31.71 -7.37 -24.32
C GLY H 128 31.59 -6.04 -25.05
N GLY H 129 31.05 -5.03 -24.38
CA GLY H 129 30.93 -3.70 -24.98
C GLY H 129 31.83 -2.68 -24.31
N ALA H 130 32.03 -1.54 -24.97
CA ALA H 130 32.94 -0.52 -24.43
C ALA H 130 32.49 0.83 -25.01
N SER H 131 31.68 1.55 -24.25
CA SER H 131 31.22 2.88 -24.61
C SER H 131 32.05 3.93 -23.87
N VAL H 132 32.56 4.91 -24.61
CA VAL H 132 33.25 6.06 -24.04
C VAL H 132 32.33 7.26 -24.18
N VAL H 133 32.08 7.96 -23.07
CA VAL H 133 31.09 9.02 -23.01
C VAL H 133 31.80 10.35 -22.77
N CYS H 134 31.38 11.37 -23.51
CA CYS H 134 31.87 12.74 -23.33
C CYS H 134 30.67 13.67 -23.18
N PHE H 135 30.61 14.36 -22.04
CA PHE H 135 29.61 15.38 -21.81
C PHE H 135 30.21 16.76 -22.06
N LEU H 136 29.46 17.60 -22.77
CA LEU H 136 29.86 18.99 -23.03
C LEU H 136 28.70 19.86 -22.56
N ASN H 137 28.81 20.42 -21.35
CA ASN H 137 27.67 20.97 -20.64
C ASN H 137 27.77 22.49 -20.50
N ASN H 138 26.63 23.15 -20.69
CA ASN H 138 26.45 24.57 -20.36
C ASN H 138 27.39 25.45 -21.18
N PHE H 139 27.18 25.46 -22.48
CA PHE H 139 27.94 26.34 -23.38
C PHE H 139 26.98 27.18 -24.22
N TYR H 140 27.52 28.28 -24.73
CA TYR H 140 26.80 29.18 -25.62
C TYR H 140 27.83 29.90 -26.48
N PRO H 141 27.57 30.08 -27.78
CA PRO H 141 26.38 29.70 -28.54
C PRO H 141 26.29 28.20 -28.81
N LYS H 142 25.24 27.79 -29.53
CA LYS H 142 24.94 26.37 -29.67
C LYS H 142 25.92 25.67 -30.59
N ASP H 143 26.54 26.40 -31.50
CA ASP H 143 27.41 25.76 -32.49
C ASP H 143 28.64 25.19 -31.80
N ILE H 144 28.90 23.91 -32.04
CA ILE H 144 30.03 23.23 -31.44
C ILE H 144 30.39 22.05 -32.32
N ASN H 145 31.66 21.63 -32.25
CA ASN H 145 32.14 20.48 -32.99
C ASN H 145 32.88 19.56 -32.02
N VAL H 146 32.58 18.27 -32.08
CA VAL H 146 33.20 17.25 -31.24
C VAL H 146 33.94 16.28 -32.13
N LYS H 147 35.17 15.96 -31.76
CA LYS H 147 36.01 15.04 -32.50
C LYS H 147 36.59 14.01 -31.55
N TRP H 148 36.46 12.73 -31.89
CA TRP H 148 37.04 11.66 -31.10
C TRP H 148 38.37 11.24 -31.71
N LYS H 149 39.37 11.06 -30.85
CA LYS H 149 40.68 10.60 -31.25
C LYS H 149 41.09 9.41 -30.40
N ILE H 150 41.64 8.39 -31.05
CA ILE H 150 42.20 7.23 -30.37
C ILE H 150 43.69 7.19 -30.67
N ASP H 151 44.51 7.24 -29.61
CA ASP H 151 45.96 7.33 -29.76
C ASP H 151 46.34 8.42 -30.76
N GLY H 152 45.60 9.53 -30.70
CA GLY H 152 45.92 10.71 -31.47
C GLY H 152 45.31 10.79 -32.84
N SER H 153 44.67 9.74 -33.33
CA SER H 153 44.12 9.72 -34.68
C SER H 153 42.60 9.72 -34.63
N GLU H 154 42.00 10.52 -35.50
CA GLU H 154 40.55 10.73 -35.50
C GLU H 154 39.80 9.42 -35.78
N ARG H 155 38.61 9.31 -35.21
CA ARG H 155 37.73 8.16 -35.40
C ARG H 155 36.31 8.68 -35.63
N GLN H 156 35.67 8.21 -36.69
CA GLN H 156 34.40 8.78 -37.14
C GLN H 156 33.20 7.88 -36.91
N ASN H 157 33.31 6.59 -37.16
CA ASN H 157 32.16 5.69 -37.01
C ASN H 157 32.08 5.16 -35.58
N GLY H 158 30.88 4.74 -35.21
CA GLY H 158 30.60 4.30 -33.86
C GLY H 158 30.25 5.42 -32.90
N VAL H 159 30.08 6.65 -33.40
CA VAL H 159 29.83 7.82 -32.57
C VAL H 159 28.36 8.16 -32.68
N LEU H 160 27.71 8.38 -31.52
CA LEU H 160 26.33 8.83 -31.48
C LEU H 160 26.24 10.03 -30.55
N ASN H 161 25.56 11.08 -31.00
CA ASN H 161 25.50 12.35 -30.29
C ASN H 161 24.06 12.67 -29.92
N SER H 162 23.91 13.44 -28.84
CA SER H 162 22.61 13.89 -28.38
C SER H 162 22.74 15.29 -27.82
N TRP H 163 21.79 16.16 -28.15
CA TRP H 163 21.79 17.55 -27.74
C TRP H 163 20.54 17.88 -26.94
N THR H 164 20.69 18.74 -25.95
CA THR H 164 19.53 19.25 -25.21
C THR H 164 19.04 20.54 -25.86
N ASP H 165 17.77 20.86 -25.58
CA ASP H 165 17.24 22.16 -25.93
C ASP H 165 17.88 23.23 -25.05
N GLN H 166 17.78 24.48 -25.51
CA GLN H 166 18.31 25.59 -24.72
C GLN H 166 17.69 25.57 -23.32
N ASP H 167 18.56 25.56 -22.31
CA ASP H 167 18.09 25.55 -20.93
C ASP H 167 17.28 26.81 -20.65
N SER H 168 16.11 26.64 -20.02
CA SER H 168 15.21 27.75 -19.75
C SER H 168 15.67 28.62 -18.59
N LYS H 169 16.68 28.20 -17.83
CA LYS H 169 17.13 28.93 -16.66
C LYS H 169 18.37 29.78 -16.92
N ASP H 170 19.32 29.28 -17.70
CA ASP H 170 20.55 30.00 -17.98
C ASP H 170 20.85 30.14 -19.47
N SER H 171 19.98 29.67 -20.34
CA SER H 171 20.07 29.90 -21.78
C SER H 171 21.30 29.26 -22.41
N THR H 172 21.88 28.24 -21.77
CA THR H 172 23.02 27.52 -22.31
C THR H 172 22.56 26.24 -23.01
N TYR H 173 23.49 25.59 -23.70
CA TYR H 173 23.28 24.31 -24.35
C TYR H 173 24.22 23.26 -23.76
N SER H 174 23.82 22.00 -23.89
CA SER H 174 24.63 20.88 -23.46
C SER H 174 24.56 19.77 -24.51
N MET H 175 25.58 18.91 -24.50
CA MET H 175 25.71 17.88 -25.51
C MET H 175 26.39 16.65 -24.92
N SER H 176 25.99 15.48 -25.40
CA SER H 176 26.60 14.20 -25.03
C SER H 176 27.05 13.48 -26.29
N SER H 177 28.27 12.92 -26.23
CA SER H 177 28.83 12.17 -27.35
C SER H 177 29.34 10.83 -26.83
N THR H 178 28.93 9.75 -27.48
CA THR H 178 29.28 8.40 -27.05
C THR H 178 29.95 7.65 -28.21
N LEU H 179 31.17 7.18 -27.98
CA LEU H 179 31.87 6.30 -28.90
C LEU H 179 31.78 4.86 -28.39
N THR H 180 31.16 3.99 -29.18
CA THR H 180 30.93 2.61 -28.77
C THR H 180 31.79 1.67 -29.63
N LEU H 181 32.68 0.94 -28.96
CA LEU H 181 33.45 -0.15 -29.55
C LEU H 181 33.11 -1.45 -28.85
N THR H 182 33.54 -2.55 -29.45
CA THR H 182 33.61 -3.81 -28.73
C THR H 182 34.74 -3.75 -27.71
N ARG H 183 34.64 -4.59 -26.68
CA ARG H 183 35.72 -4.68 -25.70
C ARG H 183 37.05 -4.99 -26.39
N ASP H 184 37.04 -5.89 -27.38
CA ASP H 184 38.26 -6.23 -28.09
C ASP H 184 38.87 -4.99 -28.74
N GLU H 185 38.06 -4.23 -29.46
CA GLU H 185 38.54 -2.99 -30.06
C GLU H 185 39.12 -2.07 -29.01
N TYR H 186 38.39 -1.89 -27.90
CA TYR H 186 38.77 -0.90 -26.89
C TYR H 186 40.12 -1.25 -26.26
N GLU H 187 40.37 -2.53 -26.00
CA GLU H 187 41.60 -2.94 -25.32
C GLU H 187 42.81 -3.00 -26.26
N ARG H 188 42.67 -2.57 -27.50
CA ARG H 188 43.80 -2.48 -28.43
C ARG H 188 44.41 -1.10 -28.50
N HIS H 189 43.91 -0.14 -27.73
CA HIS H 189 44.41 1.22 -27.76
C HIS H 189 44.62 1.70 -26.33
N ASN H 190 45.26 2.86 -26.19
CA ASN H 190 45.66 3.35 -24.88
C ASN H 190 44.96 4.66 -24.52
N SER H 191 45.11 5.72 -25.31
CA SER H 191 44.54 7.01 -24.97
C SER H 191 43.26 7.23 -25.77
N TYR H 192 42.20 7.63 -25.07
CA TYR H 192 40.93 7.99 -25.69
C TYR H 192 40.66 9.45 -25.39
N THR H 193 40.34 10.22 -26.42
CA THR H 193 40.29 11.67 -26.33
C THR H 193 39.00 12.21 -26.93
N CYS H 194 38.36 13.11 -26.20
CA CYS H 194 37.22 13.88 -26.68
C CYS H 194 37.69 15.31 -26.88
N GLU H 195 37.46 15.85 -28.09
CA GLU H 195 38.01 17.15 -28.46
C GLU H 195 36.88 18.06 -28.93
N ALA H 196 36.72 19.19 -28.25
CA ALA H 196 35.65 20.14 -28.51
C ALA H 196 36.21 21.43 -29.10
N THR H 197 35.65 21.86 -30.22
CA THR H 197 35.98 23.14 -30.83
C THR H 197 34.78 24.07 -30.68
N HIS H 198 34.98 25.19 -29.99
CA HIS H 198 33.91 26.12 -29.68
C HIS H 198 34.42 27.55 -29.85
N LYS H 199 33.53 28.45 -30.27
CA LYS H 199 33.95 29.82 -30.60
C LYS H 199 34.62 30.52 -29.43
N THR H 200 34.45 30.00 -28.20
CA THR H 200 35.09 30.60 -27.03
C THR H 200 36.58 30.32 -26.98
N SER H 201 37.13 29.63 -27.97
CA SER H 201 38.56 29.36 -28.01
C SER H 201 38.89 28.74 -29.36
N THR H 202 39.97 29.22 -29.98
CA THR H 202 40.51 28.57 -31.16
C THR H 202 41.27 27.31 -30.80
N SER H 203 41.84 27.27 -29.61
CA SER H 203 42.48 26.06 -29.12
C SER H 203 41.40 25.12 -28.62
N PRO H 204 41.30 23.91 -29.15
CA PRO H 204 40.21 23.02 -28.72
C PRO H 204 40.36 22.61 -27.25
N ILE H 205 39.22 22.34 -26.63
CA ILE H 205 39.20 21.80 -25.27
C ILE H 205 39.39 20.30 -25.38
N VAL H 206 40.42 19.77 -24.72
CA VAL H 206 40.80 18.37 -24.83
C VAL H 206 40.61 17.74 -23.47
N LYS H 207 39.78 16.70 -23.42
CA LYS H 207 39.67 15.84 -22.25
C LYS H 207 40.01 14.42 -22.70
N SER H 208 40.87 13.76 -21.93
CA SER H 208 41.46 12.51 -22.36
C SER H 208 41.77 11.67 -21.13
N PHE H 209 41.91 10.36 -21.38
CA PHE H 209 42.38 9.44 -20.35
C PHE H 209 43.16 8.34 -21.03
N ASN H 210 43.94 7.62 -20.23
CA ASN H 210 44.72 6.49 -20.73
C ASN H 210 44.20 5.23 -20.05
N ARG H 211 43.87 4.22 -20.87
CA ARG H 211 43.32 2.99 -20.35
C ARG H 211 44.30 2.24 -19.45
N ASN H 212 45.60 2.52 -19.57
CA ASN H 212 46.60 1.88 -18.72
C ASN H 212 46.59 2.44 -17.31
N GLU H 213 46.63 3.77 -17.18
CA GLU H 213 46.68 4.39 -15.86
C GLU H 213 45.61 3.83 -14.96
N CYS H 214 46.01 3.49 -13.73
CA CYS H 214 45.08 2.95 -12.75
C CYS H 214 44.53 1.60 -13.20
#